data_3SLH
#
_entry.id   3SLH
#
_cell.length_a   46.252
_cell.length_b   186.638
_cell.length_c   95.794
_cell.angle_alpha   90.00
_cell.angle_beta   91.51
_cell.angle_gamma   90.00
#
_symmetry.space_group_name_H-M   'P 1 21 1'
#
loop_
_entity.id
_entity.type
_entity.pdbx_description
1 polymer '3-phosphoshikimate 1-carboxyvinyltransferase'
2 non-polymer BETA-MERCAPTOETHANOL
3 non-polymer 'PHOSPHATE ION'
4 non-polymer SHIKIMATE-3-PHOSPHATE
5 non-polymer GLYPHOSATE
6 non-polymer '(3R,4S,5R)-3,4,5-TRIHYDROXYCYCLOHEX-1-ENE-1-CARBOXYLIC ACID'
7 non-polymer 1,2-ETHANEDIOL
8 non-polymer DI(HYDROXYETHYL)ETHER
9 non-polymer 'TRIETHYLENE GLYCOL'
10 non-polymer 'PENTAETHYLENE GLYCOL'
11 non-polymer 'CHLORIDE ION'
12 non-polymer 'TETRAETHYLENE GLYCOL'
13 water water
#
_entity_poly.entity_id   1
_entity_poly.type   'polypeptide(L)'
_entity_poly.pdbx_seq_one_letter_code
;SNAMDYQTIPSQGLSGEICVPGDKSISHRAVLLAAIAEGQTQVDGFLMGADNLAMVSALQQMGASIQVIEDENILVVEGV
GMTGLQAPPEALDCGNSGTAIRLLSGLLAGQPFNTVLTGDSSLQRRPMKRIIDPLTLMGAKIDSTGNVPPLKIYGNPRLT
GIHYQLPMASAQVKSCLLLAGLYARGKTCITEPAPSRDHTERLLKHFHYTLQKDKQSICVSGGGKLKANDISIPGDISSA
AFFIVAATITPGSAIRLCRVGVNPTRLGVINLLKMMGADIEVTHYTEKNEEPTADITVRHARLKGIDIPPDQVPLTIDEF
PVLLIAAAVAQGKTVLRDAAELRVKETDRIAAMVDGLQKLGIAAESLPDGVIIQGGTLEGGEVNSYDDHRIAMAFAVAGT
LAKGPVRIRNCDNVKTSFPNFVELANEVGMNVKGVRGRGGF
;
_entity_poly.pdbx_strand_id   A,B,C,D
#
# COMPACT_ATOMS: atom_id res chain seq x y z
N ALA A 3 14.91 -27.80 -28.20
CA ALA A 3 13.58 -28.09 -28.85
C ALA A 3 13.38 -29.60 -28.81
N MET A 4 12.55 -30.05 -27.88
CA MET A 4 12.32 -31.47 -27.71
CA MET A 4 12.31 -31.49 -27.68
C MET A 4 10.85 -31.82 -27.93
N ASP A 5 10.62 -32.97 -28.56
CA ASP A 5 9.29 -33.48 -28.81
C ASP A 5 9.17 -34.84 -28.11
N TYR A 6 7.93 -35.30 -27.93
CA TYR A 6 7.71 -36.65 -27.45
C TYR A 6 7.19 -37.50 -28.61
N GLN A 7 7.57 -38.77 -28.64
CA GLN A 7 7.10 -39.71 -29.66
C GLN A 7 6.63 -40.95 -28.93
N THR A 8 5.41 -41.36 -29.22
CA THR A 8 4.83 -42.51 -28.56
C THR A 8 4.58 -43.66 -29.52
N ILE A 9 4.44 -44.84 -28.92
CA ILE A 9 3.86 -46.00 -29.62
C ILE A 9 2.82 -46.56 -28.66
N PRO A 10 1.81 -47.27 -29.18
CA PRO A 10 0.78 -47.77 -28.30
C PRO A 10 1.29 -48.69 -27.21
N SER A 11 0.54 -48.76 -26.12
CA SER A 11 0.88 -49.58 -24.98
C SER A 11 0.15 -50.92 -24.94
N GLN A 12 0.86 -51.96 -24.49
CA GLN A 12 0.29 -53.28 -24.37
CA GLN A 12 0.32 -53.31 -24.34
C GLN A 12 -0.24 -53.49 -22.94
N GLY A 13 -0.27 -52.40 -22.17
CA GLY A 13 -0.80 -52.45 -20.82
C GLY A 13 0.13 -51.84 -19.80
N LEU A 14 -0.41 -50.99 -18.93
CA LEU A 14 0.36 -50.40 -17.86
C LEU A 14 0.37 -51.35 -16.67
N SER A 15 1.48 -51.38 -15.95
CA SER A 15 1.61 -52.25 -14.80
C SER A 15 2.64 -51.73 -13.83
N GLY A 16 2.43 -51.97 -12.55
CA GLY A 16 3.41 -51.58 -11.57
C GLY A 16 2.94 -50.58 -10.54
N GLU A 17 3.87 -50.26 -9.67
CA GLU A 17 3.64 -49.35 -8.59
C GLU A 17 4.58 -48.18 -8.83
N ILE A 18 4.06 -46.95 -8.83
N ILE A 18 4.03 -46.97 -8.70
CA ILE A 18 4.93 -45.78 -8.96
CA ILE A 18 4.72 -45.74 -9.02
C ILE A 18 4.55 -44.69 -7.97
C ILE A 18 4.50 -44.66 -7.96
N CYS A 19 5.54 -43.88 -7.66
CA CYS A 19 5.43 -42.76 -6.77
C CYS A 19 5.60 -41.53 -7.63
N VAL A 20 4.57 -40.71 -7.74
CA VAL A 20 4.70 -39.48 -8.51
C VAL A 20 5.35 -38.42 -7.63
N PRO A 21 5.94 -37.39 -8.26
CA PRO A 21 6.57 -36.33 -7.51
C PRO A 21 5.55 -35.46 -6.76
N GLY A 22 6.06 -34.58 -5.92
CA GLY A 22 5.25 -33.77 -5.05
C GLY A 22 4.28 -32.80 -5.70
N ASP A 23 3.31 -32.41 -4.89
CA ASP A 23 2.28 -31.51 -5.29
C ASP A 23 2.82 -30.10 -5.53
N LYS A 24 2.57 -29.59 -6.73
CA LYS A 24 3.05 -28.25 -7.13
C LYS A 24 2.39 -27.13 -6.30
N SER A 25 1.07 -27.21 -6.09
CA SER A 25 0.31 -26.18 -5.35
C SER A 25 0.73 -26.13 -3.91
N ILE A 26 0.85 -27.31 -3.28
CA ILE A 26 1.23 -27.36 -1.87
C ILE A 26 2.68 -26.94 -1.70
N SER A 27 3.54 -27.35 -2.65
CA SER A 27 4.94 -26.95 -2.59
C SER A 27 5.12 -25.42 -2.61
N HIS A 28 4.39 -24.72 -3.47
CA HIS A 28 4.51 -23.29 -3.58
C HIS A 28 4.19 -22.63 -2.24
N ARG A 29 3.09 -23.05 -1.65
CA ARG A 29 2.63 -22.49 -0.38
C ARG A 29 3.54 -22.85 0.79
N ALA A 30 4.01 -24.09 0.80
CA ALA A 30 4.88 -24.57 1.90
C ALA A 30 6.14 -23.73 2.00
N VAL A 31 6.81 -23.49 0.88
CA VAL A 31 8.05 -22.75 0.92
C VAL A 31 7.83 -21.26 1.25
N LEU A 32 6.77 -20.70 0.68
CA LEU A 32 6.47 -19.29 0.90
C LEU A 32 6.14 -19.03 2.38
N LEU A 33 5.26 -19.82 2.96
CA LEU A 33 4.89 -19.62 4.38
C LEU A 33 6.07 -19.97 5.29
N ALA A 34 6.81 -21.02 4.95
CA ALA A 34 7.95 -21.38 5.78
C ALA A 34 8.96 -20.23 5.81
N ALA A 35 9.10 -19.55 4.66
CA ALA A 35 10.09 -18.50 4.52
C ALA A 35 9.90 -17.37 5.52
N ILE A 36 8.63 -17.05 5.81
CA ILE A 36 8.29 -15.94 6.73
C ILE A 36 7.83 -16.40 8.14
N ALA A 37 7.93 -17.69 8.39
CA ALA A 37 7.61 -18.24 9.70
C ALA A 37 8.78 -17.98 10.63
N GLU A 38 8.56 -18.24 11.92
CA GLU A 38 9.64 -18.18 12.90
C GLU A 38 10.02 -19.62 13.23
N GLY A 39 11.31 -19.93 13.04
CA GLY A 39 11.83 -21.26 13.31
C GLY A 39 12.19 -22.01 12.04
N GLN A 40 12.60 -23.25 12.22
CA GLN A 40 13.06 -24.08 11.10
C GLN A 40 11.97 -25.00 10.58
N THR A 41 11.73 -24.97 9.25
CA THR A 41 10.79 -25.89 8.66
C THR A 41 11.52 -26.79 7.66
N GLN A 42 11.45 -28.11 7.87
CA GLN A 42 11.97 -29.06 6.88
C GLN A 42 10.78 -29.47 6.01
N VAL A 43 10.94 -29.32 4.70
CA VAL A 43 9.89 -29.65 3.75
C VAL A 43 10.32 -30.89 2.98
N ASP A 44 9.65 -32.02 3.19
CA ASP A 44 9.98 -33.27 2.49
C ASP A 44 8.99 -33.46 1.35
N GLY A 45 9.46 -33.99 0.22
CA GLY A 45 8.56 -34.24 -0.91
C GLY A 45 8.35 -32.99 -1.79
N PHE A 46 9.15 -31.96 -1.57
CA PHE A 46 9.06 -30.71 -2.36
C PHE A 46 9.24 -31.02 -3.84
N LEU A 47 8.42 -30.41 -4.70
CA LEU A 47 8.53 -30.63 -6.13
C LEU A 47 9.69 -29.81 -6.70
N MET A 48 10.70 -30.51 -7.16
CA MET A 48 11.91 -29.90 -7.72
C MET A 48 11.76 -29.65 -9.23
N GLY A 49 10.64 -29.02 -9.59
CA GLY A 49 10.36 -28.63 -10.96
C GLY A 49 10.68 -27.15 -11.15
N ALA A 50 10.54 -26.70 -12.39
CA ALA A 50 10.94 -25.34 -12.75
C ALA A 50 10.07 -24.28 -12.07
N ASP A 51 8.76 -24.53 -11.97
CA ASP A 51 7.84 -23.56 -11.37
C ASP A 51 8.16 -23.36 -9.88
N ASN A 52 8.32 -24.46 -9.16
CA ASN A 52 8.58 -24.39 -7.71
C ASN A 52 9.96 -23.86 -7.40
N LEU A 53 10.95 -24.17 -8.23
CA LEU A 53 12.29 -23.66 -8.00
C LEU A 53 12.35 -22.17 -8.33
N ALA A 54 11.48 -21.68 -9.23
CA ALA A 54 11.43 -20.25 -9.49
C ALA A 54 10.93 -19.54 -8.23
N MET A 55 9.94 -20.11 -7.55
CA MET A 55 9.45 -19.55 -6.27
C MET A 55 10.60 -19.50 -5.23
N VAL A 56 11.34 -20.59 -5.12
CA VAL A 56 12.48 -20.65 -4.21
C VAL A 56 13.49 -19.55 -4.51
N SER A 57 13.90 -19.43 -5.77
CA SER A 57 14.90 -18.43 -6.13
CA SER A 57 14.87 -18.43 -6.16
C SER A 57 14.39 -17.02 -5.84
N ALA A 58 13.13 -16.75 -6.15
CA ALA A 58 12.54 -15.43 -5.89
C ALA A 58 12.60 -15.12 -4.37
N LEU A 59 12.25 -16.09 -3.54
CA LEU A 59 12.30 -15.89 -2.09
C LEU A 59 13.74 -15.66 -1.58
N GLN A 60 14.70 -16.38 -2.15
CA GLN A 60 16.12 -16.20 -1.80
C GLN A 60 16.63 -14.81 -2.17
N GLN A 61 16.13 -14.25 -3.28
CA GLN A 61 16.54 -12.89 -3.67
CA GLN A 61 16.53 -12.91 -3.69
C GLN A 61 16.11 -11.88 -2.64
N MET A 62 15.08 -12.22 -1.85
CA MET A 62 14.55 -11.35 -0.80
C MET A 62 15.03 -11.72 0.60
N GLY A 63 16.01 -12.59 0.65
CA GLY A 63 16.61 -12.92 1.92
C GLY A 63 16.00 -14.05 2.68
N ALA A 64 15.18 -14.90 2.04
CA ALA A 64 14.74 -16.13 2.70
C ALA A 64 15.97 -17.02 2.81
N SER A 65 16.01 -17.84 3.86
CA SER A 65 17.10 -18.78 4.11
C SER A 65 16.56 -20.19 3.79
N ILE A 66 16.91 -20.66 2.60
CA ILE A 66 16.43 -21.93 2.09
C ILE A 66 17.58 -22.76 1.59
N GLN A 67 17.74 -23.95 2.17
CA GLN A 67 18.75 -24.88 1.72
C GLN A 67 18.00 -25.84 0.80
N VAL A 68 18.41 -25.89 -0.46
CA VAL A 68 17.76 -26.75 -1.42
C VAL A 68 18.57 -28.05 -1.56
N ILE A 69 17.96 -29.19 -1.25
CA ILE A 69 18.59 -30.51 -1.41
C ILE A 69 17.80 -31.18 -2.56
N GLU A 70 18.12 -30.77 -3.77
CA GLU A 70 17.39 -31.21 -4.96
CA GLU A 70 17.39 -31.22 -4.96
C GLU A 70 17.31 -32.73 -5.12
N ASP A 71 18.42 -33.41 -4.85
CA ASP A 71 18.52 -34.89 -5.00
CA ASP A 71 18.46 -34.88 -5.05
C ASP A 71 17.71 -35.66 -3.98
N GLU A 72 17.17 -34.97 -2.99
CA GLU A 72 16.37 -35.61 -1.98
C GLU A 72 14.96 -35.07 -1.91
N ASN A 73 14.64 -34.11 -2.76
CA ASN A 73 13.35 -33.44 -2.74
C ASN A 73 13.06 -32.82 -1.38
N ILE A 74 14.08 -32.26 -0.76
CA ILE A 74 13.95 -31.63 0.55
C ILE A 74 14.41 -30.18 0.53
N LEU A 75 13.68 -29.34 1.26
CA LEU A 75 14.12 -27.99 1.56
C LEU A 75 14.27 -27.89 3.08
N VAL A 76 15.28 -27.16 3.54
CA VAL A 76 15.39 -26.80 4.96
C VAL A 76 15.29 -25.27 4.98
N VAL A 77 14.22 -24.76 5.58
CA VAL A 77 13.97 -23.33 5.60
C VAL A 77 14.13 -22.75 7.00
N GLU A 78 15.00 -21.74 7.14
CA GLU A 78 15.14 -21.01 8.40
C GLU A 78 14.33 -19.74 8.25
N GLY A 79 13.17 -19.70 8.88
CA GLY A 79 12.26 -18.59 8.67
C GLY A 79 12.81 -17.25 9.08
N VAL A 80 12.36 -16.19 8.41
CA VAL A 80 12.82 -14.84 8.76
C VAL A 80 11.76 -14.00 9.47
N GLY A 81 10.66 -14.62 9.85
CA GLY A 81 9.57 -13.90 10.48
C GLY A 81 8.76 -13.08 9.47
N MET A 82 7.62 -12.58 9.92
CA MET A 82 6.69 -11.85 9.02
C MET A 82 7.31 -10.66 8.31
N THR A 83 8.18 -9.92 9.00
CA THR A 83 8.75 -8.70 8.44
C THR A 83 10.21 -8.84 8.06
N GLY A 84 10.67 -10.09 7.95
CA GLY A 84 12.05 -10.38 7.67
C GLY A 84 12.56 -10.35 6.26
N LEU A 85 11.67 -10.21 5.28
CA LEU A 85 12.14 -10.16 3.91
C LEU A 85 12.81 -8.81 3.59
N GLN A 86 13.65 -8.84 2.58
CA GLN A 86 14.42 -7.67 2.17
C GLN A 86 14.21 -7.36 0.70
N ALA A 87 14.35 -6.09 0.33
CA ALA A 87 14.10 -5.65 -1.05
C ALA A 87 15.05 -6.35 -2.00
N PRO A 88 14.50 -6.97 -3.05
CA PRO A 88 15.37 -7.66 -3.99
C PRO A 88 16.04 -6.67 -4.95
N PRO A 89 17.23 -7.00 -5.44
CA PRO A 89 17.98 -6.12 -6.33
C PRO A 89 17.50 -6.09 -7.78
N GLU A 90 16.83 -7.14 -8.24
CA GLU A 90 16.35 -7.21 -9.62
C GLU A 90 14.92 -7.76 -9.65
N ALA A 91 14.31 -7.77 -10.84
CA ALA A 91 12.97 -8.33 -10.98
C ALA A 91 12.98 -9.81 -10.56
N LEU A 92 11.86 -10.27 -10.00
CA LEU A 92 11.70 -11.67 -9.62
C LEU A 92 11.09 -12.40 -10.83
N ASP A 93 11.82 -13.37 -11.33
CA ASP A 93 11.41 -14.12 -12.52
C ASP A 93 10.61 -15.35 -12.10
N CYS A 94 9.33 -15.29 -12.39
CA CYS A 94 8.42 -16.35 -11.99
C CYS A 94 8.32 -17.46 -13.01
N GLY A 95 9.13 -17.41 -14.06
CA GLY A 95 9.11 -18.46 -15.08
C GLY A 95 7.77 -18.64 -15.76
N ASN A 96 7.28 -19.87 -15.77
CA ASN A 96 6.00 -20.20 -16.40
C ASN A 96 4.87 -20.17 -15.38
N SER A 97 5.19 -19.80 -14.13
CA SER A 97 4.25 -20.01 -13.00
C SER A 97 3.30 -18.90 -12.60
N GLY A 98 2.02 -19.08 -12.96
CA GLY A 98 0.99 -18.16 -12.54
C GLY A 98 0.81 -18.22 -11.02
N THR A 99 0.88 -19.42 -10.42
CA THR A 99 0.73 -19.54 -8.98
C THR A 99 1.79 -18.71 -8.28
N ALA A 100 3.04 -18.80 -8.74
CA ALA A 100 4.10 -18.04 -8.11
C ALA A 100 3.85 -16.55 -8.22
N ILE A 101 3.52 -16.05 -9.41
CA ILE A 101 3.38 -14.58 -9.55
C ILE A 101 2.18 -14.06 -8.74
N ARG A 102 1.10 -14.82 -8.73
CA ARG A 102 -0.10 -14.38 -8.03
C ARG A 102 0.03 -14.48 -6.54
N LEU A 103 0.60 -15.57 -6.01
CA LEU A 103 0.82 -15.65 -4.56
C LEU A 103 1.88 -14.65 -4.10
N LEU A 104 2.96 -14.51 -4.84
CA LEU A 104 3.98 -13.51 -4.46
C LEU A 104 3.42 -12.09 -4.44
N SER A 105 2.51 -11.77 -5.37
CA SER A 105 1.96 -10.43 -5.40
C SER A 105 1.23 -10.12 -4.09
N GLY A 106 0.51 -11.12 -3.59
CA GLY A 106 -0.19 -10.98 -2.31
C GLY A 106 0.76 -10.81 -1.13
N LEU A 107 1.81 -11.59 -1.13
CA LEU A 107 2.86 -11.50 -0.10
C LEU A 107 3.58 -10.16 -0.12
N LEU A 108 3.78 -9.63 -1.31
CA LEU A 108 4.62 -8.45 -1.49
C LEU A 108 3.86 -7.13 -1.47
N ALA A 109 2.53 -7.19 -1.61
CA ALA A 109 1.69 -5.96 -1.64
C ALA A 109 1.83 -5.14 -0.37
N GLY A 110 2.01 -5.81 0.77
CA GLY A 110 2.11 -5.13 2.07
C GLY A 110 3.50 -5.01 2.68
N GLN A 111 4.55 -5.20 1.89
CA GLN A 111 5.89 -5.07 2.37
C GLN A 111 6.30 -3.61 2.29
N PRO A 112 7.34 -3.22 3.03
CA PRO A 112 7.74 -1.83 2.96
C PRO A 112 8.69 -1.52 1.79
N PHE A 113 8.84 -2.42 0.83
CA PHE A 113 9.73 -2.20 -0.31
C PHE A 113 9.00 -2.45 -1.63
N ASN A 114 9.66 -2.15 -2.74
CA ASN A 114 9.07 -2.30 -4.08
C ASN A 114 9.64 -3.52 -4.77
N THR A 115 8.82 -4.17 -5.59
CA THR A 115 9.23 -5.39 -6.30
CA THR A 115 9.26 -5.37 -6.31
C THR A 115 8.68 -5.39 -7.72
N VAL A 116 9.45 -5.95 -8.66
CA VAL A 116 8.98 -6.14 -10.02
C VAL A 116 8.90 -7.65 -10.21
N LEU A 117 7.79 -8.13 -10.78
CA LEU A 117 7.58 -9.56 -11.03
C LEU A 117 7.37 -9.76 -12.51
N THR A 118 8.14 -10.68 -13.06
CA THR A 118 8.07 -10.98 -14.47
CA THR A 118 8.16 -10.98 -14.49
C THR A 118 8.03 -12.48 -14.70
N GLY A 119 8.02 -12.89 -15.96
CA GLY A 119 7.99 -14.31 -16.28
C GLY A 119 8.25 -14.57 -17.73
N ASP A 120 7.99 -15.79 -18.14
CA ASP A 120 8.24 -16.21 -19.51
C ASP A 120 7.14 -15.70 -20.44
N SER A 121 7.25 -16.02 -21.72
CA SER A 121 6.33 -15.44 -22.70
C SER A 121 4.88 -15.87 -22.48
N SER A 122 4.69 -17.08 -21.97
CA SER A 122 3.35 -17.55 -21.64
C SER A 122 2.77 -16.77 -20.46
N LEU A 123 3.57 -16.66 -19.39
CA LEU A 123 3.09 -16.01 -18.17
C LEU A 123 2.77 -14.55 -18.40
N GLN A 124 3.51 -13.90 -19.29
CA GLN A 124 3.31 -12.48 -19.51
C GLN A 124 2.07 -12.17 -20.31
N ARG A 125 1.36 -13.21 -20.71
CA ARG A 125 0.09 -13.04 -21.40
C ARG A 125 -1.10 -13.38 -20.50
N ARG A 126 -0.82 -13.77 -19.28
CA ARG A 126 -1.90 -14.24 -18.42
C ARG A 126 -2.52 -13.20 -17.52
N PRO A 127 -3.81 -13.39 -17.16
CA PRO A 127 -4.57 -12.30 -16.53
C PRO A 127 -4.30 -11.99 -15.07
N MET A 128 -4.02 -10.72 -14.81
CA MET A 128 -3.70 -10.24 -13.47
C MET A 128 -4.68 -9.23 -12.90
N LYS A 129 -5.67 -8.80 -13.67
CA LYS A 129 -6.64 -7.83 -13.14
C LYS A 129 -7.35 -8.43 -11.91
N ARG A 130 -7.50 -9.76 -11.94
CA ARG A 130 -8.17 -10.49 -10.88
C ARG A 130 -7.53 -10.37 -9.52
N ILE A 131 -6.22 -10.11 -9.48
CA ILE A 131 -5.56 -9.84 -8.21
C ILE A 131 -5.31 -8.34 -8.00
N ILE A 132 -5.06 -7.60 -9.08
CA ILE A 132 -4.81 -6.17 -8.97
C ILE A 132 -6.02 -5.46 -8.38
N ASP A 133 -7.21 -5.81 -8.85
CA ASP A 133 -8.45 -5.15 -8.36
C ASP A 133 -8.64 -5.27 -6.83
N PRO A 134 -8.71 -6.50 -6.30
CA PRO A 134 -8.91 -6.58 -4.85
C PRO A 134 -7.70 -6.11 -4.01
N LEU A 135 -6.47 -6.33 -4.47
CA LEU A 135 -5.32 -5.82 -3.69
C LEU A 135 -5.40 -4.31 -3.62
N THR A 136 -5.86 -3.68 -4.69
CA THR A 136 -5.97 -2.22 -4.72
C THR A 136 -7.01 -1.78 -3.71
N LEU A 137 -8.07 -2.55 -3.56
CA LEU A 137 -9.10 -2.23 -2.54
C LEU A 137 -8.52 -2.30 -1.13
N MET A 138 -7.48 -3.10 -0.94
CA MET A 138 -6.79 -3.22 0.37
C MET A 138 -5.78 -2.10 0.60
N GLY A 139 -5.56 -1.28 -0.41
CA GLY A 139 -4.58 -0.20 -0.32
C GLY A 139 -3.30 -0.44 -1.13
N ALA A 140 -3.22 -1.53 -1.90
CA ALA A 140 -2.03 -1.78 -2.68
C ALA A 140 -1.87 -0.88 -3.91
N LYS A 141 -0.65 -0.77 -4.41
CA LYS A 141 -0.34 -0.02 -5.62
C LYS A 141 0.46 -0.93 -6.52
N ILE A 142 -0.17 -1.36 -7.60
CA ILE A 142 0.46 -2.29 -8.53
C ILE A 142 0.29 -1.79 -9.94
N ASP A 143 1.41 -1.53 -10.59
CA ASP A 143 1.37 -1.06 -11.96
CA ASP A 143 1.40 -1.07 -11.96
C ASP A 143 1.56 -2.25 -12.88
N SER A 144 0.86 -2.22 -13.99
CA SER A 144 0.94 -3.27 -14.97
CA SER A 144 0.92 -3.28 -14.97
C SER A 144 0.55 -2.61 -16.28
N THR A 145 1.04 -3.12 -17.38
CA THR A 145 0.57 -2.58 -18.64
C THR A 145 -0.39 -3.65 -19.15
N GLY A 146 -1.63 -3.26 -19.34
CA GLY A 146 -2.61 -4.15 -19.87
C GLY A 146 -3.07 -5.24 -18.94
N ASN A 147 -2.85 -5.06 -17.63
CA ASN A 147 -3.31 -6.05 -16.62
C ASN A 147 -2.71 -7.42 -16.79
N VAL A 148 -1.50 -7.47 -17.35
CA VAL A 148 -0.72 -8.70 -17.47
C VAL A 148 0.69 -8.37 -16.96
N PRO A 149 1.50 -9.39 -16.65
CA PRO A 149 2.85 -9.09 -16.21
C PRO A 149 3.67 -8.53 -17.36
N PRO A 150 4.79 -7.84 -17.06
CA PRO A 150 5.35 -7.57 -15.74
C PRO A 150 4.53 -6.65 -14.83
N LEU A 151 4.64 -6.93 -13.53
CA LEU A 151 3.96 -6.18 -12.49
C LEU A 151 4.97 -5.45 -11.65
N LYS A 152 4.67 -4.21 -11.30
CA LYS A 152 5.52 -3.50 -10.35
C LYS A 152 4.68 -3.21 -9.12
N ILE A 153 5.11 -3.73 -7.99
CA ILE A 153 4.40 -3.59 -6.77
C ILE A 153 5.08 -2.55 -5.91
N TYR A 154 4.34 -1.50 -5.54
CA TYR A 154 4.87 -0.45 -4.66
C TYR A 154 4.34 -0.80 -3.30
N GLY A 155 5.16 -1.51 -2.53
CA GLY A 155 4.74 -2.04 -1.24
C GLY A 155 4.15 -1.00 -0.32
N ASN A 156 3.06 -1.37 0.34
CA ASN A 156 2.37 -0.49 1.28
C ASN A 156 2.22 -1.23 2.61
N PRO A 157 3.08 -0.92 3.57
CA PRO A 157 2.98 -1.63 4.85
C PRO A 157 1.73 -1.33 5.69
N ARG A 158 0.82 -0.49 5.20
CA ARG A 158 -0.43 -0.18 5.88
C ARG A 158 -1.67 -0.60 5.07
N LEU A 159 -1.71 -1.85 4.60
CA LEU A 159 -2.90 -2.32 3.92
C LEU A 159 -4.04 -2.46 4.93
N THR A 160 -5.27 -2.51 4.43
CA THR A 160 -6.45 -2.70 5.26
CA THR A 160 -6.47 -2.67 5.25
C THR A 160 -7.26 -3.88 4.75
N GLY A 161 -7.82 -4.64 5.67
CA GLY A 161 -8.58 -5.80 5.29
C GLY A 161 -9.83 -5.45 4.54
N ILE A 162 -10.30 -6.41 3.74
CA ILE A 162 -11.53 -6.23 3.00
C ILE A 162 -12.35 -7.50 3.01
N HIS A 163 -13.65 -7.35 2.73
CA HIS A 163 -14.53 -8.48 2.54
CA HIS A 163 -14.51 -8.49 2.52
C HIS A 163 -14.64 -8.55 1.01
N TYR A 164 -14.28 -9.68 0.43
CA TYR A 164 -14.29 -9.84 -1.01
C TYR A 164 -14.92 -11.14 -1.45
N GLN A 165 -15.85 -11.05 -2.40
CA GLN A 165 -16.49 -12.25 -2.95
C GLN A 165 -15.81 -12.54 -4.27
N LEU A 166 -15.23 -13.74 -4.39
CA LEU A 166 -14.51 -14.08 -5.61
C LEU A 166 -15.41 -14.05 -6.82
N PRO A 167 -15.01 -13.32 -7.87
CA PRO A 167 -15.84 -13.22 -9.06
C PRO A 167 -15.60 -14.33 -10.08
N MET A 168 -14.57 -15.13 -9.83
CA MET A 168 -14.29 -16.35 -10.60
C MET A 168 -13.72 -17.36 -9.60
N ALA A 169 -13.80 -18.65 -9.92
CA ALA A 169 -13.40 -19.71 -9.00
C ALA A 169 -11.90 -19.94 -8.92
N SER A 170 -11.19 -18.96 -8.36
CA SER A 170 -9.75 -18.95 -8.32
C SER A 170 -9.12 -19.10 -6.95
N ALA A 171 -8.47 -20.24 -6.74
CA ALA A 171 -7.76 -20.48 -5.49
C ALA A 171 -6.60 -19.52 -5.43
N GLN A 172 -6.06 -19.10 -6.59
CA GLN A 172 -4.93 -18.16 -6.57
C GLN A 172 -5.34 -16.79 -6.04
N VAL A 173 -6.51 -16.29 -6.45
CA VAL A 173 -6.99 -15.00 -5.98
C VAL A 173 -7.27 -15.11 -4.50
N LYS A 174 -7.97 -16.17 -4.10
CA LYS A 174 -8.24 -16.40 -2.68
C LYS A 174 -6.92 -16.40 -1.89
N SER A 175 -5.92 -17.13 -2.38
CA SER A 175 -4.63 -17.25 -1.70
C SER A 175 -3.86 -15.93 -1.64
N CYS A 176 -3.85 -15.22 -2.77
CA CYS A 176 -3.22 -13.92 -2.83
C CYS A 176 -3.78 -12.99 -1.75
N LEU A 177 -5.10 -12.96 -1.61
CA LEU A 177 -5.75 -12.07 -0.65
C LEU A 177 -5.55 -12.52 0.79
N LEU A 178 -5.49 -13.84 1.04
CA LEU A 178 -5.23 -14.31 2.39
C LEU A 178 -3.82 -13.95 2.80
N LEU A 179 -2.86 -14.06 1.88
CA LEU A 179 -1.49 -13.68 2.16
C LEU A 179 -1.36 -12.19 2.43
N ALA A 180 -1.97 -11.33 1.59
CA ALA A 180 -1.95 -9.91 1.85
C ALA A 180 -2.66 -9.65 3.19
N GLY A 181 -3.67 -10.46 3.49
CA GLY A 181 -4.43 -10.34 4.77
C GLY A 181 -3.59 -10.53 6.02
N LEU A 182 -2.49 -11.27 5.90
CA LEU A 182 -1.60 -11.46 7.05
C LEU A 182 -0.91 -10.15 7.42
N TYR A 183 -0.82 -9.25 6.44
CA TYR A 183 -0.16 -7.96 6.60
C TYR A 183 -1.09 -6.79 6.74
N ALA A 184 -2.38 -7.03 6.60
CA ALA A 184 -3.37 -5.95 6.58
C ALA A 184 -4.00 -5.72 7.94
N ARG A 185 -4.37 -4.47 8.20
CA ARG A 185 -5.02 -4.10 9.43
C ARG A 185 -6.45 -4.63 9.43
N GLY A 186 -6.81 -5.39 10.46
CA GLY A 186 -8.15 -5.93 10.56
C GLY A 186 -8.38 -7.25 9.86
N LYS A 187 -9.65 -7.57 9.60
CA LYS A 187 -10.01 -8.84 8.99
C LYS A 187 -10.14 -8.78 7.48
N THR A 188 -9.60 -9.81 6.84
CA THR A 188 -9.78 -10.01 5.41
C THR A 188 -10.61 -11.28 5.30
N CYS A 189 -11.81 -11.15 4.71
CA CYS A 189 -12.75 -12.25 4.58
C CYS A 189 -13.07 -12.54 3.14
N ILE A 190 -12.89 -13.79 2.75
CA ILE A 190 -13.13 -14.19 1.36
C ILE A 190 -14.32 -15.15 1.25
N THR A 191 -15.25 -14.81 0.37
CA THR A 191 -16.44 -15.61 0.09
C THR A 191 -16.24 -16.29 -1.25
N GLU A 192 -16.40 -17.62 -1.27
CA GLU A 192 -16.25 -18.44 -2.49
C GLU A 192 -17.56 -19.06 -2.94
N PRO A 193 -18.21 -18.47 -3.96
CA PRO A 193 -19.42 -19.10 -4.48
C PRO A 193 -19.17 -20.45 -5.17
N ALA A 194 -17.94 -20.67 -5.62
CA ALA A 194 -17.53 -21.90 -6.32
C ALA A 194 -16.24 -22.39 -5.68
N PRO A 195 -16.35 -23.18 -4.62
CA PRO A 195 -15.18 -23.63 -3.86
C PRO A 195 -14.03 -24.17 -4.71
N SER A 196 -12.83 -23.69 -4.40
CA SER A 196 -11.60 -24.09 -5.10
C SER A 196 -10.62 -24.74 -4.11
N ARG A 197 -9.45 -25.17 -4.60
CA ARG A 197 -8.49 -25.88 -3.71
C ARG A 197 -8.17 -25.04 -2.47
N ASP A 198 -8.12 -25.73 -1.32
CA ASP A 198 -8.01 -25.08 -0.02
C ASP A 198 -6.69 -25.27 0.68
N HIS A 199 -5.63 -25.46 -0.11
CA HIS A 199 -4.31 -25.71 0.48
C HIS A 199 -3.78 -24.54 1.33
N THR A 200 -4.09 -23.31 0.96
CA THR A 200 -3.60 -22.14 1.72
C THR A 200 -4.17 -22.19 3.12
N GLU A 201 -5.47 -22.39 3.18
CA GLU A 201 -6.20 -22.50 4.45
C GLU A 201 -5.61 -23.59 5.35
N ARG A 202 -5.36 -24.76 4.78
CA ARG A 202 -4.81 -25.90 5.50
C ARG A 202 -3.38 -25.63 6.00
N LEU A 203 -2.55 -24.99 5.17
CA LEU A 203 -1.17 -24.69 5.56
CA LEU A 203 -1.18 -24.71 5.57
C LEU A 203 -1.10 -23.56 6.57
N LEU A 204 -2.01 -22.61 6.47
CA LEU A 204 -2.04 -21.52 7.47
C LEU A 204 -2.27 -22.15 8.83
N LYS A 205 -3.20 -23.10 8.91
CA LYS A 205 -3.46 -23.79 10.17
CA LYS A 205 -3.47 -23.82 10.15
C LYS A 205 -2.22 -24.58 10.61
N HIS A 206 -1.58 -25.24 9.65
CA HIS A 206 -0.37 -25.99 9.97
C HIS A 206 0.72 -25.10 10.61
N PHE A 207 0.82 -23.87 10.10
CA PHE A 207 1.82 -22.90 10.59
C PHE A 207 1.31 -22.06 11.77
N HIS A 208 0.26 -22.54 12.40
CA HIS A 208 -0.34 -21.92 13.58
CA HIS A 208 -0.33 -21.92 13.59
C HIS A 208 -0.92 -20.54 13.36
N TYR A 209 -1.33 -20.23 12.14
CA TYR A 209 -1.97 -18.94 11.90
C TYR A 209 -3.47 -19.21 11.96
N THR A 210 -4.15 -18.46 12.78
CA THR A 210 -5.56 -18.70 13.00
C THR A 210 -6.45 -18.20 11.86
N LEU A 211 -7.45 -19.01 11.53
CA LEU A 211 -8.46 -18.61 10.57
C LEU A 211 -9.80 -18.72 11.27
N GLN A 212 -10.71 -17.83 10.90
CA GLN A 212 -12.05 -17.81 11.47
CA GLN A 212 -12.05 -17.81 11.45
C GLN A 212 -13.03 -18.02 10.31
N LYS A 213 -14.19 -18.54 10.59
CA LYS A 213 -15.19 -18.68 9.53
C LYS A 213 -16.50 -18.19 10.09
N ASP A 214 -17.25 -17.46 9.28
CA ASP A 214 -18.53 -16.95 9.69
C ASP A 214 -19.59 -17.62 8.80
N LYS A 215 -20.69 -16.89 8.60
CA LYS A 215 -21.79 -17.36 7.79
C LYS A 215 -21.36 -17.86 6.40
N GLN A 216 -20.77 -16.97 5.61
CA GLN A 216 -20.47 -17.31 4.22
C GLN A 216 -18.99 -17.23 3.84
N SER A 217 -18.08 -16.96 4.78
CA SER A 217 -16.69 -16.75 4.39
C SER A 217 -15.62 -17.24 5.34
N ILE A 218 -14.38 -17.28 4.83
CA ILE A 218 -13.20 -17.61 5.64
C ILE A 218 -12.41 -16.32 5.83
N CYS A 219 -11.90 -16.11 7.03
CA CYS A 219 -11.25 -14.87 7.34
C CYS A 219 -9.95 -15.03 8.08
N VAL A 220 -9.03 -14.11 7.81
CA VAL A 220 -7.78 -14.00 8.55
C VAL A 220 -7.72 -12.59 9.08
N SER A 221 -6.95 -12.40 10.15
CA SER A 221 -6.74 -11.07 10.72
C SER A 221 -5.24 -10.84 10.60
N GLY A 222 -4.86 -9.63 10.20
CA GLY A 222 -3.47 -9.30 10.03
C GLY A 222 -2.75 -9.18 11.36
N GLY A 223 -1.43 -9.30 11.30
CA GLY A 223 -0.58 -9.10 12.48
C GLY A 223 -0.20 -10.33 13.27
N GLY A 224 -0.66 -11.50 12.84
CA GLY A 224 -0.30 -12.75 13.51
C GLY A 224 1.09 -13.18 13.10
N LYS A 225 1.53 -14.30 13.65
CA LYS A 225 2.86 -14.84 13.37
C LYS A 225 2.77 -16.29 12.94
N LEU A 226 3.42 -16.62 11.84
CA LEU A 226 3.52 -18.01 11.38
C LEU A 226 4.65 -18.66 12.16
N LYS A 227 4.40 -19.90 12.59
CA LYS A 227 5.37 -20.67 13.37
C LYS A 227 5.78 -21.93 12.61
N ALA A 228 7.10 -22.14 12.51
CA ALA A 228 7.65 -23.24 11.76
C ALA A 228 7.10 -24.59 12.20
N ASN A 229 6.84 -25.45 11.23
CA ASN A 229 6.32 -26.79 11.51
C ASN A 229 6.67 -27.67 10.31
N ASP A 230 7.42 -28.73 10.52
CA ASP A 230 7.85 -29.59 9.41
C ASP A 230 6.63 -30.05 8.59
N ILE A 231 6.87 -30.16 7.29
CA ILE A 231 5.82 -30.57 6.39
CA ILE A 231 5.86 -30.49 6.29
C ILE A 231 6.28 -31.64 5.39
N SER A 232 5.36 -32.59 5.14
CA SER A 232 5.57 -33.65 4.15
CA SER A 232 5.57 -33.66 4.18
C SER A 232 4.58 -33.35 3.07
N ILE A 233 5.08 -33.15 1.87
CA ILE A 233 4.23 -32.82 0.73
C ILE A 233 3.73 -34.11 0.05
N PRO A 234 2.42 -34.25 -0.14
CA PRO A 234 1.93 -35.45 -0.80
C PRO A 234 2.22 -35.47 -2.30
N GLY A 235 2.10 -36.64 -2.91
CA GLY A 235 2.25 -36.76 -4.35
C GLY A 235 1.18 -35.91 -5.04
N ASP A 236 1.51 -35.33 -6.19
CA ASP A 236 0.58 -34.46 -6.92
C ASP A 236 -0.46 -35.30 -7.69
N ILE A 237 -1.72 -35.18 -7.30
CA ILE A 237 -2.81 -35.88 -7.97
C ILE A 237 -2.91 -35.48 -9.44
N SER A 238 -2.49 -34.24 -9.78
CA SER A 238 -2.51 -33.78 -11.15
C SER A 238 -1.47 -34.55 -11.98
N SER A 239 -0.34 -34.89 -11.36
CA SER A 239 0.66 -35.69 -12.03
C SER A 239 0.21 -37.15 -12.12
N ALA A 240 -0.38 -37.65 -11.01
CA ALA A 240 -0.92 -38.99 -11.01
C ALA A 240 -2.03 -39.18 -12.03
N ALA A 241 -2.78 -38.10 -12.30
CA ALA A 241 -3.94 -38.18 -13.22
C ALA A 241 -3.60 -38.72 -14.60
N PHE A 242 -2.39 -38.44 -15.10
CA PHE A 242 -1.98 -38.96 -16.41
C PHE A 242 -1.96 -40.47 -16.42
N PHE A 243 -1.46 -41.05 -15.34
CA PHE A 243 -1.39 -42.52 -15.17
C PHE A 243 -2.75 -43.10 -14.87
N ILE A 244 -3.57 -42.38 -14.11
CA ILE A 244 -4.94 -42.85 -13.81
C ILE A 244 -5.71 -43.02 -15.12
N VAL A 245 -5.63 -42.02 -16.00
CA VAL A 245 -6.33 -42.11 -17.27
C VAL A 245 -5.69 -43.19 -18.19
N ALA A 246 -4.36 -43.20 -18.27
CA ALA A 246 -3.65 -44.15 -19.13
C ALA A 246 -4.02 -45.59 -18.75
N ALA A 247 -4.02 -45.88 -17.45
CA ALA A 247 -4.36 -47.23 -16.99
C ALA A 247 -5.84 -47.54 -17.21
N THR A 248 -6.70 -46.53 -17.05
CA THR A 248 -8.11 -46.70 -17.28
C THR A 248 -8.39 -47.07 -18.74
N ILE A 249 -7.76 -46.37 -19.67
CA ILE A 249 -8.08 -46.58 -21.11
C ILE A 249 -7.32 -47.68 -21.85
N THR A 250 -6.20 -48.14 -21.29
CA THR A 250 -5.33 -49.12 -21.97
C THR A 250 -5.62 -50.54 -21.52
N PRO A 251 -6.10 -51.37 -22.44
CA PRO A 251 -6.41 -52.74 -22.06
C PRO A 251 -5.24 -53.43 -21.38
N GLY A 252 -5.57 -54.26 -20.38
CA GLY A 252 -4.59 -55.01 -19.65
C GLY A 252 -3.87 -54.30 -18.53
N SER A 253 -4.31 -53.09 -18.21
CA SER A 253 -3.63 -52.31 -17.21
C SER A 253 -4.13 -52.49 -15.80
N ALA A 254 -3.18 -52.43 -14.86
CA ALA A 254 -3.46 -52.44 -13.45
C ALA A 254 -2.26 -51.83 -12.78
N ILE A 255 -2.43 -50.65 -12.17
CA ILE A 255 -1.34 -49.96 -11.51
C ILE A 255 -1.73 -49.47 -10.13
N ARG A 256 -0.73 -49.14 -9.32
CA ARG A 256 -0.96 -48.53 -8.00
C ARG A 256 -0.08 -47.31 -7.90
N LEU A 257 -0.68 -46.19 -7.56
CA LEU A 257 -0.02 -44.92 -7.40
C LEU A 257 0.11 -44.68 -5.90
N CYS A 258 1.34 -44.63 -5.41
CA CYS A 258 1.54 -44.49 -3.99
C CYS A 258 1.59 -43.07 -3.46
N ARG A 259 1.03 -42.90 -2.27
CA ARG A 259 1.16 -41.67 -1.49
C ARG A 259 0.77 -40.42 -2.28
N VAL A 260 -0.41 -40.45 -2.86
CA VAL A 260 -0.91 -39.33 -3.66
C VAL A 260 -1.85 -38.48 -2.81
N GLY A 261 -1.76 -37.15 -2.94
CA GLY A 261 -2.68 -36.29 -2.24
C GLY A 261 -4.08 -36.55 -2.75
N VAL A 262 -5.06 -36.60 -1.83
CA VAL A 262 -6.46 -36.85 -2.15
C VAL A 262 -7.36 -35.82 -1.46
N ASN A 263 -6.89 -34.57 -1.43
CA ASN A 263 -7.68 -33.48 -0.88
C ASN A 263 -9.03 -33.44 -1.66
N PRO A 264 -10.17 -33.36 -0.96
CA PRO A 264 -11.44 -33.36 -1.71
C PRO A 264 -11.56 -32.25 -2.74
N THR A 265 -10.90 -31.12 -2.51
CA THR A 265 -10.94 -30.04 -3.49
C THR A 265 -10.04 -30.29 -4.71
N ARG A 266 -9.40 -31.45 -4.77
CA ARG A 266 -8.51 -31.84 -5.86
C ARG A 266 -8.92 -33.15 -6.50
N LEU A 267 -10.06 -33.71 -6.06
CA LEU A 267 -10.45 -35.06 -6.46
C LEU A 267 -11.36 -35.14 -7.66
N GLY A 268 -11.62 -34.02 -8.31
CA GLY A 268 -12.54 -34.01 -9.45
C GLY A 268 -12.28 -35.06 -10.50
N VAL A 269 -11.01 -35.26 -10.88
CA VAL A 269 -10.72 -36.22 -11.94
C VAL A 269 -11.19 -37.63 -11.55
N ILE A 270 -11.02 -38.02 -10.28
CA ILE A 270 -11.49 -39.32 -9.82
C ILE A 270 -13.03 -39.35 -9.74
N ASN A 271 -13.62 -38.28 -9.21
CA ASN A 271 -15.10 -38.20 -9.15
C ASN A 271 -15.71 -38.38 -10.55
N LEU A 272 -15.18 -37.64 -11.53
CA LEU A 272 -15.71 -37.69 -12.88
C LEU A 272 -15.42 -39.03 -13.58
N LEU A 273 -14.20 -39.53 -13.47
CA LEU A 273 -13.87 -40.84 -14.09
C LEU A 273 -14.75 -41.95 -13.52
N LYS A 274 -15.00 -41.93 -12.22
CA LYS A 274 -15.91 -42.93 -11.64
C LYS A 274 -17.32 -42.79 -12.25
N MET A 275 -17.77 -41.55 -12.50
CA MET A 275 -19.07 -41.33 -13.15
C MET A 275 -19.09 -41.92 -14.58
N MET A 276 -17.94 -41.93 -15.24
CA MET A 276 -17.80 -42.50 -16.57
C MET A 276 -17.69 -44.02 -16.56
N GLY A 277 -17.48 -44.62 -15.39
CA GLY A 277 -17.33 -46.07 -15.25
C GLY A 277 -15.96 -46.60 -14.87
N ALA A 278 -15.06 -45.71 -14.47
CA ALA A 278 -13.70 -46.10 -14.14
C ALA A 278 -13.64 -46.99 -12.91
N ASP A 279 -12.55 -47.75 -12.82
CA ASP A 279 -12.29 -48.69 -11.74
C ASP A 279 -11.11 -48.13 -10.96
N ILE A 280 -11.42 -47.29 -9.97
CA ILE A 280 -10.40 -46.61 -9.16
C ILE A 280 -10.69 -46.83 -7.69
N GLU A 281 -9.69 -47.35 -6.96
CA GLU A 281 -9.79 -47.62 -5.52
CA GLU A 281 -9.84 -47.57 -5.53
C GLU A 281 -8.79 -46.79 -4.75
N VAL A 282 -9.28 -46.10 -3.72
CA VAL A 282 -8.42 -45.27 -2.88
C VAL A 282 -8.29 -46.01 -1.55
N THR A 283 -7.06 -46.32 -1.17
CA THR A 283 -6.76 -47.05 0.06
C THR A 283 -5.61 -46.42 0.87
N HIS A 284 -5.35 -46.95 2.06
CA HIS A 284 -4.24 -46.47 2.88
C HIS A 284 -4.26 -44.95 3.08
N TYR A 285 -5.42 -44.47 3.51
CA TYR A 285 -5.62 -43.06 3.75
C TYR A 285 -4.91 -42.62 5.03
N THR A 286 -4.19 -41.51 4.92
CA THR A 286 -3.53 -40.93 6.07
CA THR A 286 -3.41 -40.93 6.01
C THR A 286 -3.58 -39.42 5.96
N GLU A 287 -3.49 -38.76 7.11
CA GLU A 287 -3.53 -37.30 7.15
C GLU A 287 -2.26 -36.85 7.86
N LYS A 288 -1.58 -35.86 7.28
CA LYS A 288 -0.37 -35.28 7.84
C LYS A 288 -0.26 -33.84 7.33
N ASN A 289 0.15 -32.93 8.21
CA ASN A 289 0.28 -31.53 7.87
CA ASN A 289 0.30 -31.56 7.83
C ASN A 289 -1.03 -30.99 7.28
N GLU A 290 -2.15 -31.49 7.79
CA GLU A 290 -3.48 -31.07 7.38
C GLU A 290 -3.86 -31.40 5.91
N GLU A 291 -3.13 -32.32 5.24
CA GLU A 291 -3.45 -32.73 3.87
C GLU A 291 -3.61 -34.25 3.78
N PRO A 292 -4.71 -34.72 3.21
CA PRO A 292 -4.85 -36.17 3.14
C PRO A 292 -4.10 -36.81 1.97
N THR A 293 -3.58 -38.01 2.22
CA THR A 293 -2.83 -38.76 1.25
CA THR A 293 -2.85 -38.79 1.20
C THR A 293 -3.38 -40.19 1.20
N ALA A 294 -3.23 -40.85 0.07
CA ALA A 294 -3.71 -42.23 -0.06
C ALA A 294 -3.07 -42.92 -1.25
N ASP A 295 -3.23 -44.23 -1.35
CA ASP A 295 -2.71 -44.98 -2.49
C ASP A 295 -3.90 -45.15 -3.43
N ILE A 296 -3.65 -45.10 -4.72
CA ILE A 296 -4.72 -45.17 -5.71
C ILE A 296 -4.43 -46.30 -6.69
N THR A 297 -5.35 -47.26 -6.75
CA THR A 297 -5.18 -48.44 -7.60
C THR A 297 -6.17 -48.30 -8.77
N VAL A 298 -5.67 -48.50 -9.98
CA VAL A 298 -6.46 -48.29 -11.17
C VAL A 298 -6.31 -49.47 -12.10
N ARG A 299 -7.44 -49.93 -12.63
CA ARG A 299 -7.47 -51.01 -13.60
C ARG A 299 -8.27 -50.56 -14.84
N HIS A 300 -7.92 -51.10 -15.99
CA HIS A 300 -8.65 -50.81 -17.22
C HIS A 300 -10.14 -51.01 -17.06
N ALA A 301 -10.90 -50.09 -17.64
CA ALA A 301 -12.34 -50.13 -17.62
C ALA A 301 -12.87 -49.36 -18.84
N ARG A 302 -13.99 -49.84 -19.37
CA ARG A 302 -14.68 -49.22 -20.47
C ARG A 302 -15.48 -48.04 -19.90
N LEU A 303 -15.51 -46.96 -20.66
CA LEU A 303 -16.12 -45.72 -20.18
C LEU A 303 -17.28 -45.26 -21.04
N LYS A 304 -18.14 -44.44 -20.43
CA LYS A 304 -19.24 -43.77 -21.11
C LYS A 304 -19.10 -42.24 -20.95
N GLY A 305 -19.62 -41.50 -21.92
CA GLY A 305 -19.58 -40.06 -21.89
C GLY A 305 -20.51 -39.52 -20.82
N ILE A 306 -20.15 -38.36 -20.27
CA ILE A 306 -20.91 -37.70 -19.22
C ILE A 306 -21.10 -36.21 -19.45
N ASP A 307 -22.12 -35.66 -18.81
CA ASP A 307 -22.36 -34.23 -18.80
C ASP A 307 -21.70 -33.77 -17.50
N ILE A 308 -20.60 -33.04 -17.63
CA ILE A 308 -19.81 -32.67 -16.46
C ILE A 308 -20.47 -31.53 -15.68
N PRO A 309 -20.76 -31.74 -14.38
CA PRO A 309 -21.43 -30.68 -13.59
C PRO A 309 -20.49 -29.54 -13.19
N PRO A 310 -21.02 -28.31 -13.09
CA PRO A 310 -20.17 -27.15 -12.82
C PRO A 310 -19.45 -27.12 -11.48
N ASP A 311 -20.01 -27.76 -10.44
CA ASP A 311 -19.35 -27.76 -9.14
C ASP A 311 -18.02 -28.49 -9.20
N GLN A 312 -17.87 -29.40 -10.17
CA GLN A 312 -16.64 -30.15 -10.30
C GLN A 312 -15.56 -29.42 -11.09
N VAL A 313 -15.90 -28.34 -11.76
CA VAL A 313 -14.90 -27.64 -12.59
C VAL A 313 -13.69 -27.12 -11.80
N PRO A 314 -13.93 -26.41 -10.68
CA PRO A 314 -12.75 -25.94 -9.95
C PRO A 314 -11.98 -27.07 -9.23
N LEU A 315 -12.63 -28.22 -9.05
CA LEU A 315 -12.01 -29.36 -8.36
C LEU A 315 -11.26 -30.27 -9.35
N THR A 316 -11.36 -29.95 -10.64
CA THR A 316 -10.77 -30.74 -11.77
C THR A 316 -10.07 -29.85 -12.79
N ILE A 317 -9.96 -28.56 -12.50
CA ILE A 317 -9.51 -27.60 -13.52
C ILE A 317 -8.26 -27.99 -14.34
N ASP A 318 -7.21 -28.45 -13.67
CA ASP A 318 -5.98 -28.82 -14.35
C ASP A 318 -6.02 -30.20 -14.99
N GLU A 319 -7.02 -31.02 -14.65
CA GLU A 319 -7.14 -32.37 -15.19
C GLU A 319 -8.01 -32.43 -16.43
N PHE A 320 -8.62 -31.32 -16.85
CA PHE A 320 -9.43 -31.41 -18.06
C PHE A 320 -8.66 -31.88 -19.31
N PRO A 321 -7.41 -31.43 -19.50
CA PRO A 321 -6.71 -31.94 -20.68
C PRO A 321 -6.68 -33.48 -20.72
N VAL A 322 -6.25 -34.13 -19.66
CA VAL A 322 -6.19 -35.59 -19.68
C VAL A 322 -7.59 -36.23 -19.58
N LEU A 323 -8.53 -35.62 -18.85
CA LEU A 323 -9.90 -36.14 -18.83
C LEU A 323 -10.53 -36.16 -20.22
N LEU A 324 -10.21 -35.18 -21.06
CA LEU A 324 -10.76 -35.13 -22.42
C LEU A 324 -10.24 -36.30 -23.27
N ILE A 325 -9.06 -36.83 -22.93
CA ILE A 325 -8.53 -38.02 -23.63
C ILE A 325 -9.43 -39.22 -23.26
N ALA A 326 -9.78 -39.35 -21.97
CA ALA A 326 -10.71 -40.39 -21.55
C ALA A 326 -12.05 -40.21 -22.28
N ALA A 327 -12.55 -38.96 -22.37
CA ALA A 327 -13.81 -38.72 -23.05
C ALA A 327 -13.74 -39.13 -24.52
N ALA A 328 -12.58 -38.88 -25.15
CA ALA A 328 -12.34 -39.22 -26.56
C ALA A 328 -12.46 -40.71 -26.87
N VAL A 329 -12.23 -41.57 -25.87
CA VAL A 329 -12.30 -43.01 -26.08
C VAL A 329 -13.45 -43.67 -25.35
N ALA A 330 -14.37 -42.87 -24.82
CA ALA A 330 -15.56 -43.36 -24.14
C ALA A 330 -16.65 -43.62 -25.17
N GLN A 331 -17.68 -44.32 -24.75
CA GLN A 331 -18.84 -44.55 -25.62
C GLN A 331 -19.82 -43.42 -25.35
N GLY A 332 -20.15 -42.65 -26.39
CA GLY A 332 -21.10 -41.57 -26.25
C GLY A 332 -20.45 -40.20 -26.17
N LYS A 333 -21.29 -39.20 -25.91
CA LYS A 333 -20.90 -37.81 -25.89
C LYS A 333 -20.61 -37.29 -24.51
N THR A 334 -19.54 -36.49 -24.41
CA THR A 334 -19.18 -35.83 -23.16
C THR A 334 -19.33 -34.32 -23.40
N VAL A 335 -19.95 -33.64 -22.44
CA VAL A 335 -20.17 -32.21 -22.55
C VAL A 335 -19.58 -31.50 -21.33
N LEU A 336 -18.72 -30.53 -21.60
CA LEU A 336 -18.11 -29.70 -20.58
C LEU A 336 -18.54 -28.25 -20.80
N ARG A 337 -19.19 -27.66 -19.80
CA ARG A 337 -19.56 -26.25 -19.83
C ARG A 337 -19.04 -25.58 -18.54
N ASP A 338 -19.17 -24.25 -18.50
CA ASP A 338 -18.73 -23.43 -17.37
CA ASP A 338 -18.74 -23.47 -17.34
C ASP A 338 -17.27 -23.66 -17.02
N ALA A 339 -16.44 -23.79 -18.05
CA ALA A 339 -15.00 -24.00 -17.86
C ALA A 339 -14.20 -23.00 -18.69
N ALA A 340 -14.71 -21.78 -18.81
CA ALA A 340 -14.00 -20.73 -19.58
C ALA A 340 -12.60 -20.42 -18.98
N GLU A 341 -12.40 -20.72 -17.72
CA GLU A 341 -11.06 -20.52 -17.11
C GLU A 341 -9.97 -21.28 -17.83
N LEU A 342 -10.33 -22.36 -18.53
CA LEU A 342 -9.34 -23.11 -19.29
C LEU A 342 -8.63 -22.29 -20.35
N ARG A 343 -9.30 -21.26 -20.86
CA ARG A 343 -8.74 -20.44 -21.92
C ARG A 343 -7.61 -19.53 -21.49
N VAL A 344 -7.46 -19.31 -20.18
CA VAL A 344 -6.47 -18.34 -19.66
C VAL A 344 -5.32 -19.00 -18.90
N LYS A 345 -5.07 -20.28 -19.19
CA LYS A 345 -4.00 -21.03 -18.57
C LYS A 345 -2.71 -20.85 -19.39
N GLU A 346 -1.72 -21.73 -19.16
CA GLU A 346 -0.41 -21.68 -19.87
C GLU A 346 -0.65 -21.48 -21.37
N THR A 347 -1.68 -22.16 -21.88
CA THR A 347 -2.23 -21.89 -23.19
C THR A 347 -3.73 -21.90 -23.05
N ASP A 348 -4.45 -21.59 -24.16
CA ASP A 348 -5.89 -21.76 -24.19
C ASP A 348 -6.11 -23.27 -24.34
N ARG A 349 -6.45 -23.91 -23.22
CA ARG A 349 -6.50 -25.36 -23.16
C ARG A 349 -7.67 -25.96 -23.92
N ILE A 350 -8.74 -25.21 -24.06
CA ILE A 350 -9.88 -25.69 -24.87
C ILE A 350 -9.43 -25.75 -26.32
N ALA A 351 -8.89 -24.63 -26.82
CA ALA A 351 -8.41 -24.57 -28.23
C ALA A 351 -7.33 -25.62 -28.48
N ALA A 352 -6.39 -25.78 -27.54
CA ALA A 352 -5.32 -26.73 -27.72
C ALA A 352 -5.80 -28.19 -27.73
N MET A 353 -6.71 -28.54 -26.82
CA MET A 353 -7.23 -29.89 -26.79
C MET A 353 -8.09 -30.20 -28.00
N VAL A 354 -8.93 -29.26 -28.42
CA VAL A 354 -9.79 -29.48 -29.59
C VAL A 354 -8.91 -29.68 -30.83
N ASP A 355 -7.89 -28.86 -30.99
CA ASP A 355 -7.00 -28.98 -32.15
C ASP A 355 -6.33 -30.35 -32.20
N GLY A 356 -5.72 -30.78 -31.09
CA GLY A 356 -5.03 -32.06 -31.04
C GLY A 356 -5.97 -33.25 -31.23
N LEU A 357 -7.13 -33.22 -30.59
CA LEU A 357 -8.09 -34.30 -30.72
C LEU A 357 -8.56 -34.46 -32.16
N GLN A 358 -8.86 -33.35 -32.83
CA GLN A 358 -9.27 -33.41 -34.24
C GLN A 358 -8.16 -34.02 -35.10
N LYS A 359 -6.93 -33.62 -34.81
CA LYS A 359 -5.74 -34.13 -35.53
C LYS A 359 -5.55 -35.64 -35.33
N LEU A 360 -6.03 -36.16 -34.20
CA LEU A 360 -5.98 -37.60 -33.93
C LEU A 360 -7.32 -38.33 -34.28
N GLY A 361 -8.17 -37.66 -35.06
CA GLY A 361 -9.39 -38.27 -35.56
C GLY A 361 -10.61 -38.34 -34.68
N ILE A 362 -10.65 -37.49 -33.67
CA ILE A 362 -11.76 -37.41 -32.72
C ILE A 362 -12.66 -36.21 -33.08
N ALA A 363 -13.97 -36.42 -33.03
CA ALA A 363 -14.92 -35.37 -33.28
C ALA A 363 -15.08 -34.56 -31.99
N ALA A 364 -14.32 -33.48 -31.92
CA ALA A 364 -14.30 -32.57 -30.77
C ALA A 364 -14.65 -31.19 -31.27
N GLU A 365 -15.51 -30.51 -30.53
CA GLU A 365 -15.98 -29.21 -30.87
C GLU A 365 -15.81 -28.26 -29.71
N SER A 366 -15.41 -27.05 -30.01
CA SER A 366 -15.25 -26.07 -28.99
C SER A 366 -16.56 -25.36 -28.66
N LEU A 367 -16.75 -25.05 -27.38
CA LEU A 367 -17.81 -24.15 -26.89
C LEU A 367 -17.09 -22.94 -26.26
N PRO A 368 -17.76 -21.79 -26.13
CA PRO A 368 -17.07 -20.65 -25.51
C PRO A 368 -16.50 -21.00 -24.13
N ASP A 369 -17.24 -21.80 -23.38
CA ASP A 369 -16.86 -22.17 -22.04
C ASP A 369 -16.61 -23.68 -21.88
N GLY A 370 -16.28 -24.36 -22.96
CA GLY A 370 -16.03 -25.78 -22.83
C GLY A 370 -15.83 -26.53 -24.12
N VAL A 371 -16.25 -27.80 -24.11
CA VAL A 371 -16.12 -28.66 -25.29
CA VAL A 371 -16.07 -28.68 -25.26
C VAL A 371 -17.20 -29.72 -25.34
N ILE A 372 -17.45 -30.23 -26.53
CA ILE A 372 -18.36 -31.33 -26.72
C ILE A 372 -17.52 -32.37 -27.47
N ILE A 373 -17.42 -33.57 -26.92
CA ILE A 373 -16.64 -34.62 -27.56
C ILE A 373 -17.49 -35.83 -27.81
N GLN A 374 -17.40 -36.37 -29.02
CA GLN A 374 -18.07 -37.62 -29.33
C GLN A 374 -17.01 -38.69 -29.22
N GLY A 375 -17.22 -39.64 -28.30
CA GLY A 375 -16.29 -40.73 -28.11
C GLY A 375 -16.04 -41.46 -29.40
N GLY A 376 -14.79 -41.83 -29.64
CA GLY A 376 -14.42 -42.52 -30.89
C GLY A 376 -13.16 -43.33 -30.74
N THR A 377 -12.30 -43.27 -31.74
CA THR A 377 -11.07 -44.04 -31.82
C THR A 377 -9.90 -43.11 -32.18
N LEU A 378 -8.88 -43.09 -31.32
CA LEU A 378 -7.70 -42.26 -31.55
C LEU A 378 -6.82 -42.87 -32.63
N GLU A 379 -6.36 -42.04 -33.55
CA GLU A 379 -5.44 -42.45 -34.60
C GLU A 379 -4.06 -41.93 -34.24
N GLY A 380 -3.05 -42.47 -34.91
CA GLY A 380 -1.70 -41.90 -34.78
C GLY A 380 -1.72 -40.54 -35.48
N GLY A 381 -0.68 -39.78 -35.29
CA GLY A 381 -0.59 -38.47 -35.94
C GLY A 381 0.41 -37.55 -35.26
N GLU A 382 0.14 -36.26 -35.36
CA GLU A 382 1.01 -35.25 -34.83
C GLU A 382 0.19 -34.11 -34.26
N VAL A 383 0.54 -33.74 -33.04
CA VAL A 383 -0.13 -32.65 -32.35
C VAL A 383 0.87 -31.69 -31.76
N ASN A 384 0.39 -30.52 -31.37
N ASN A 384 0.38 -30.51 -31.39
CA ASN A 384 1.25 -29.52 -30.76
CA ASN A 384 1.20 -29.47 -30.76
C ASN A 384 0.86 -29.30 -29.32
C ASN A 384 0.84 -29.31 -29.29
N SER A 385 1.86 -29.22 -28.44
CA SER A 385 1.59 -28.94 -27.02
C SER A 385 1.20 -27.48 -26.78
N TYR A 386 1.54 -26.59 -27.71
CA TYR A 386 1.35 -25.14 -27.52
C TYR A 386 2.09 -24.64 -26.27
N ASP A 387 3.21 -25.33 -26.00
CA ASP A 387 4.15 -25.08 -24.88
C ASP A 387 3.55 -25.31 -23.48
N ASP A 388 2.44 -26.04 -23.44
CA ASP A 388 1.70 -26.31 -22.18
C ASP A 388 1.98 -27.74 -21.72
N HIS A 389 2.62 -27.86 -20.56
CA HIS A 389 2.97 -29.14 -19.98
C HIS A 389 1.87 -30.18 -19.94
N ARG A 390 0.65 -29.75 -19.60
CA ARG A 390 -0.44 -30.70 -19.48
C ARG A 390 -1.01 -31.13 -20.80
N ILE A 391 -0.96 -30.24 -21.80
CA ILE A 391 -1.37 -30.62 -23.15
C ILE A 391 -0.40 -31.67 -23.63
N ALA A 392 0.89 -31.46 -23.38
CA ALA A 392 1.92 -32.43 -23.78
C ALA A 392 1.72 -33.79 -23.16
N MET A 393 1.56 -33.84 -21.83
CA MET A 393 1.38 -35.10 -21.13
C MET A 393 0.05 -35.76 -21.48
N ALA A 394 -0.99 -34.97 -21.67
CA ALA A 394 -2.29 -35.49 -22.09
C ALA A 394 -2.20 -36.28 -23.41
N PHE A 395 -1.51 -35.71 -24.40
CA PHE A 395 -1.34 -36.39 -25.67
C PHE A 395 -0.36 -37.57 -25.57
N ALA A 396 0.58 -37.51 -24.64
CA ALA A 396 1.41 -38.70 -24.38
C ALA A 396 0.50 -39.86 -23.90
N VAL A 397 -0.47 -39.55 -23.03
CA VAL A 397 -1.45 -40.53 -22.59
C VAL A 397 -2.30 -41.01 -23.79
N ALA A 398 -2.71 -40.10 -24.67
CA ALA A 398 -3.48 -40.50 -25.88
C ALA A 398 -2.72 -41.55 -26.67
N GLY A 399 -1.40 -41.43 -26.71
CA GLY A 399 -0.55 -42.36 -27.45
C GLY A 399 -0.63 -43.81 -26.93
N THR A 400 -1.11 -44.02 -25.69
CA THR A 400 -1.19 -45.39 -25.19
C THR A 400 -2.20 -46.22 -25.96
N LEU A 401 -3.27 -45.57 -26.43
CA LEU A 401 -4.36 -46.25 -27.11
C LEU A 401 -4.48 -45.91 -28.59
N ALA A 402 -3.77 -44.86 -29.05
CA ALA A 402 -3.82 -44.47 -30.45
C ALA A 402 -3.40 -45.63 -31.34
N LYS A 403 -4.01 -45.72 -32.50
CA LYS A 403 -3.73 -46.81 -33.42
C LYS A 403 -2.29 -46.81 -33.94
N GLY A 404 -1.69 -45.63 -34.02
CA GLY A 404 -0.33 -45.49 -34.47
C GLY A 404 0.47 -44.56 -33.59
N PRO A 405 1.72 -44.28 -34.00
CA PRO A 405 2.56 -43.39 -33.21
C PRO A 405 2.00 -41.99 -33.16
N VAL A 406 2.25 -41.31 -32.03
CA VAL A 406 1.82 -39.92 -31.87
C VAL A 406 3.05 -39.09 -31.59
N ARG A 407 3.24 -38.04 -32.38
CA ARG A 407 4.33 -37.08 -32.23
C ARG A 407 3.72 -35.89 -31.52
N ILE A 408 4.29 -35.51 -30.39
CA ILE A 408 3.84 -34.34 -29.62
C ILE A 408 4.92 -33.28 -29.69
N ARG A 409 4.64 -32.19 -30.37
CA ARG A 409 5.62 -31.13 -30.52
C ARG A 409 5.82 -30.27 -29.27
N ASN A 410 7.08 -29.95 -28.97
CA ASN A 410 7.44 -28.91 -27.95
C ASN A 410 7.10 -29.28 -26.52
N CYS A 411 7.85 -30.22 -25.98
CA CYS A 411 7.58 -30.76 -24.65
C CYS A 411 8.54 -30.30 -23.56
N ASP A 412 9.32 -29.27 -23.85
N ASP A 412 9.35 -29.28 -23.87
CA ASP A 412 10.32 -28.74 -22.90
CA ASP A 412 10.33 -28.72 -22.92
C ASP A 412 9.77 -28.19 -21.60
C ASP A 412 9.68 -28.42 -21.56
N ASN A 413 8.48 -27.84 -21.59
CA ASN A 413 7.84 -27.36 -20.37
C ASN A 413 7.27 -28.42 -19.45
N VAL A 414 7.33 -29.71 -19.84
CA VAL A 414 6.89 -30.76 -18.94
C VAL A 414 7.65 -30.65 -17.59
N LYS A 415 8.90 -30.19 -17.63
CA LYS A 415 9.68 -30.10 -16.38
CA LYS A 415 9.76 -29.99 -16.44
C LYS A 415 9.21 -28.98 -15.43
N THR A 416 8.25 -28.17 -15.86
CA THR A 416 7.70 -27.18 -14.94
C THR A 416 6.92 -27.88 -13.83
N SER A 417 6.33 -29.05 -14.11
CA SER A 417 5.51 -29.74 -13.11
C SER A 417 5.85 -31.22 -12.90
N PHE A 418 6.58 -31.85 -13.82
CA PHE A 418 6.79 -33.30 -13.71
C PHE A 418 8.13 -33.64 -14.33
N PRO A 419 9.21 -33.32 -13.61
CA PRO A 419 10.54 -33.51 -14.22
C PRO A 419 10.87 -34.89 -14.73
N ASN A 420 10.36 -35.93 -14.08
CA ASN A 420 10.66 -37.30 -14.45
C ASN A 420 9.52 -38.02 -15.14
N PHE A 421 8.65 -37.26 -15.81
CA PHE A 421 7.52 -37.85 -16.50
C PHE A 421 7.92 -39.01 -17.42
N VAL A 422 8.88 -38.77 -18.32
CA VAL A 422 9.23 -39.80 -19.32
C VAL A 422 9.76 -41.06 -18.65
N GLU A 423 10.62 -40.88 -17.68
CA GLU A 423 11.15 -42.04 -16.95
C GLU A 423 10.03 -42.88 -16.31
N LEU A 424 9.13 -42.24 -15.56
CA LEU A 424 8.04 -42.96 -14.91
C LEU A 424 7.04 -43.56 -15.89
N ALA A 425 6.78 -42.84 -16.98
CA ALA A 425 5.91 -43.37 -18.01
C ALA A 425 6.45 -44.70 -18.55
N ASN A 426 7.72 -44.71 -18.92
CA ASN A 426 8.30 -45.94 -19.49
C ASN A 426 8.35 -47.06 -18.45
N GLU A 427 8.61 -46.70 -17.19
CA GLU A 427 8.69 -47.68 -16.11
CA GLU A 427 8.69 -47.69 -16.11
C GLU A 427 7.38 -48.47 -15.96
N VAL A 428 6.24 -47.81 -16.20
CA VAL A 428 4.93 -48.47 -16.04
C VAL A 428 4.29 -49.03 -17.31
N GLY A 429 4.89 -48.77 -18.46
N GLY A 429 4.99 -48.97 -18.43
CA GLY A 429 4.36 -49.29 -19.70
CA GLY A 429 4.48 -49.59 -19.64
C GLY A 429 3.72 -48.32 -20.68
C GLY A 429 3.98 -48.63 -20.68
N MET A 430 3.81 -47.02 -20.45
N MET A 430 4.05 -47.33 -20.38
CA MET A 430 3.32 -46.11 -21.49
CA MET A 430 3.72 -46.34 -21.38
C MET A 430 4.57 -45.56 -22.20
C MET A 430 4.95 -46.28 -22.25
N ASN A 431 4.72 -46.03 -23.43
N ASN A 431 4.79 -45.87 -23.49
CA ASN A 431 5.88 -45.75 -24.25
CA ASN A 431 5.94 -45.79 -24.35
C ASN A 431 5.99 -44.30 -24.67
C ASN A 431 6.11 -44.36 -24.86
N VAL A 432 7.10 -43.66 -24.30
CA VAL A 432 7.40 -42.27 -24.65
C VAL A 432 8.88 -42.07 -24.83
N LYS A 433 9.26 -41.51 -25.98
CA LYS A 433 10.65 -41.14 -26.27
C LYS A 433 10.74 -39.63 -26.40
N GLY A 434 11.73 -39.04 -25.73
CA GLY A 434 12.05 -37.62 -25.92
C GLY A 434 13.00 -37.58 -27.13
N VAL A 435 12.63 -36.82 -28.16
CA VAL A 435 13.41 -36.72 -29.40
C VAL A 435 13.57 -35.24 -29.81
N ARG A 436 14.54 -34.97 -30.68
CA ARG A 436 14.74 -33.60 -31.18
C ARG A 436 13.58 -33.22 -32.10
N GLY A 437 13.08 -32.00 -31.99
CA GLY A 437 12.02 -31.51 -32.88
C GLY A 437 12.58 -30.97 -34.19
N ARG A 438 11.83 -30.11 -34.88
CA ARG A 438 12.31 -29.52 -36.13
C ARG A 438 13.26 -28.37 -35.83
N ALA B 3 16.13 -15.85 21.39
CA ALA B 3 17.39 -15.76 20.59
C ALA B 3 17.15 -14.94 19.32
N MET B 4 18.20 -14.23 18.89
CA MET B 4 18.14 -13.41 17.68
CA MET B 4 18.12 -13.45 17.68
C MET B 4 19.24 -13.88 16.72
N ASP B 5 18.91 -13.96 15.42
CA ASP B 5 19.85 -14.31 14.37
C ASP B 5 19.92 -13.09 13.41
N TYR B 6 20.97 -13.05 12.60
CA TYR B 6 21.07 -12.07 11.53
C TYR B 6 20.87 -12.79 10.18
N GLN B 7 20.20 -12.12 9.24
CA GLN B 7 20.01 -12.66 7.89
C GLN B 7 20.44 -11.60 6.91
N THR B 8 21.31 -11.96 5.97
CA THR B 8 21.79 -11.00 5.02
C THR B 8 21.35 -11.36 3.62
N ILE B 9 21.46 -10.37 2.74
CA ILE B 9 21.43 -10.56 1.30
C ILE B 9 22.63 -9.76 0.74
N PRO B 10 23.14 -10.14 -0.44
CA PRO B 10 24.30 -9.44 -0.98
C PRO B 10 24.08 -7.94 -1.18
N SER B 11 25.16 -7.18 -1.16
CA SER B 11 25.10 -5.75 -1.31
C SER B 11 25.48 -5.32 -2.73
N GLN B 12 24.80 -4.30 -3.23
CA GLN B 12 25.15 -3.73 -4.54
C GLN B 12 26.17 -2.59 -4.39
N GLY B 13 26.74 -2.45 -3.19
CA GLY B 13 27.74 -1.44 -2.92
C GLY B 13 27.43 -0.61 -1.69
N LEU B 14 28.43 -0.45 -0.82
CA LEU B 14 28.26 0.41 0.34
C LEU B 14 28.50 1.85 -0.08
N SER B 15 27.76 2.77 0.54
CA SER B 15 27.89 4.15 0.22
C SER B 15 27.49 4.99 1.41
N GLY B 16 28.13 6.13 1.58
CA GLY B 16 27.72 7.03 2.64
C GLY B 16 28.79 7.31 3.65
N GLU B 17 28.39 8.08 4.64
CA GLU B 17 29.24 8.55 5.70
C GLU B 17 28.60 8.12 7.00
N ILE B 18 29.36 7.48 7.89
CA ILE B 18 28.78 7.12 9.17
C ILE B 18 29.76 7.26 10.31
N CYS B 19 29.21 7.43 11.50
CA CYS B 19 29.94 7.54 12.72
C CYS B 19 29.72 6.30 13.57
N VAL B 20 30.76 5.50 13.77
CA VAL B 20 30.60 4.33 14.61
C VAL B 20 30.63 4.75 16.10
N PRO B 21 30.09 3.90 16.95
CA PRO B 21 30.09 4.23 18.37
C PRO B 21 31.51 4.15 18.99
N GLY B 22 31.57 4.55 20.22
CA GLY B 22 32.84 4.72 20.93
C GLY B 22 33.67 3.49 21.16
N ASP B 23 34.95 3.76 21.42
CA ASP B 23 35.93 2.76 21.67
C ASP B 23 35.69 2.05 23.01
N LYS B 24 35.53 0.75 22.93
CA LYS B 24 35.24 -0.09 24.10
C LYS B 24 36.41 -0.10 25.10
N SER B 25 37.63 -0.23 24.59
CA SER B 25 38.82 -0.26 25.44
C SER B 25 39.03 1.05 26.15
N ILE B 26 38.95 2.16 25.40
CA ILE B 26 39.15 3.45 26.00
C ILE B 26 38.03 3.75 26.99
N SER B 27 36.78 3.37 26.64
CA SER B 27 35.66 3.58 27.54
C SER B 27 35.84 2.91 28.89
N HIS B 28 36.31 1.66 28.89
CA HIS B 28 36.54 0.92 30.15
C HIS B 28 37.50 1.68 31.05
N ARG B 29 38.60 2.13 30.46
CA ARG B 29 39.63 2.81 31.23
C ARG B 29 39.21 4.19 31.71
N ALA B 30 38.49 4.89 30.86
CA ALA B 30 38.06 6.24 31.15
C ALA B 30 37.17 6.26 32.37
N VAL B 31 36.17 5.37 32.43
CA VAL B 31 35.26 5.41 33.59
C VAL B 31 35.96 4.93 34.86
N LEU B 32 36.78 3.90 34.75
CA LEU B 32 37.50 3.36 35.89
C LEU B 32 38.43 4.41 36.53
N LEU B 33 39.26 5.03 35.71
CA LEU B 33 40.17 6.06 36.20
C LEU B 33 39.42 7.30 36.71
N ALA B 34 38.37 7.74 35.99
CA ALA B 34 37.56 8.88 36.43
C ALA B 34 36.93 8.61 37.78
N ALA B 35 36.50 7.36 38.01
CA ALA B 35 35.83 6.99 39.28
C ALA B 35 36.67 7.27 40.51
N ILE B 36 37.97 7.01 40.39
CA ILE B 36 38.93 7.19 41.50
C ILE B 36 39.77 8.47 41.40
N ALA B 37 39.45 9.34 40.45
CA ALA B 37 40.12 10.62 40.32
C ALA B 37 39.52 11.58 41.34
N GLU B 38 40.15 12.74 41.48
CA GLU B 38 39.60 13.82 42.29
C GLU B 38 39.05 14.86 41.33
N GLY B 39 37.76 15.15 41.49
CA GLY B 39 37.08 16.13 40.66
C GLY B 39 36.08 15.48 39.71
N GLN B 40 35.43 16.30 38.91
CA GLN B 40 34.44 15.83 37.95
C GLN B 40 35.02 15.58 36.58
N THR B 41 34.73 14.42 36.01
CA THR B 41 35.12 14.11 34.65
C THR B 41 33.88 13.87 33.83
N GLN B 42 33.72 14.62 32.74
CA GLN B 42 32.67 14.34 31.78
C GLN B 42 33.28 13.49 30.69
N VAL B 43 32.64 12.38 30.38
CA VAL B 43 33.14 11.48 29.35
C VAL B 43 32.17 11.50 28.19
N ASP B 44 32.60 12.03 27.05
CA ASP B 44 31.76 12.07 25.85
C ASP B 44 32.20 10.94 24.93
N GLY B 45 31.25 10.37 24.22
CA GLY B 45 31.52 9.28 23.29
C GLY B 45 31.63 7.93 23.96
N PHE B 46 31.23 7.86 25.23
CA PHE B 46 31.26 6.59 25.97
C PHE B 46 30.44 5.52 25.25
N LEU B 47 30.98 4.31 25.16
CA LEU B 47 30.27 3.23 24.49
C LEU B 47 29.18 2.67 25.44
N MET B 48 27.94 2.86 25.04
CA MET B 48 26.79 2.39 25.80
C MET B 48 26.39 0.95 25.45
N GLY B 49 27.38 0.07 25.48
CA GLY B 49 27.17 -1.36 25.25
C GLY B 49 27.16 -2.12 26.54
N ALA B 50 26.87 -3.40 26.44
CA ALA B 50 26.70 -4.19 27.64
C ALA B 50 27.99 -4.34 28.42
N ASP B 51 29.13 -4.48 27.73
CA ASP B 51 30.40 -4.66 28.44
C ASP B 51 30.76 -3.40 29.24
N ASN B 52 30.66 -2.24 28.63
CA ASN B 52 31.03 -1.01 29.32
C ASN B 52 30.03 -0.62 30.41
N LEU B 53 28.74 -0.90 30.18
CA LEU B 53 27.75 -0.64 31.24
C LEU B 53 27.91 -1.60 32.42
N ALA B 54 28.43 -2.81 32.19
CA ALA B 54 28.73 -3.73 33.29
C ALA B 54 29.84 -3.12 34.16
N MET B 55 30.83 -2.49 33.52
CA MET B 55 31.93 -1.83 34.25
C MET B 55 31.34 -0.69 35.11
N VAL B 56 30.46 0.13 34.50
CA VAL B 56 29.83 1.22 35.24
C VAL B 56 29.09 0.70 36.47
N SER B 57 28.26 -0.32 36.28
CA SER B 57 27.46 -0.87 37.38
CA SER B 57 27.45 -0.88 37.37
C SER B 57 28.33 -1.42 38.50
N ALA B 58 29.42 -2.08 38.13
CA ALA B 58 30.37 -2.64 39.09
C ALA B 58 30.98 -1.53 39.92
N LEU B 59 31.42 -0.46 39.27
CA LEU B 59 31.98 0.67 39.97
C LEU B 59 30.97 1.33 40.91
N GLN B 60 29.71 1.42 40.46
CA GLN B 60 28.64 1.99 41.29
C GLN B 60 28.38 1.15 42.55
N GLN B 61 28.51 -0.17 42.45
CA GLN B 61 28.36 -1.05 43.63
C GLN B 61 29.37 -0.70 44.70
N MET B 62 30.50 -0.13 44.28
CA MET B 62 31.58 0.26 45.21
C MET B 62 31.57 1.74 45.57
N GLY B 63 30.53 2.43 45.15
CA GLY B 63 30.39 3.83 45.58
C GLY B 63 30.88 4.86 44.62
N ALA B 64 31.21 4.46 43.38
CA ALA B 64 31.52 5.48 42.39
C ALA B 64 30.24 6.28 42.13
N SER B 65 30.40 7.56 41.80
CA SER B 65 29.33 8.46 41.52
C SER B 65 29.35 8.72 40.05
N ILE B 66 28.47 8.04 39.32
CA ILE B 66 28.43 8.10 37.88
C ILE B 66 27.01 8.34 37.39
N GLN B 67 26.82 9.44 36.67
CA GLN B 67 25.55 9.74 36.02
C GLN B 67 25.67 9.25 34.57
N VAL B 68 24.79 8.33 34.16
CA VAL B 68 24.76 7.78 32.83
C VAL B 68 23.69 8.48 32.00
N ILE B 69 24.09 9.08 30.89
CA ILE B 69 23.16 9.76 29.99
C ILE B 69 23.23 8.92 28.70
N GLU B 70 22.51 7.81 28.73
CA GLU B 70 22.63 6.80 27.70
C GLU B 70 22.35 7.30 26.28
N ASP B 71 21.28 8.07 26.12
CA ASP B 71 20.91 8.57 24.79
CA ASP B 71 20.90 8.58 24.80
C ASP B 71 21.93 9.52 24.18
N GLU B 72 22.77 10.15 24.99
CA GLU B 72 23.79 11.07 24.49
C GLU B 72 25.21 10.50 24.53
N ASN B 73 25.35 9.24 24.93
CA ASN B 73 26.67 8.61 25.07
C ASN B 73 27.60 9.41 25.98
N ILE B 74 27.06 9.91 27.09
CA ILE B 74 27.83 10.67 28.03
C ILE B 74 27.75 10.10 29.45
N LEU B 75 28.87 10.16 30.15
CA LEU B 75 28.89 9.91 31.57
C LEU B 75 29.37 11.19 32.26
N VAL B 76 28.82 11.46 33.45
CA VAL B 76 29.37 12.51 34.30
C VAL B 76 29.80 11.78 35.57
N VAL B 77 31.09 11.81 35.87
CA VAL B 77 31.65 11.10 37.00
C VAL B 77 32.19 12.05 38.06
N GLU B 78 31.72 11.89 39.29
CA GLU B 78 32.26 12.70 40.40
C GLU B 78 33.24 11.75 41.10
N GLY B 79 34.54 11.99 40.92
CA GLY B 79 35.54 11.11 41.49
C GLY B 79 35.48 10.96 42.99
N VAL B 80 35.89 9.79 43.49
CA VAL B 80 35.94 9.54 44.92
C VAL B 80 37.38 9.48 45.47
N GLY B 81 38.36 9.79 44.62
CA GLY B 81 39.75 9.74 45.06
C GLY B 81 40.28 8.33 45.05
N MET B 82 41.59 8.21 45.22
CA MET B 82 42.26 6.89 45.14
C MET B 82 41.74 5.85 46.16
N THR B 83 41.43 6.32 47.37
CA THR B 83 41.02 5.44 48.46
C THR B 83 39.53 5.55 48.76
N GLY B 84 38.76 6.15 47.85
CA GLY B 84 37.33 6.35 48.07
C GLY B 84 36.36 5.22 47.78
N LEU B 85 36.79 4.14 47.15
CA LEU B 85 35.88 3.02 46.91
C LEU B 85 35.51 2.30 48.23
N GLN B 86 34.35 1.68 48.23
CA GLN B 86 33.84 0.95 49.39
C GLN B 86 33.51 -0.49 49.01
N ALA B 87 33.57 -1.37 49.99
CA ALA B 87 33.33 -2.78 49.74
C ALA B 87 31.93 -3.01 49.20
N PRO B 88 31.84 -3.76 48.11
CA PRO B 88 30.52 -4.05 47.54
C PRO B 88 29.81 -5.16 48.31
N PRO B 89 28.48 -5.18 48.29
CA PRO B 89 27.73 -6.16 49.08
C PRO B 89 27.67 -7.55 48.42
N GLU B 90 27.81 -7.58 47.11
CA GLU B 90 27.71 -8.82 46.36
C GLU B 90 28.82 -8.90 45.33
N ALA B 91 28.88 -10.03 44.65
CA ALA B 91 29.86 -10.21 43.60
C ALA B 91 29.62 -9.20 42.48
N LEU B 92 30.71 -8.70 41.90
CA LEU B 92 30.60 -7.77 40.79
C LEU B 92 30.44 -8.60 39.50
N ASP B 93 29.36 -8.34 38.76
CA ASP B 93 29.08 -9.11 37.55
C ASP B 93 29.64 -8.36 36.34
N CYS B 94 30.71 -8.91 35.77
CA CYS B 94 31.37 -8.31 34.65
C CYS B 94 30.75 -8.71 33.30
N GLY B 95 29.65 -9.44 33.31
CA GLY B 95 29.00 -9.82 32.08
C GLY B 95 29.89 -10.67 31.20
N ASN B 96 30.05 -10.24 29.96
CA ASN B 96 30.84 -10.94 28.96
C ASN B 96 32.25 -10.39 28.87
N SER B 97 32.57 -9.39 29.71
CA SER B 97 33.81 -8.61 29.57
C SER B 97 35.08 -9.03 30.30
N GLY B 98 36.02 -9.60 29.56
CA GLY B 98 37.33 -9.92 30.10
C GLY B 98 38.08 -8.63 30.49
N THR B 99 37.94 -7.57 29.69
CA THR B 99 38.60 -6.30 30.01
C THR B 99 38.17 -5.81 31.38
N ALA B 100 36.87 -5.89 31.65
CA ALA B 100 36.38 -5.40 32.90
C ALA B 100 36.92 -6.24 34.06
N ILE B 101 36.85 -7.56 33.96
CA ILE B 101 37.30 -8.37 35.10
C ILE B 101 38.80 -8.25 35.35
N ARG B 102 39.59 -8.23 34.27
CA ARG B 102 41.05 -8.11 34.43
C ARG B 102 41.49 -6.73 34.92
N LEU B 103 40.88 -5.66 34.42
CA LEU B 103 41.26 -4.34 34.93
C LEU B 103 40.75 -4.14 36.36
N LEU B 104 39.54 -4.56 36.65
CA LEU B 104 39.02 -4.45 38.02
C LEU B 104 39.88 -5.23 39.00
N SER B 105 40.40 -6.39 38.58
CA SER B 105 41.22 -7.19 39.48
C SER B 105 42.45 -6.39 39.89
N GLY B 106 43.02 -5.67 38.93
CA GLY B 106 44.20 -4.82 39.26
C GLY B 106 43.86 -3.67 40.21
N LEU B 107 42.76 -3.01 39.94
CA LEU B 107 42.27 -1.94 40.79
C LEU B 107 41.95 -2.42 42.19
N LEU B 108 41.43 -3.64 42.30
CA LEU B 108 40.93 -4.11 43.59
C LEU B 108 41.94 -4.88 44.43
N ALA B 109 43.05 -5.31 43.82
CA ALA B 109 44.03 -6.12 44.55
C ALA B 109 44.65 -5.38 45.73
N GLY B 110 44.74 -4.05 45.61
CA GLY B 110 45.35 -3.21 46.62
C GLY B 110 44.39 -2.43 47.52
N GLN B 111 43.10 -2.77 47.48
CA GLN B 111 42.11 -2.09 48.32
C GLN B 111 42.07 -2.74 49.70
N PRO B 112 41.59 -2.02 50.71
CA PRO B 112 41.52 -2.59 52.06
C PRO B 112 40.23 -3.39 52.30
N PHE B 113 39.64 -3.95 51.26
CA PHE B 113 38.43 -4.78 51.36
C PHE B 113 38.49 -5.99 50.39
N ASN B 114 37.55 -6.90 50.51
CA ASN B 114 37.49 -8.09 49.67
C ASN B 114 36.40 -7.94 48.61
N THR B 115 36.62 -8.55 47.46
CA THR B 115 35.67 -8.44 46.34
CA THR B 115 35.64 -8.47 46.38
C THR B 115 35.61 -9.76 45.60
N VAL B 116 34.43 -10.13 45.13
CA VAL B 116 34.28 -11.31 44.29
C VAL B 116 33.93 -10.75 42.92
N LEU B 117 34.57 -11.29 41.87
CA LEU B 117 34.34 -10.89 40.49
C LEU B 117 33.89 -12.09 39.69
N THR B 118 32.81 -11.92 38.96
CA THR B 118 32.26 -13.01 38.17
C THR B 118 31.71 -12.47 36.85
N GLY B 119 31.06 -13.33 36.10
CA GLY B 119 30.45 -12.96 34.85
C GLY B 119 29.70 -14.11 34.23
N ASP B 120 29.43 -13.99 32.93
CA ASP B 120 28.62 -14.94 32.21
C ASP B 120 29.32 -16.25 31.89
N SER B 121 28.64 -17.15 31.21
CA SER B 121 29.19 -18.46 30.90
CA SER B 121 29.21 -18.47 30.93
C SER B 121 30.49 -18.41 30.09
N SER B 122 30.60 -17.44 29.19
CA SER B 122 31.79 -17.26 28.37
C SER B 122 32.95 -16.76 29.23
N LEU B 123 32.66 -15.75 30.03
CA LEU B 123 33.67 -15.11 30.88
C LEU B 123 34.24 -16.10 31.87
N GLN B 124 33.40 -17.01 32.38
CA GLN B 124 33.86 -17.98 33.36
C GLN B 124 34.78 -19.03 32.78
N ARG B 125 35.01 -19.00 31.47
CA ARG B 125 35.95 -19.91 30.83
C ARG B 125 37.23 -19.18 30.42
N ARG B 126 37.32 -17.89 30.67
CA ARG B 126 38.47 -17.06 30.19
C ARG B 126 39.68 -17.18 31.17
N PRO B 127 40.91 -17.17 30.63
CA PRO B 127 42.10 -17.41 31.47
C PRO B 127 42.52 -16.24 32.36
N MET B 128 42.71 -16.54 33.65
CA MET B 128 43.08 -15.54 34.63
C MET B 128 44.41 -15.76 35.31
N LYS B 129 45.06 -16.88 35.06
CA LYS B 129 46.38 -17.12 35.65
C LYS B 129 47.33 -15.98 35.28
N ARG B 130 47.16 -15.48 34.05
CA ARG B 130 47.97 -14.38 33.51
C ARG B 130 47.98 -13.13 34.39
N ILE B 131 46.90 -12.86 35.13
CA ILE B 131 46.91 -11.72 36.05
C ILE B 131 47.17 -12.17 37.51
N ILE B 132 46.73 -13.37 37.85
CA ILE B 132 46.95 -13.90 39.22
C ILE B 132 48.43 -14.04 39.52
N ASP B 133 49.21 -14.55 38.56
CA ASP B 133 50.68 -14.74 38.74
C ASP B 133 51.40 -13.43 39.13
N PRO B 134 51.32 -12.39 38.29
CA PRO B 134 52.02 -11.15 38.66
C PRO B 134 51.40 -10.42 39.84
N LEU B 135 50.06 -10.42 39.96
CA LEU B 135 49.46 -9.75 41.13
C LEU B 135 49.93 -10.41 42.41
N THR B 136 50.08 -11.73 42.40
CA THR B 136 50.56 -12.46 43.58
C THR B 136 51.99 -12.02 43.93
N LEU B 137 52.83 -11.81 42.91
CA LEU B 137 54.20 -11.34 43.12
C LEU B 137 54.24 -9.94 43.79
N MET B 138 53.19 -9.17 43.60
CA MET B 138 53.06 -7.82 44.21
C MET B 138 52.50 -7.91 45.63
N GLY B 139 52.12 -9.12 46.05
CA GLY B 139 51.53 -9.31 47.37
C GLY B 139 50.03 -9.55 47.39
N ALA B 140 49.40 -9.63 46.23
CA ALA B 140 47.96 -9.87 46.18
C ALA B 140 47.61 -11.30 46.58
N LYS B 141 46.36 -11.49 46.96
CA LYS B 141 45.83 -12.81 47.30
C LYS B 141 44.51 -12.96 46.54
N ILE B 142 44.53 -13.83 45.55
CA ILE B 142 43.37 -14.04 44.68
C ILE B 142 43.04 -15.50 44.56
N ASP B 143 41.88 -15.89 45.07
CA ASP B 143 41.41 -17.27 44.97
C ASP B 143 40.60 -17.40 43.69
N SER B 144 40.76 -18.51 42.99
CA SER B 144 40.04 -18.69 41.72
C SER B 144 39.50 -20.08 41.57
N THR B 145 38.68 -20.21 40.54
CA THR B 145 38.05 -21.45 40.21
C THR B 145 38.91 -22.17 39.15
N GLY B 146 40.04 -22.76 39.51
CA GLY B 146 40.91 -23.36 38.48
C GLY B 146 41.47 -22.28 37.51
N ASN B 147 41.86 -21.16 38.07
CA ASN B 147 42.46 -20.06 37.28
C ASN B 147 41.52 -19.43 36.27
N VAL B 148 40.21 -19.55 36.52
CA VAL B 148 39.18 -18.87 35.73
C VAL B 148 38.21 -18.22 36.73
N PRO B 149 37.38 -17.28 36.28
CA PRO B 149 36.43 -16.69 37.22
C PRO B 149 35.39 -17.74 37.61
N PRO B 150 34.69 -17.53 38.74
CA PRO B 150 34.82 -16.39 39.61
C PRO B 150 36.12 -16.29 40.40
N LEU B 151 36.51 -15.04 40.65
CA LEU B 151 37.70 -14.71 41.42
C LEU B 151 37.29 -14.09 42.75
N LYS B 152 38.01 -14.41 43.81
CA LYS B 152 37.78 -13.70 45.07
C LYS B 152 39.10 -13.04 45.42
N ILE B 153 39.06 -11.71 45.46
CA ILE B 153 40.22 -10.89 45.77
C ILE B 153 40.21 -10.49 47.22
N TYR B 154 41.24 -10.92 47.94
CA TYR B 154 41.44 -10.53 49.33
C TYR B 154 42.38 -9.33 49.29
N GLY B 155 41.79 -8.15 49.37
CA GLY B 155 42.51 -6.92 49.22
C GLY B 155 43.68 -6.73 50.16
N ASN B 156 44.80 -6.29 49.61
CA ASN B 156 46.00 -6.05 50.39
C ASN B 156 46.43 -4.59 50.17
N PRO B 157 46.18 -3.72 51.16
CA PRO B 157 46.57 -2.33 50.98
C PRO B 157 48.10 -2.07 50.99
N ARG B 158 48.89 -3.13 51.18
CA ARG B 158 50.33 -3.03 51.23
C ARG B 158 51.03 -3.75 50.08
N LEU B 159 50.51 -3.60 48.86
CA LEU B 159 51.16 -4.22 47.70
C LEU B 159 52.51 -3.59 47.48
N THR B 160 53.40 -4.33 46.83
CA THR B 160 54.71 -3.81 46.52
C THR B 160 54.95 -3.93 45.04
N GLY B 161 55.66 -2.94 44.51
CA GLY B 161 55.95 -2.87 43.09
C GLY B 161 56.84 -3.99 42.62
N ILE B 162 56.67 -4.40 41.36
CA ILE B 162 57.51 -5.44 40.76
C ILE B 162 57.97 -5.04 39.35
N HIS B 163 59.02 -5.70 38.88
CA HIS B 163 59.45 -5.57 37.50
C HIS B 163 58.90 -6.84 36.85
N TYR B 164 58.11 -6.72 35.78
CA TYR B 164 57.49 -7.91 35.15
C TYR B 164 57.51 -7.82 33.64
N GLN B 165 57.97 -8.90 33.00
CA GLN B 165 57.99 -8.99 31.57
C GLN B 165 56.78 -9.82 31.16
N LEU B 166 55.95 -9.25 30.29
CA LEU B 166 54.75 -9.96 29.86
C LEU B 166 55.09 -11.22 29.10
N PRO B 167 54.53 -12.36 29.53
CA PRO B 167 54.79 -13.63 28.84
C PRO B 167 53.85 -13.92 27.64
N MET B 168 52.84 -13.08 27.48
CA MET B 168 51.96 -13.12 26.30
C MET B 168 51.66 -11.65 26.00
N ALA B 169 51.27 -11.35 24.76
CA ALA B 169 51.13 -9.95 24.34
C ALA B 169 49.77 -9.35 24.76
N SER B 170 49.60 -9.19 26.06
CA SER B 170 48.34 -8.76 26.64
C SER B 170 48.31 -7.36 27.23
N ALA B 171 47.55 -6.50 26.58
CA ALA B 171 47.37 -5.17 27.09
C ALA B 171 46.57 -5.23 28.38
N GLN B 172 45.72 -6.25 28.54
CA GLN B 172 44.93 -6.35 29.80
C GLN B 172 45.84 -6.67 30.99
N VAL B 173 46.81 -7.56 30.81
CA VAL B 173 47.75 -7.86 31.87
C VAL B 173 48.57 -6.61 32.20
N LYS B 174 49.07 -5.92 31.16
CA LYS B 174 49.85 -4.71 31.35
C LYS B 174 49.01 -3.70 32.16
N SER B 175 47.76 -3.51 31.74
CA SER B 175 46.84 -2.56 32.37
C SER B 175 46.51 -2.91 33.82
N CYS B 176 46.21 -4.18 34.06
CA CYS B 176 45.94 -4.68 35.38
C CYS B 176 47.09 -4.33 36.32
N LEU B 177 48.32 -4.54 35.86
CA LEU B 177 49.47 -4.30 36.71
C LEU B 177 49.77 -2.82 36.88
N LEU B 178 49.52 -2.00 35.87
CA LEU B 178 49.70 -0.55 36.03
C LEU B 178 48.68 -0.03 37.05
N LEU B 179 47.46 -0.56 37.02
CA LEU B 179 46.43 -0.13 37.99
C LEU B 179 46.82 -0.55 39.41
N ALA B 180 47.22 -1.79 39.60
CA ALA B 180 47.68 -2.23 40.92
C ALA B 180 48.89 -1.39 41.32
N GLY B 181 49.69 -0.99 40.33
CA GLY B 181 50.89 -0.19 40.56
C GLY B 181 50.60 1.16 41.20
N LEU B 182 49.42 1.71 40.94
CA LEU B 182 49.01 3.01 41.52
C LEU B 182 48.87 2.89 43.05
N TYR B 183 48.66 1.65 43.53
CA TYR B 183 48.41 1.36 44.94
C TYR B 183 49.57 0.72 45.66
N ALA B 184 50.57 0.32 44.90
CA ALA B 184 51.72 -0.40 45.42
C ALA B 184 52.86 0.51 45.86
N ARG B 185 53.55 0.05 46.88
CA ARG B 185 54.71 0.74 47.38
C ARG B 185 55.84 0.59 46.40
N GLY B 186 56.37 1.70 45.93
CA GLY B 186 57.48 1.66 45.00
C GLY B 186 57.10 1.67 43.54
N LYS B 187 58.01 1.17 42.72
CA LYS B 187 57.90 1.23 41.28
C LYS B 187 57.45 -0.10 40.69
N THR B 188 56.45 -0.04 39.79
CA THR B 188 55.99 -1.21 39.04
C THR B 188 56.37 -0.94 37.59
N CYS B 189 57.19 -1.82 37.02
CA CYS B 189 57.69 -1.64 35.68
C CYS B 189 57.30 -2.83 34.83
N ILE B 190 56.69 -2.54 33.69
CA ILE B 190 56.25 -3.57 32.76
C ILE B 190 57.06 -3.52 31.48
N THR B 191 57.60 -4.67 31.10
CA THR B 191 58.36 -4.81 29.86
C THR B 191 57.49 -5.59 28.87
N GLU B 192 57.33 -5.06 27.66
CA GLU B 192 56.56 -5.68 26.59
C GLU B 192 57.39 -6.11 25.39
N PRO B 193 57.72 -7.40 25.28
CA PRO B 193 58.42 -7.89 24.11
C PRO B 193 57.60 -7.74 22.83
N ALA B 194 56.27 -7.74 22.98
CA ALA B 194 55.36 -7.65 21.85
C ALA B 194 54.33 -6.53 22.16
N PRO B 195 54.64 -5.28 21.79
CA PRO B 195 53.78 -4.13 22.11
C PRO B 195 52.29 -4.30 21.78
N SER B 196 51.49 -3.93 22.77
CA SER B 196 50.04 -4.01 22.70
C SER B 196 49.43 -2.62 22.86
N ARG B 197 48.10 -2.55 22.79
CA ARG B 197 47.43 -1.25 22.84
C ARG B 197 47.81 -0.50 24.13
N ASP B 198 48.05 0.80 23.96
CA ASP B 198 48.60 1.65 25.02
C ASP B 198 47.63 2.66 25.62
N HIS B 199 46.34 2.37 25.58
CA HIS B 199 45.35 3.29 26.07
C HIS B 199 45.49 3.60 27.55
N THR B 200 45.92 2.61 28.36
CA THR B 200 46.04 2.83 29.80
C THR B 200 47.11 3.88 30.07
N GLU B 201 48.23 3.75 29.37
CA GLU B 201 49.34 4.69 29.51
C GLU B 201 48.94 6.12 29.13
N ARG B 202 48.19 6.24 28.04
CA ARG B 202 47.73 7.54 27.56
C ARG B 202 46.74 8.16 28.52
N LEU B 203 45.79 7.37 29.04
CA LEU B 203 44.82 7.92 30.00
CA LEU B 203 44.81 7.93 29.98
C LEU B 203 45.43 8.26 31.33
N LEU B 204 46.40 7.47 31.78
CA LEU B 204 47.08 7.81 33.05
C LEU B 204 47.68 9.22 32.93
N LYS B 205 48.33 9.50 31.81
CA LYS B 205 48.90 10.82 31.59
C LYS B 205 47.81 11.89 31.51
N HIS B 206 46.68 11.56 30.87
CA HIS B 206 45.55 12.49 30.75
C HIS B 206 45.04 12.88 32.15
N PHE B 207 45.04 11.91 33.07
CA PHE B 207 44.61 12.12 34.47
C PHE B 207 45.74 12.56 35.41
N HIS B 208 46.82 13.04 34.82
CA HIS B 208 47.95 13.62 35.54
C HIS B 208 48.71 12.66 36.41
N TYR B 209 48.70 11.37 36.07
CA TYR B 209 49.50 10.43 36.81
C TYR B 209 50.78 10.32 35.99
N THR B 210 51.92 10.32 36.65
CA THR B 210 53.17 10.27 35.89
C THR B 210 53.62 8.85 35.56
N LEU B 211 54.23 8.71 34.37
CA LEU B 211 54.84 7.45 33.94
CA LEU B 211 54.83 7.46 33.92
C LEU B 211 56.28 7.71 33.54
N GLN B 212 57.15 6.76 33.86
CA GLN B 212 58.55 6.84 33.51
C GLN B 212 58.85 5.69 32.57
N LYS B 213 59.88 5.87 31.76
CA LYS B 213 60.32 4.78 30.91
C LYS B 213 61.82 4.76 30.89
N ASP B 214 62.37 3.56 30.72
CA ASP B 214 63.81 3.41 30.57
C ASP B 214 64.03 2.78 29.18
N LYS B 215 65.16 2.12 28.99
CA LYS B 215 65.51 1.53 27.71
C LYS B 215 64.72 0.26 27.39
N GLN B 216 63.86 -0.18 28.30
CA GLN B 216 63.12 -1.41 28.08
C GLN B 216 61.70 -1.46 28.66
N SER B 217 61.36 -0.58 29.59
CA SER B 217 60.08 -0.71 30.26
C SER B 217 59.35 0.59 30.58
N ILE B 218 58.08 0.45 30.95
CA ILE B 218 57.20 1.54 31.38
CA ILE B 218 57.27 1.58 31.40
C ILE B 218 56.97 1.35 32.86
N CYS B 219 57.11 2.41 33.64
CA CYS B 219 56.94 2.29 35.06
C CYS B 219 56.02 3.33 35.66
N VAL B 220 55.33 2.92 36.71
CA VAL B 220 54.53 3.81 37.52
C VAL B 220 55.01 3.60 38.95
N SER B 221 54.81 4.61 39.79
CA SER B 221 55.15 4.53 41.19
C SER B 221 53.86 4.73 41.92
N GLY B 222 53.63 3.97 42.98
CA GLY B 222 52.40 4.08 43.72
C GLY B 222 52.33 5.30 44.60
N GLY B 223 51.11 5.69 44.97
CA GLY B 223 50.87 6.77 45.90
C GLY B 223 50.52 8.12 45.30
N GLY B 224 50.45 8.21 43.98
CA GLY B 224 50.07 9.45 43.32
C GLY B 224 48.56 9.61 43.33
N LYS B 225 48.06 10.70 42.75
CA LYS B 225 46.63 10.94 42.66
C LYS B 225 46.19 11.27 41.24
N LEU B 226 45.13 10.61 40.81
CA LEU B 226 44.52 10.91 39.53
C LEU B 226 43.68 12.19 39.69
N LYS B 227 43.80 13.08 38.71
CA LYS B 227 43.06 14.35 38.70
C LYS B 227 42.11 14.39 37.52
N ALA B 228 40.85 14.67 37.81
CA ALA B 228 39.79 14.66 36.82
C ALA B 228 40.14 15.55 35.63
N ASN B 229 39.77 15.11 34.44
CA ASN B 229 40.05 15.82 33.22
C ASN B 229 39.08 15.28 32.18
N ASP B 230 38.21 16.14 31.66
CA ASP B 230 37.20 15.73 30.67
C ASP B 230 37.85 14.94 29.55
N ILE B 231 37.11 13.97 29.04
CA ILE B 231 37.58 13.02 28.00
CA ILE B 231 37.63 13.13 27.97
C ILE B 231 36.59 12.89 26.86
N SER B 232 37.08 12.92 25.61
CA SER B 232 36.25 12.63 24.44
CA SER B 232 36.25 12.63 24.45
C SER B 232 36.77 11.30 23.88
N ILE B 233 35.90 10.31 23.78
CA ILE B 233 36.29 8.99 23.28
C ILE B 233 36.04 8.89 21.79
N PRO B 234 37.08 8.47 21.04
CA PRO B 234 36.89 8.35 19.60
C PRO B 234 36.13 7.10 19.23
N GLY B 235 35.71 7.04 17.96
CA GLY B 235 35.01 5.87 17.45
C GLY B 235 35.92 4.65 17.56
N ASP B 236 35.32 3.48 17.76
CA ASP B 236 36.07 2.24 17.89
C ASP B 236 36.51 1.74 16.53
N ILE B 237 37.82 1.69 16.29
CA ILE B 237 38.34 1.18 15.02
C ILE B 237 37.95 -0.29 14.83
N SER B 238 37.74 -1.01 15.94
CA SER B 238 37.30 -2.41 15.85
C SER B 238 35.88 -2.46 15.30
N SER B 239 35.05 -1.48 15.66
CA SER B 239 33.71 -1.41 15.11
C SER B 239 33.76 -0.95 13.64
N ALA B 240 34.62 0.04 13.36
CA ALA B 240 34.80 0.56 12.01
C ALA B 240 35.33 -0.52 11.04
N ALA B 241 36.12 -1.44 11.56
CA ALA B 241 36.74 -2.50 10.74
C ALA B 241 35.74 -3.31 9.93
N PHE B 242 34.56 -3.55 10.48
CA PHE B 242 33.56 -4.33 9.75
C PHE B 242 33.21 -3.62 8.45
N PHE B 243 33.01 -2.32 8.54
CA PHE B 243 32.68 -1.49 7.38
C PHE B 243 33.89 -1.30 6.43
N ILE B 244 35.09 -1.20 7.00
CA ILE B 244 36.32 -1.08 6.19
C ILE B 244 36.44 -2.30 5.29
N VAL B 245 36.24 -3.49 5.88
CA VAL B 245 36.32 -4.72 5.08
C VAL B 245 35.14 -4.81 4.10
N ALA B 246 33.92 -4.52 4.58
CA ALA B 246 32.75 -4.61 3.71
C ALA B 246 32.90 -3.72 2.45
N ALA B 247 33.35 -2.49 2.63
CA ALA B 247 33.50 -1.57 1.50
C ALA B 247 34.66 -2.02 0.61
N THR B 248 35.70 -2.62 1.21
CA THR B 248 36.84 -3.12 0.45
C THR B 248 36.46 -4.26 -0.49
N ILE B 249 35.66 -5.20 0.01
CA ILE B 249 35.34 -6.38 -0.77
C ILE B 249 34.12 -6.26 -1.68
N THR B 250 33.26 -5.27 -1.44
CA THR B 250 31.99 -5.16 -2.16
C THR B 250 32.10 -4.22 -3.37
N PRO B 251 31.95 -4.77 -4.59
CA PRO B 251 32.07 -3.89 -5.75
C PRO B 251 31.13 -2.69 -5.68
N GLY B 252 31.63 -1.54 -6.15
CA GLY B 252 30.88 -0.30 -6.16
C GLY B 252 30.86 0.51 -4.89
N SER B 253 31.63 0.07 -3.88
CA SER B 253 31.63 0.76 -2.61
C SER B 253 32.60 1.96 -2.46
N ALA B 254 32.11 2.97 -1.76
CA ALA B 254 32.90 4.11 -1.35
C ALA B 254 32.23 4.69 -0.11
N ILE B 255 32.90 4.61 1.03
CA ILE B 255 32.34 5.12 2.28
C ILE B 255 33.34 5.95 3.02
N ARG B 256 32.86 6.76 3.97
CA ARG B 256 33.72 7.51 4.85
C ARG B 256 33.25 7.27 6.29
N LEU B 257 34.19 6.83 7.13
CA LEU B 257 33.95 6.58 8.53
C LEU B 257 34.52 7.75 9.31
N CYS B 258 33.64 8.49 9.97
CA CYS B 258 34.05 9.70 10.65
C CYS B 258 34.52 9.47 12.07
N ARG B 259 35.50 10.28 12.46
CA ARG B 259 36.00 10.34 13.82
C ARG B 259 36.28 9.00 14.50
N VAL B 260 37.11 8.20 13.84
CA VAL B 260 37.51 6.89 14.34
C VAL B 260 38.93 6.99 14.97
N GLY B 261 39.10 6.35 16.11
CA GLY B 261 40.38 6.26 16.75
C GLY B 261 41.37 5.58 15.84
N VAL B 262 42.57 6.15 15.72
CA VAL B 262 43.61 5.59 14.86
C VAL B 262 44.95 5.49 15.61
N ASN B 263 44.85 5.10 16.88
CA ASN B 263 46.01 4.85 17.68
C ASN B 263 46.88 3.85 16.92
N PRO B 264 48.19 4.13 16.78
CA PRO B 264 49.06 3.15 16.06
C PRO B 264 49.05 1.74 16.60
N THR B 265 48.78 1.57 17.90
CA THR B 265 48.72 0.24 18.49
C THR B 265 47.40 -0.47 18.22
N ARG B 266 46.50 0.18 17.46
CA ARG B 266 45.21 -0.38 17.09
C ARG B 266 45.03 -0.42 15.57
N LEU B 267 46.09 -0.06 14.82
CA LEU B 267 45.99 0.07 13.35
C LEU B 267 46.29 -1.16 12.51
N GLY B 268 46.49 -2.30 13.14
CA GLY B 268 46.85 -3.49 12.42
C GLY B 268 45.98 -3.83 11.23
N VAL B 269 44.67 -3.72 11.40
CA VAL B 269 43.77 -4.08 10.32
C VAL B 269 44.03 -3.20 9.07
N ILE B 270 44.32 -1.92 9.28
CA ILE B 270 44.61 -1.01 8.13
C ILE B 270 46.00 -1.32 7.58
N ASN B 271 46.97 -1.56 8.46
CA ASN B 271 48.33 -1.92 8.00
C ASN B 271 48.28 -3.16 7.11
N LEU B 272 47.54 -4.19 7.57
CA LEU B 272 47.44 -5.45 6.86
C LEU B 272 46.60 -5.35 5.58
N LEU B 273 45.49 -4.65 5.64
CA LEU B 273 44.65 -4.50 4.44
C LEU B 273 45.42 -3.75 3.35
N LYS B 274 46.18 -2.75 3.75
CA LYS B 274 47.01 -2.00 2.76
C LYS B 274 48.03 -2.95 2.09
N MET B 275 48.62 -3.85 2.88
N MET B 275 48.66 -3.84 2.86
CA MET B 275 49.57 -4.85 2.37
CA MET B 275 49.59 -4.79 2.23
C MET B 275 48.89 -5.81 1.36
C MET B 275 48.86 -5.71 1.25
N MET B 276 47.59 -6.03 1.54
CA MET B 276 46.80 -6.86 0.65
C MET B 276 46.32 -6.08 -0.61
N GLY B 277 46.45 -4.76 -0.59
CA GLY B 277 46.03 -3.94 -1.74
C GLY B 277 44.80 -3.08 -1.56
N ALA B 278 44.36 -2.90 -0.30
CA ALA B 278 43.18 -2.12 -0.04
C ALA B 278 43.39 -0.64 -0.34
N ASP B 279 42.28 0.04 -0.61
CA ASP B 279 42.23 1.45 -0.90
C ASP B 279 41.60 2.14 0.31
N ILE B 280 42.45 2.54 1.25
CA ILE B 280 42.03 3.14 2.51
C ILE B 280 42.84 4.41 2.72
N GLU B 281 42.13 5.53 2.94
CA GLU B 281 42.77 6.80 3.17
C GLU B 281 42.40 7.34 4.53
N VAL B 282 43.41 7.57 5.35
CA VAL B 282 43.20 8.10 6.68
C VAL B 282 43.52 9.55 6.57
N THR B 283 42.57 10.38 6.93
CA THR B 283 42.71 11.81 6.76
CA THR B 283 42.75 11.80 6.80
C THR B 283 42.10 12.57 7.91
N HIS B 284 42.19 13.89 7.82
CA HIS B 284 41.59 14.70 8.85
C HIS B 284 42.00 14.19 10.25
N TYR B 285 43.27 13.88 10.43
CA TYR B 285 43.72 13.57 11.78
C TYR B 285 43.50 14.72 12.73
N THR B 286 43.44 14.34 14.00
CA THR B 286 43.31 15.27 15.12
CA THR B 286 43.35 15.27 15.11
C THR B 286 43.68 14.47 16.38
N GLU B 287 43.91 15.19 17.48
CA GLU B 287 44.21 14.53 18.77
C GLU B 287 43.40 15.13 19.89
N LYS B 288 42.66 14.25 20.55
CA LYS B 288 41.84 14.58 21.68
C LYS B 288 42.19 13.65 22.82
N ASN B 289 42.62 14.26 23.92
CA ASN B 289 42.86 13.57 25.16
C ASN B 289 43.84 12.39 24.99
N GLU B 290 44.93 12.67 24.27
CA GLU B 290 46.02 11.73 24.01
C GLU B 290 45.71 10.59 23.04
N GLU B 291 44.55 10.63 22.38
CA GLU B 291 44.20 9.58 21.42
C GLU B 291 43.95 10.16 20.04
N PRO B 292 44.74 9.72 19.08
CA PRO B 292 44.56 10.20 17.73
C PRO B 292 43.25 9.71 17.12
N THR B 293 42.61 10.59 16.37
CA THR B 293 41.35 10.35 15.73
C THR B 293 41.42 10.84 14.29
N ALA B 294 40.68 10.19 13.39
CA ALA B 294 40.71 10.53 11.96
C ALA B 294 39.48 10.07 11.22
N ASP B 295 39.32 10.58 10.02
CA ASP B 295 38.26 10.09 9.14
C ASP B 295 38.95 9.05 8.23
N ILE B 296 38.24 7.98 7.93
CA ILE B 296 38.75 6.88 7.13
C ILE B 296 37.87 6.67 5.89
N THR B 297 38.43 6.86 4.71
CA THR B 297 37.69 6.71 3.45
C THR B 297 38.14 5.42 2.81
N VAL B 298 37.18 4.60 2.41
CA VAL B 298 37.46 3.27 1.88
C VAL B 298 36.69 3.02 0.59
N ARG B 299 37.39 2.52 -0.43
CA ARG B 299 36.77 2.19 -1.72
C ARG B 299 37.08 0.75 -2.05
N HIS B 300 36.19 0.13 -2.81
CA HIS B 300 36.39 -1.24 -3.25
C HIS B 300 37.76 -1.42 -3.90
N ALA B 301 38.39 -2.55 -3.60
CA ALA B 301 39.69 -2.86 -4.18
C ALA B 301 39.87 -4.36 -4.17
N ARG B 302 40.55 -4.89 -5.18
CA ARG B 302 40.83 -6.31 -5.23
C ARG B 302 42.04 -6.57 -4.36
N LEU B 303 42.05 -7.70 -3.69
CA LEU B 303 43.10 -8.03 -2.74
C LEU B 303 43.88 -9.29 -3.08
N LYS B 304 45.10 -9.34 -2.52
CA LYS B 304 45.96 -10.51 -2.61
C LYS B 304 46.21 -11.02 -1.18
N GLY B 305 46.37 -12.33 -1.08
CA GLY B 305 46.66 -12.98 0.19
C GLY B 305 48.04 -12.59 0.71
N ILE B 306 48.19 -12.62 2.03
CA ILE B 306 49.43 -12.23 2.66
C ILE B 306 49.79 -13.16 3.81
N ASP B 307 51.07 -13.13 4.15
CA ASP B 307 51.64 -13.87 5.28
C ASP B 307 51.74 -12.82 6.39
N ILE B 308 50.83 -12.91 7.37
CA ILE B 308 50.71 -11.90 8.42
C ILE B 308 51.89 -11.94 9.40
N PRO B 309 52.64 -10.83 9.56
CA PRO B 309 53.81 -10.85 10.47
C PRO B 309 53.40 -10.82 11.94
N PRO B 310 54.22 -11.42 12.82
CA PRO B 310 53.85 -11.56 14.23
C PRO B 310 53.72 -10.26 14.99
N ASP B 311 54.52 -9.26 14.62
CA ASP B 311 54.42 -7.98 15.33
C ASP B 311 53.03 -7.34 15.19
N GLN B 312 52.31 -7.66 14.11
CA GLN B 312 50.99 -7.08 13.89
C GLN B 312 49.89 -7.79 14.67
N VAL B 313 50.18 -8.97 15.22
CA VAL B 313 49.12 -9.73 15.92
C VAL B 313 48.48 -8.96 17.09
N PRO B 314 49.28 -8.40 18.01
CA PRO B 314 48.60 -7.69 19.11
C PRO B 314 47.98 -6.36 18.67
N LEU B 315 48.39 -5.87 17.49
CA LEU B 315 47.86 -4.61 16.94
C LEU B 315 46.60 -4.84 16.13
N THR B 316 46.23 -6.12 15.92
CA THR B 316 45.10 -6.50 15.08
C THR B 316 44.24 -7.59 15.73
N ILE B 317 44.54 -7.94 16.98
CA ILE B 317 43.99 -9.12 17.62
C ILE B 317 42.49 -9.28 17.47
N ASP B 318 41.73 -8.22 17.69
CA ASP B 318 40.28 -8.32 17.59
C ASP B 318 39.72 -8.24 16.17
N GLU B 319 40.53 -7.82 15.21
CA GLU B 319 40.13 -7.69 13.83
C GLU B 319 40.40 -8.95 13.00
N PHE B 320 41.02 -9.97 13.58
CA PHE B 320 41.27 -11.17 12.77
C PHE B 320 39.98 -11.79 12.23
N PRO B 321 38.88 -11.82 13.01
CA PRO B 321 37.67 -12.36 12.41
C PRO B 321 37.25 -11.68 11.09
N VAL B 322 37.15 -10.37 11.06
CA VAL B 322 36.74 -9.70 9.83
C VAL B 322 37.88 -9.70 8.79
N LEU B 323 39.15 -9.69 9.22
CA LEU B 323 40.25 -9.74 8.26
C LEU B 323 40.26 -11.06 7.51
N LEU B 324 39.86 -12.14 8.18
CA LEU B 324 39.83 -13.47 7.54
C LEU B 324 38.75 -13.50 6.45
N ILE B 325 37.73 -12.65 6.58
CA ILE B 325 36.73 -12.53 5.52
C ILE B 325 37.39 -11.90 4.29
N ALA B 326 38.19 -10.86 4.51
CA ALA B 326 38.95 -10.24 3.40
C ALA B 326 39.88 -11.28 2.77
N ALA B 327 40.57 -12.08 3.59
CA ALA B 327 41.46 -13.15 3.07
C ALA B 327 40.70 -14.17 2.23
N ALA B 328 39.47 -14.47 2.65
CA ALA B 328 38.63 -15.45 1.97
C ALA B 328 38.29 -15.08 0.53
N VAL B 329 38.27 -13.78 0.25
CA VAL B 329 37.91 -13.29 -1.07
C VAL B 329 39.09 -12.65 -1.81
N ALA B 330 40.30 -12.82 -1.27
CA ALA B 330 41.51 -12.32 -1.88
C ALA B 330 42.01 -13.33 -2.89
N GLN B 331 42.97 -12.90 -3.70
CA GLN B 331 43.59 -13.83 -4.65
C GLN B 331 44.81 -14.45 -3.97
N GLY B 332 44.82 -15.76 -3.82
CA GLY B 332 45.96 -16.44 -3.24
C GLY B 332 45.73 -16.83 -1.78
N LYS B 333 46.79 -17.29 -1.16
CA LYS B 333 46.76 -17.81 0.21
C LYS B 333 47.16 -16.77 1.24
N THR B 334 46.45 -16.80 2.37
CA THR B 334 46.77 -15.98 3.52
C THR B 334 47.14 -16.92 4.66
N VAL B 335 48.21 -16.61 5.37
CA VAL B 335 48.67 -17.42 6.49
C VAL B 335 48.76 -16.55 7.73
N LEU B 336 48.17 -17.05 8.81
CA LEU B 336 48.22 -16.39 10.10
C LEU B 336 48.85 -17.35 11.08
N ARG B 337 49.98 -16.95 11.66
CA ARG B 337 50.67 -17.72 12.67
C ARG B 337 50.83 -16.87 13.94
N ASP B 338 51.23 -17.52 15.03
CA ASP B 338 51.53 -16.83 16.27
C ASP B 338 50.33 -16.03 16.83
N ALA B 339 49.14 -16.61 16.65
CA ALA B 339 47.88 -16.01 17.06
C ALA B 339 47.05 -16.95 17.94
N ALA B 340 47.72 -17.78 18.76
CA ALA B 340 47.06 -18.68 19.69
C ALA B 340 46.14 -17.96 20.67
N GLU B 341 46.41 -16.68 20.94
CA GLU B 341 45.52 -15.90 21.84
C GLU B 341 44.09 -15.83 21.34
N LEU B 342 43.90 -16.00 20.02
CA LEU B 342 42.53 -16.04 19.49
C LEU B 342 41.68 -17.17 20.06
N ARG B 343 42.33 -18.22 20.54
CA ARG B 343 41.58 -19.37 21.06
C ARG B 343 40.99 -19.12 22.43
N VAL B 344 41.47 -18.09 23.14
CA VAL B 344 41.02 -17.83 24.51
C VAL B 344 40.17 -16.57 24.66
N LYS B 345 39.52 -16.17 23.57
CA LYS B 345 38.62 -15.00 23.57
C LYS B 345 37.20 -15.42 23.96
N GLU B 346 36.20 -14.59 23.65
CA GLU B 346 34.80 -14.89 23.96
C GLU B 346 34.44 -16.31 23.54
N THR B 347 34.96 -16.70 22.39
CA THR B 347 34.94 -18.08 21.94
C THR B 347 36.33 -18.36 21.36
N ASP B 348 36.59 -19.61 20.96
CA ASP B 348 37.83 -19.92 20.24
C ASP B 348 37.58 -19.38 18.85
N ARG B 349 38.20 -18.26 18.55
CA ARG B 349 37.93 -17.51 17.29
C ARG B 349 38.53 -18.19 16.06
N ILE B 350 39.59 -18.96 16.25
CA ILE B 350 40.15 -19.74 15.12
C ILE B 350 39.15 -20.82 14.74
N ALA B 351 38.71 -21.60 15.74
CA ALA B 351 37.76 -22.68 15.47
C ALA B 351 36.47 -22.14 14.88
N ALA B 352 35.98 -21.02 15.41
CA ALA B 352 34.74 -20.44 14.93
C ALA B 352 34.85 -19.90 13.52
N MET B 353 35.95 -19.21 13.22
CA MET B 353 36.13 -18.68 11.85
C MET B 353 36.33 -19.78 10.83
N VAL B 354 37.12 -20.79 11.17
CA VAL B 354 37.35 -21.91 10.23
C VAL B 354 36.03 -22.62 9.95
N ASP B 355 35.22 -22.87 11.00
CA ASP B 355 33.93 -23.55 10.82
C ASP B 355 33.01 -22.76 9.88
N GLY B 356 32.84 -21.47 10.14
CA GLY B 356 31.97 -20.66 9.29
C GLY B 356 32.46 -20.50 7.88
N LEU B 357 33.78 -20.29 7.70
CA LEU B 357 34.33 -20.13 6.35
C LEU B 357 34.12 -21.39 5.53
N GLN B 358 34.36 -22.55 6.13
CA GLN B 358 34.13 -23.82 5.43
C GLN B 358 32.63 -23.95 5.04
N LYS B 359 31.74 -23.57 5.97
CA LYS B 359 30.29 -23.62 5.71
C LYS B 359 29.86 -22.71 4.55
N LEU B 360 30.64 -21.66 4.30
CA LEU B 360 30.36 -20.72 3.19
C LEU B 360 31.20 -21.02 1.92
N GLY B 361 31.80 -22.19 1.88
CA GLY B 361 32.55 -22.66 0.70
C GLY B 361 33.98 -22.22 0.53
N ILE B 362 34.60 -21.79 1.63
CA ILE B 362 35.99 -21.35 1.60
C ILE B 362 36.92 -22.43 2.16
N ALA B 363 38.04 -22.63 1.50
CA ALA B 363 39.04 -23.59 1.93
C ALA B 363 39.85 -22.93 3.04
N ALA B 364 39.44 -23.19 4.26
CA ALA B 364 40.09 -22.63 5.45
C ALA B 364 40.54 -23.78 6.32
N GLU B 365 41.73 -23.68 6.88
CA GLU B 365 42.19 -24.75 7.76
C GLU B 365 42.82 -24.18 9.01
N SER B 366 42.56 -24.85 10.11
CA SER B 366 43.07 -24.47 11.39
C SER B 366 44.51 -24.92 11.58
N LEU B 367 45.30 -24.07 12.25
CA LEU B 367 46.66 -24.38 12.73
C LEU B 367 46.59 -24.20 14.25
N PRO B 368 47.46 -24.88 15.01
CA PRO B 368 47.36 -24.66 16.46
C PRO B 368 47.43 -23.18 16.89
N ASP B 369 48.23 -22.40 16.17
CA ASP B 369 48.44 -20.99 16.45
C ASP B 369 47.86 -20.05 15.39
N GLY B 370 46.99 -20.54 14.52
CA GLY B 370 46.46 -19.67 13.50
C GLY B 370 45.60 -20.34 12.45
N VAL B 371 45.70 -19.84 11.22
N VAL B 371 45.68 -19.82 11.23
CA VAL B 371 44.91 -20.39 10.14
CA VAL B 371 44.83 -20.29 10.13
C VAL B 371 45.60 -20.20 8.80
C VAL B 371 45.54 -20.14 8.78
N ILE B 372 45.18 -21.00 7.83
CA ILE B 372 45.64 -20.88 6.44
C ILE B 372 44.34 -20.78 5.65
N ILE B 373 44.21 -19.78 4.80
CA ILE B 373 43.02 -19.61 3.98
C ILE B 373 43.40 -19.49 2.51
N GLN B 374 42.71 -20.23 1.66
CA GLN B 374 42.89 -20.12 0.21
C GLN B 374 41.76 -19.22 -0.28
N GLY B 375 42.11 -18.06 -0.83
CA GLY B 375 41.11 -17.12 -1.32
C GLY B 375 40.25 -17.78 -2.37
N GLY B 376 38.95 -17.52 -2.30
CA GLY B 376 37.99 -18.10 -3.24
C GLY B 376 36.73 -17.26 -3.37
N THR B 377 35.59 -17.93 -3.31
CA THR B 377 34.28 -17.30 -3.51
C THR B 377 33.30 -17.71 -2.41
N LEU B 378 32.77 -16.73 -1.68
CA LEU B 378 31.80 -17.00 -0.63
C LEU B 378 30.46 -17.40 -1.21
N GLU B 379 29.87 -18.43 -0.62
CA GLU B 379 28.55 -18.92 -1.00
C GLU B 379 27.58 -18.49 0.08
N GLY B 380 26.30 -18.47 -0.24
CA GLY B 380 25.27 -18.25 0.79
C GLY B 380 25.26 -19.50 1.69
N GLY B 381 24.61 -19.42 2.84
CA GLY B 381 24.57 -20.56 3.74
C GLY B 381 24.21 -20.16 5.16
N GLU B 382 24.70 -20.93 6.13
CA GLU B 382 24.35 -20.69 7.51
C GLU B 382 25.55 -20.99 8.39
N VAL B 383 25.83 -20.05 9.27
CA VAL B 383 26.97 -20.16 10.20
C VAL B 383 26.51 -19.84 11.61
N ASN B 384 27.34 -20.21 12.59
CA ASN B 384 27.06 -19.98 14.01
CA ASN B 384 27.03 -19.95 13.99
C ASN B 384 28.02 -18.94 14.54
N SER B 385 27.54 -17.97 15.32
CA SER B 385 28.41 -16.95 15.91
C SER B 385 29.19 -17.52 17.10
N TYR B 386 28.71 -18.63 17.66
CA TYR B 386 29.31 -19.20 18.88
C TYR B 386 29.28 -18.18 20.03
N ASP B 387 28.24 -17.35 19.98
CA ASP B 387 27.95 -16.31 20.98
C ASP B 387 28.98 -15.22 21.05
N ASP B 388 29.76 -15.07 19.99
CA ASP B 388 30.86 -14.09 19.91
C ASP B 388 30.48 -12.96 18.95
N HIS B 389 30.37 -11.76 19.51
CA HIS B 389 30.00 -10.57 18.77
C HIS B 389 30.76 -10.34 17.48
N ARG B 390 32.06 -10.57 17.51
CA ARG B 390 32.88 -10.35 16.33
C ARG B 390 32.76 -11.43 15.26
N ILE B 391 32.53 -12.67 15.66
CA ILE B 391 32.26 -13.74 14.72
C ILE B 391 30.95 -13.38 14.00
N ALA B 392 29.94 -12.92 14.77
CA ALA B 392 28.65 -12.53 14.21
C ALA B 392 28.77 -11.41 13.19
N MET B 393 29.43 -10.33 13.57
CA MET B 393 29.56 -9.21 12.65
C MET B 393 30.45 -9.55 11.45
N ALA B 394 31.48 -10.37 11.64
CA ALA B 394 32.37 -10.76 10.54
C ALA B 394 31.56 -11.51 9.47
N PHE B 395 30.68 -12.42 9.89
CA PHE B 395 29.87 -13.13 8.88
C PHE B 395 28.77 -12.26 8.28
N ALA B 396 28.29 -11.25 9.02
CA ALA B 396 27.38 -10.27 8.43
C ALA B 396 28.11 -9.56 7.27
N VAL B 397 29.39 -9.25 7.47
CA VAL B 397 30.24 -8.65 6.41
C VAL B 397 30.41 -9.63 5.24
N ALA B 398 30.61 -10.91 5.54
CA ALA B 398 30.74 -11.92 4.50
C ALA B 398 29.51 -11.89 3.59
N GLY B 399 28.35 -11.62 4.21
CA GLY B 399 27.08 -11.56 3.49
C GLY B 399 27.00 -10.50 2.41
N THR B 400 27.86 -9.48 2.48
CA THR B 400 27.84 -8.43 1.45
C THR B 400 28.27 -8.99 0.08
N LEU B 401 29.16 -9.95 0.07
CA LEU B 401 29.70 -10.49 -1.18
C LEU B 401 29.26 -11.94 -1.48
N ALA B 402 28.72 -12.62 -0.48
CA ALA B 402 28.30 -14.00 -0.65
C ALA B 402 27.33 -14.11 -1.82
N LYS B 403 27.38 -15.24 -2.51
CA LYS B 403 26.51 -15.44 -3.69
C LYS B 403 25.03 -15.47 -3.34
N GLY B 404 24.72 -15.87 -2.12
CA GLY B 404 23.36 -15.96 -1.64
C GLY B 404 23.23 -15.46 -0.21
N PRO B 405 22.02 -15.55 0.34
CA PRO B 405 21.78 -15.09 1.71
C PRO B 405 22.62 -15.86 2.71
N VAL B 406 23.02 -15.18 3.78
CA VAL B 406 23.77 -15.78 4.88
C VAL B 406 23.01 -15.60 6.16
N ARG B 407 22.78 -16.73 6.84
CA ARG B 407 22.12 -16.79 8.13
C ARG B 407 23.21 -16.93 9.18
N ILE B 408 23.26 -15.98 10.13
CA ILE B 408 24.23 -16.00 11.21
C ILE B 408 23.47 -16.27 12.51
N ARG B 409 23.66 -17.44 13.12
CA ARG B 409 22.97 -17.82 14.34
CA ARG B 409 22.91 -17.77 14.32
C ARG B 409 23.48 -17.12 15.59
N ASN B 410 22.53 -16.72 16.45
CA ASN B 410 22.85 -16.22 17.78
CA ASN B 410 22.84 -16.21 17.79
C ASN B 410 23.67 -14.93 17.85
N CYS B 411 23.02 -13.84 17.52
CA CYS B 411 23.70 -12.54 17.48
C CYS B 411 23.37 -11.61 18.63
N ASP B 412 22.80 -12.18 19.68
CA ASP B 412 22.41 -11.37 20.85
C ASP B 412 23.60 -10.63 21.50
N ASN B 413 24.80 -11.17 21.39
CA ASN B 413 25.95 -10.52 22.04
C ASN B 413 26.60 -9.39 21.27
N VAL B 414 26.09 -9.08 20.07
CA VAL B 414 26.64 -7.95 19.30
C VAL B 414 26.48 -6.67 20.14
N LYS B 415 25.45 -6.61 20.99
CA LYS B 415 25.20 -5.46 21.89
C LYS B 415 26.33 -5.24 22.93
N THR B 416 27.22 -6.21 23.09
CA THR B 416 28.34 -6.02 24.03
C THR B 416 29.29 -4.95 23.53
N SER B 417 29.38 -4.77 22.21
CA SER B 417 30.34 -3.84 21.64
C SER B 417 29.80 -2.92 20.58
N PHE B 418 28.63 -3.20 20.01
CA PHE B 418 28.15 -2.39 18.88
C PHE B 418 26.61 -2.44 18.88
N PRO B 419 26.00 -1.73 19.84
CA PRO B 419 24.54 -1.82 19.98
C PRO B 419 23.73 -1.48 18.71
N ASN B 420 24.21 -0.53 17.91
CA ASN B 420 23.50 -0.10 16.69
C ASN B 420 24.07 -0.65 15.39
N PHE B 421 24.73 -1.81 15.47
CA PHE B 421 25.31 -2.42 14.29
C PHE B 421 24.33 -2.57 13.11
N VAL B 422 23.15 -3.11 13.36
CA VAL B 422 22.21 -3.40 12.26
C VAL B 422 21.75 -2.09 11.61
N GLU B 423 21.44 -1.11 12.45
CA GLU B 423 21.00 0.20 11.96
C GLU B 423 22.05 0.83 11.05
N LEU B 424 23.31 0.87 11.49
CA LEU B 424 24.37 1.49 10.70
C LEU B 424 24.70 0.68 9.46
N ALA B 425 24.65 -0.63 9.58
CA ALA B 425 24.95 -1.48 8.44
C ALA B 425 23.97 -1.16 7.32
N ASN B 426 22.68 -1.16 7.65
CA ASN B 426 21.65 -0.88 6.63
C ASN B 426 21.75 0.54 6.07
N GLU B 427 22.12 1.50 6.90
CA GLU B 427 22.25 2.89 6.43
C GLU B 427 23.27 3.01 5.29
N VAL B 428 24.33 2.21 5.34
CA VAL B 428 25.37 2.27 4.33
C VAL B 428 25.29 1.25 3.22
N GLY B 429 24.25 0.43 3.17
CA GLY B 429 24.14 -0.51 2.07
C GLY B 429 24.50 -1.95 2.33
N MET B 430 24.78 -2.28 3.59
CA MET B 430 25.03 -3.66 4.03
CA MET B 430 25.07 -3.65 4.03
C MET B 430 23.76 -4.19 4.61
N ASN B 431 23.12 -5.07 3.84
CA ASN B 431 21.83 -5.64 4.15
C ASN B 431 21.86 -6.69 5.26
N VAL B 432 21.28 -6.33 6.39
CA VAL B 432 21.19 -7.19 7.55
C VAL B 432 19.83 -7.02 8.22
N LYS B 433 19.15 -8.14 8.47
CA LYS B 433 17.90 -8.18 9.21
C LYS B 433 18.14 -8.97 10.52
N GLY B 434 17.66 -8.44 11.64
CA GLY B 434 17.63 -9.18 12.89
C GLY B 434 16.32 -9.97 12.89
N VAL B 435 16.40 -11.31 13.03
CA VAL B 435 15.22 -12.18 12.99
C VAL B 435 15.23 -13.12 14.17
N ARG B 436 14.09 -13.73 14.47
CA ARG B 436 13.99 -14.62 15.63
C ARG B 436 14.86 -15.86 15.40
N GLY B 437 15.65 -16.23 16.40
CA GLY B 437 16.47 -17.41 16.29
C GLY B 437 15.73 -18.54 16.98
N ARG B 438 16.16 -19.77 16.75
CA ARG B 438 15.54 -20.89 17.45
C ARG B 438 16.45 -21.02 18.64
N GLY B 439 16.06 -20.32 19.71
CA GLY B 439 16.90 -20.17 20.88
C GLY B 439 16.48 -20.61 22.25
N GLY B 440 16.53 -21.91 22.49
CA GLY B 440 16.30 -22.44 23.84
C GLY B 440 17.68 -22.26 24.46
N PHE B 441 17.80 -21.89 25.74
CA PHE B 441 16.71 -21.69 26.69
C PHE B 441 16.34 -20.21 26.85
N ASN C 2 -13.16 46.73 0.34
CA ASN C 2 -12.25 45.60 0.69
C ASN C 2 -12.57 44.88 1.99
N ALA C 3 -12.68 45.62 3.08
CA ALA C 3 -12.92 45.02 4.39
C ALA C 3 -14.26 44.30 4.46
N MET C 4 -14.28 43.18 5.18
N MET C 4 -14.27 43.15 5.14
CA MET C 4 -15.50 42.40 5.33
CA MET C 4 -15.49 42.37 5.35
C MET C 4 -15.66 42.03 6.80
C MET C 4 -15.63 42.15 6.84
N ASP C 5 -16.88 42.25 7.32
CA ASP C 5 -17.23 41.93 8.70
C ASP C 5 -18.29 40.84 8.65
N TYR C 6 -18.46 40.11 9.75
CA TYR C 6 -19.54 39.15 9.88
C TYR C 6 -20.66 39.73 10.75
N GLN C 7 -21.90 39.44 10.36
CA GLN C 7 -23.08 39.75 11.14
C GLN C 7 -23.77 38.42 11.47
N THR C 8 -24.22 38.27 12.70
CA THR C 8 -24.94 37.07 13.11
C THR C 8 -26.29 37.43 13.68
N ILE C 9 -27.17 36.42 13.71
CA ILE C 9 -28.49 36.49 14.33
C ILE C 9 -28.59 35.19 15.12
N PRO C 10 -29.21 35.20 16.30
CA PRO C 10 -29.29 33.99 17.10
C PRO C 10 -29.96 32.80 16.38
N SER C 11 -29.56 31.58 16.74
CA SER C 11 -30.03 30.34 16.10
C SER C 11 -31.07 29.59 16.92
N GLN C 12 -32.06 29.05 16.22
CA GLN C 12 -33.09 28.21 16.84
C GLN C 12 -32.65 26.75 17.00
N GLY C 13 -31.44 26.44 16.56
CA GLY C 13 -30.89 25.09 16.70
C GLY C 13 -30.23 24.68 15.40
N LEU C 14 -29.01 24.17 15.50
CA LEU C 14 -28.28 23.67 14.35
C LEU C 14 -28.84 22.30 13.95
N SER C 15 -28.82 22.04 12.66
CA SER C 15 -29.30 20.78 12.14
C SER C 15 -28.60 20.45 10.85
N GLY C 16 -28.24 19.19 10.67
CA GLY C 16 -27.65 18.78 9.40
C GLY C 16 -26.43 17.91 9.53
N GLU C 17 -25.89 17.57 8.36
CA GLU C 17 -24.73 16.70 8.26
C GLU C 17 -23.82 17.37 7.27
N ILE C 18 -22.57 17.64 7.67
CA ILE C 18 -21.63 18.28 6.77
C ILE C 18 -20.23 17.71 6.89
N CYS C 19 -19.44 17.93 5.85
CA CYS C 19 -18.03 17.57 5.79
C CYS C 19 -17.25 18.87 5.86
N VAL C 20 -16.36 19.00 6.84
CA VAL C 20 -15.54 20.20 6.92
C VAL C 20 -14.31 20.05 5.98
N PRO C 21 -13.65 21.17 5.65
CA PRO C 21 -12.47 21.10 4.79
C PRO C 21 -11.30 20.39 5.46
N GLY C 22 -10.29 20.10 4.66
CA GLY C 22 -9.14 19.35 5.10
C GLY C 22 -8.32 19.97 6.20
N ASP C 23 -7.55 19.12 6.85
CA ASP C 23 -6.68 19.50 7.94
C ASP C 23 -5.54 20.36 7.43
N LYS C 24 -5.41 21.54 8.02
CA LYS C 24 -4.37 22.50 7.63
C LYS C 24 -2.96 22.02 7.96
N SER C 25 -2.78 21.47 9.17
CA SER C 25 -1.48 20.95 9.62
C SER C 25 -1.01 19.79 8.79
N ILE C 26 -1.89 18.83 8.52
CA ILE C 26 -1.51 17.67 7.71
C ILE C 26 -1.24 18.13 6.27
N SER C 27 -2.05 19.05 5.79
CA SER C 27 -1.89 19.59 4.43
C SER C 27 -0.50 20.19 4.23
N HIS C 28 -0.04 21.02 5.17
CA HIS C 28 1.28 21.61 5.05
C HIS C 28 2.40 20.57 4.88
N ARG C 29 2.37 19.58 5.75
CA ARG C 29 3.36 18.52 5.78
C ARG C 29 3.27 17.61 4.56
N ALA C 30 2.04 17.28 4.15
CA ALA C 30 1.81 16.40 3.00
C ALA C 30 2.46 16.95 1.72
N VAL C 31 2.23 18.23 1.44
CA VAL C 31 2.75 18.81 0.20
C VAL C 31 4.27 18.99 0.28
N LEU C 32 4.78 19.44 1.42
CA LEU C 32 6.21 19.63 1.63
C LEU C 32 7.00 18.34 1.44
N LEU C 33 6.59 17.29 2.13
CA LEU C 33 7.26 16.00 2.03
C LEU C 33 7.08 15.37 0.65
N ALA C 34 5.90 15.52 0.04
CA ALA C 34 5.66 14.97 -1.30
C ALA C 34 6.56 15.65 -2.34
N ALA C 35 6.78 16.95 -2.17
CA ALA C 35 7.59 17.74 -3.10
C ALA C 35 9.02 17.23 -3.25
N ILE C 36 9.59 16.73 -2.15
CA ILE C 36 10.95 16.21 -2.13
C ILE C 36 11.04 14.67 -2.15
N ALA C 37 9.90 14.01 -2.36
CA ALA C 37 9.84 12.55 -2.44
C ALA C 37 10.29 12.10 -3.83
N GLU C 38 10.45 10.80 -3.99
CA GLU C 38 10.72 10.18 -5.30
C GLU C 38 9.42 9.58 -5.74
N GLY C 39 8.89 10.04 -6.87
CA GLY C 39 7.64 9.51 -7.39
C GLY C 39 6.49 10.50 -7.33
N GLN C 40 5.32 10.05 -7.79
CA GLN C 40 4.12 10.86 -7.83
C GLN C 40 3.25 10.60 -6.62
N THR C 41 2.82 11.67 -5.96
CA THR C 41 1.93 11.57 -4.81
C THR C 41 0.67 12.36 -5.15
N GLN C 42 -0.46 11.69 -5.09
CA GLN C 42 -1.73 12.38 -5.23
C GLN C 42 -2.20 12.66 -3.81
N VAL C 43 -2.55 13.92 -3.55
CA VAL C 43 -3.02 14.32 -2.23
C VAL C 43 -4.48 14.72 -2.35
N ASP C 44 -5.38 13.93 -1.74
CA ASP C 44 -6.81 14.22 -1.76
CA ASP C 44 -6.81 14.26 -1.78
C ASP C 44 -7.22 14.88 -0.45
N GLY C 45 -8.18 15.78 -0.52
CA GLY C 45 -8.69 16.50 0.67
C GLY C 45 -7.78 17.61 1.13
N PHE C 46 -6.86 18.03 0.25
CA PHE C 46 -5.94 19.10 0.58
C PHE C 46 -6.76 20.36 0.87
N LEU C 47 -6.36 21.11 1.89
CA LEU C 47 -7.07 22.35 2.27
C LEU C 47 -6.67 23.47 1.33
N MET C 48 -7.61 23.91 0.51
CA MET C 48 -7.36 24.97 -0.46
C MET C 48 -7.57 26.35 0.15
N GLY C 49 -6.89 26.59 1.26
CA GLY C 49 -6.94 27.85 1.97
C GLY C 49 -5.68 28.65 1.70
N ALA C 50 -5.65 29.89 2.18
CA ALA C 50 -4.55 30.80 1.85
C ALA C 50 -3.20 30.34 2.42
N ASP C 51 -3.20 29.82 3.65
CA ASP C 51 -1.96 29.37 4.28
C ASP C 51 -1.34 28.20 3.52
N ASN C 52 -2.17 27.20 3.19
CA ASN C 52 -1.66 26.00 2.53
C ASN C 52 -1.26 26.29 1.08
N LEU C 53 -1.95 27.21 0.41
CA LEU C 53 -1.57 27.57 -0.95
C LEU C 53 -0.28 28.42 -0.95
N ALA C 54 -0.01 29.15 0.14
CA ALA C 54 1.24 29.88 0.29
C ALA C 54 2.40 28.88 0.32
N MET C 55 2.18 27.76 1.03
CA MET C 55 3.16 26.69 1.10
C MET C 55 3.38 26.11 -0.30
N VAL C 56 2.30 25.82 -1.02
CA VAL C 56 2.38 25.28 -2.38
C VAL C 56 3.16 26.24 -3.30
N SER C 57 2.85 27.53 -3.24
CA SER C 57 3.53 28.53 -4.05
CA SER C 57 3.53 28.53 -4.05
C SER C 57 5.01 28.63 -3.72
N ALA C 58 5.34 28.53 -2.44
CA ALA C 58 6.74 28.58 -1.98
C ALA C 58 7.53 27.42 -2.56
N LEU C 59 6.95 26.22 -2.52
CA LEU C 59 7.61 25.02 -3.04
C LEU C 59 7.74 25.11 -4.56
N GLN C 60 6.69 25.59 -5.22
CA GLN C 60 6.75 25.77 -6.68
C GLN C 60 7.88 26.74 -7.05
N GLN C 61 8.07 27.79 -6.27
CA GLN C 61 9.13 28.78 -6.55
C GLN C 61 10.51 28.14 -6.48
N MET C 62 10.64 27.04 -5.75
CA MET C 62 11.91 26.32 -5.64
C MET C 62 11.99 25.12 -6.58
N GLY C 63 11.10 25.05 -7.56
CA GLY C 63 11.14 23.99 -8.57
C GLY C 63 10.30 22.75 -8.32
N ALA C 64 9.50 22.74 -7.27
CA ALA C 64 8.62 21.60 -7.00
C ALA C 64 7.56 21.55 -8.10
N SER C 65 7.11 20.35 -8.44
CA SER C 65 6.08 20.17 -9.46
C SER C 65 4.79 19.80 -8.76
N ILE C 66 3.95 20.79 -8.56
CA ILE C 66 2.69 20.61 -7.86
C ILE C 66 1.53 21.11 -8.71
N GLN C 67 0.65 20.18 -9.11
CA GLN C 67 -0.53 20.54 -9.89
C GLN C 67 -1.68 20.71 -8.92
N VAL C 68 -2.24 21.91 -8.88
CA VAL C 68 -3.34 22.23 -7.99
C VAL C 68 -4.65 22.11 -8.75
N ILE C 69 -5.55 21.28 -8.24
CA ILE C 69 -6.87 21.11 -8.80
C ILE C 69 -7.79 21.61 -7.70
N GLU C 70 -7.91 22.93 -7.64
CA GLU C 70 -8.64 23.60 -6.55
C GLU C 70 -10.07 23.12 -6.33
N ASP C 71 -10.85 22.98 -7.40
N ASP C 71 -10.85 22.97 -7.41
CA ASP C 71 -12.24 22.56 -7.31
CA ASP C 71 -12.25 22.58 -7.29
C ASP C 71 -12.45 21.18 -6.69
C ASP C 71 -12.49 21.14 -6.81
N GLU C 72 -11.45 20.32 -6.78
CA GLU C 72 -11.56 18.96 -6.28
C GLU C 72 -10.76 18.75 -4.99
N ASN C 73 -10.11 19.80 -4.48
CA ASN C 73 -9.25 19.68 -3.29
C ASN C 73 -8.15 18.62 -3.45
N ILE C 74 -7.58 18.56 -4.65
CA ILE C 74 -6.52 17.60 -4.95
C ILE C 74 -5.24 18.28 -5.44
N LEU C 75 -4.12 17.68 -5.04
CA LEU C 75 -2.82 18.05 -5.59
C LEU C 75 -2.25 16.79 -6.23
N VAL C 76 -1.59 16.96 -7.37
CA VAL C 76 -0.82 15.87 -7.99
C VAL C 76 0.60 16.38 -7.93
N VAL C 77 1.43 15.74 -7.11
CA VAL C 77 2.79 16.19 -6.93
C VAL C 77 3.77 15.24 -7.59
N GLU C 78 4.69 15.79 -8.37
CA GLU C 78 5.75 15.01 -8.98
C GLU C 78 7.02 15.34 -8.18
N GLY C 79 7.45 14.42 -7.32
CA GLY C 79 8.61 14.64 -6.45
C GLY C 79 9.91 14.95 -7.15
N VAL C 80 10.70 15.87 -6.58
CA VAL C 80 12.01 16.23 -7.16
C VAL C 80 13.19 15.58 -6.42
N GLY C 81 12.90 14.69 -5.48
CA GLY C 81 13.95 14.01 -4.71
C GLY C 81 14.48 14.90 -3.60
N MET C 82 15.25 14.32 -2.67
CA MET C 82 15.72 15.07 -1.50
C MET C 82 16.57 16.30 -1.83
N THR C 83 17.39 16.18 -2.88
CA THR C 83 18.29 17.26 -3.27
C THR C 83 17.77 18.02 -4.51
N GLY C 84 16.50 17.85 -4.84
CA GLY C 84 15.93 18.44 -6.04
C GLY C 84 15.49 19.89 -6.00
N LEU C 85 15.44 20.49 -4.81
CA LEU C 85 15.01 21.91 -4.72
C LEU C 85 16.10 22.85 -5.24
N GLN C 86 15.68 24.04 -5.65
CA GLN C 86 16.60 25.07 -6.15
C GLN C 86 16.28 26.40 -5.52
N ALA C 87 17.28 27.28 -5.45
CA ALA C 87 17.09 28.60 -4.86
C ALA C 87 15.95 29.33 -5.56
N PRO C 88 15.03 29.94 -4.80
CA PRO C 88 13.95 30.66 -5.43
C PRO C 88 14.43 32.04 -5.90
N PRO C 89 13.82 32.58 -6.97
CA PRO C 89 14.24 33.88 -7.50
C PRO C 89 13.92 35.08 -6.58
N GLU C 90 12.94 34.92 -5.70
CA GLU C 90 12.51 35.99 -4.80
C GLU C 90 12.36 35.45 -3.39
N ALA C 91 11.99 36.32 -2.46
CA ALA C 91 11.74 35.89 -1.09
C ALA C 91 10.50 35.01 -1.10
N LEU C 92 10.47 34.00 -0.23
CA LEU C 92 9.29 33.14 -0.12
C LEU C 92 8.28 33.84 0.78
N ASP C 93 7.09 34.13 0.25
CA ASP C 93 6.04 34.82 0.99
C ASP C 93 5.13 33.79 1.65
N CYS C 94 5.28 33.63 2.96
CA CYS C 94 4.50 32.64 3.72
C CYS C 94 3.13 33.16 4.17
N GLY C 95 2.78 34.37 3.74
CA GLY C 95 1.49 34.97 4.07
C GLY C 95 1.29 35.07 5.57
N ASN C 96 0.17 34.53 6.04
CA ASN C 96 -0.20 34.56 7.47
C ASN C 96 0.33 33.33 8.23
N SER C 97 1.01 32.43 7.52
CA SER C 97 1.35 31.10 8.07
C SER C 97 2.64 30.90 8.84
N GLY C 98 2.51 30.79 10.16
CA GLY C 98 3.64 30.44 11.02
C GLY C 98 4.12 29.03 10.72
N THR C 99 3.18 28.08 10.55
CA THR C 99 3.54 26.69 10.22
C THR C 99 4.39 26.63 8.96
N ALA C 100 3.98 27.35 7.93
CA ALA C 100 4.73 27.37 6.66
C ALA C 100 6.17 27.86 6.84
N ILE C 101 6.33 28.99 7.52
CA ILE C 101 7.68 29.59 7.64
C ILE C 101 8.58 28.77 8.55
N ARG C 102 8.03 28.21 9.62
CA ARG C 102 8.85 27.45 10.54
C ARG C 102 9.24 26.06 9.96
N LEU C 103 8.31 25.40 9.26
CA LEU C 103 8.62 24.13 8.62
C LEU C 103 9.57 24.34 7.44
N LEU C 104 9.33 25.37 6.62
CA LEU C 104 10.25 25.64 5.52
C LEU C 104 11.63 25.98 6.02
N SER C 105 11.73 26.66 7.16
CA SER C 105 13.05 26.99 7.72
C SER C 105 13.86 25.71 7.99
N GLY C 106 13.20 24.67 8.52
CA GLY C 106 13.85 23.40 8.77
C GLY C 106 14.32 22.72 7.50
N LEU C 107 13.43 22.68 6.50
CA LEU C 107 13.73 22.09 5.19
C LEU C 107 14.90 22.76 4.47
N LEU C 108 14.96 24.08 4.60
CA LEU C 108 15.94 24.89 3.88
C LEU C 108 17.29 25.13 4.57
N ALA C 109 17.35 24.90 5.88
CA ALA C 109 18.58 25.13 6.64
C ALA C 109 19.76 24.32 6.12
N GLY C 110 19.49 23.14 5.55
CA GLY C 110 20.53 22.23 5.06
C GLY C 110 20.69 22.13 3.57
N GLN C 111 20.09 23.06 2.82
CA GLN C 111 20.18 23.07 1.37
C GLN C 111 21.46 23.80 0.96
N PRO C 112 21.95 23.53 -0.26
CA PRO C 112 23.17 24.18 -0.79
C PRO C 112 22.89 25.54 -1.45
N PHE C 113 21.88 26.25 -0.96
CA PHE C 113 21.55 27.60 -1.43
C PHE C 113 20.98 28.45 -0.28
N ASN C 114 20.77 29.73 -0.55
CA ASN C 114 20.26 30.67 0.43
C ASN C 114 18.80 31.02 0.09
N THR C 115 18.02 31.30 1.14
CA THR C 115 16.61 31.64 0.96
C THR C 115 16.17 32.70 1.95
N VAL C 116 15.35 33.63 1.47
CA VAL C 116 14.73 34.65 2.32
C VAL C 116 13.27 34.25 2.49
N LEU C 117 12.82 34.18 3.74
CA LEU C 117 11.44 33.82 4.05
CA LEU C 117 11.43 33.85 4.01
C LEU C 117 10.77 35.00 4.75
N THR C 118 9.58 35.40 4.26
CA THR C 118 8.86 36.50 4.88
C THR C 118 7.37 36.24 4.88
N GLY C 119 6.58 37.24 5.27
CA GLY C 119 5.13 37.09 5.31
C GLY C 119 4.41 38.40 5.55
N ASP C 120 3.15 38.32 5.98
CA ASP C 120 2.35 39.51 6.23
C ASP C 120 2.72 40.17 7.55
N SER C 121 2.06 41.30 7.84
CA SER C 121 2.33 42.07 9.06
C SER C 121 2.20 41.25 10.35
N SER C 122 1.24 40.35 10.39
CA SER C 122 1.05 39.46 11.55
C SER C 122 2.22 38.50 11.68
N LEU C 123 2.61 37.89 10.55
CA LEU C 123 3.69 36.91 10.59
C LEU C 123 5.03 37.55 10.97
N GLN C 124 5.23 38.82 10.59
CA GLN C 124 6.47 39.52 10.90
C GLN C 124 6.61 39.91 12.38
N ARG C 125 5.58 39.62 13.18
CA ARG C 125 5.64 39.88 14.61
C ARG C 125 5.77 38.56 15.40
N ARG C 126 5.82 37.42 14.72
CA ARG C 126 5.83 36.15 15.43
C ARG C 126 7.22 35.57 15.71
N PRO C 127 7.37 34.93 16.88
CA PRO C 127 8.68 34.52 17.38
C PRO C 127 9.41 33.41 16.65
N MET C 128 10.65 33.68 16.24
CA MET C 128 11.45 32.69 15.51
C MET C 128 12.72 32.26 16.25
N LYS C 129 12.97 32.82 17.43
CA LYS C 129 14.13 32.40 18.23
C LYS C 129 14.06 30.90 18.51
N ARG C 130 12.84 30.42 18.76
CA ARG C 130 12.57 29.00 19.03
C ARG C 130 13.04 28.02 17.95
N ILE C 131 13.17 28.46 16.70
CA ILE C 131 13.70 27.59 15.66
C ILE C 131 15.15 27.97 15.32
N ILE C 132 15.47 29.26 15.37
CA ILE C 132 16.81 29.72 15.07
C ILE C 132 17.85 29.12 16.00
N ASP C 133 17.57 29.12 17.30
CA ASP C 133 18.53 28.56 18.25
C ASP C 133 18.91 27.08 17.99
N PRO C 134 17.94 26.15 18.01
CA PRO C 134 18.31 24.75 17.74
C PRO C 134 18.86 24.49 16.33
N LEU C 135 18.35 25.18 15.31
CA LEU C 135 18.90 25.00 13.97
C LEU C 135 20.38 25.45 13.95
N THR C 136 20.68 26.50 14.69
CA THR C 136 22.06 27.01 14.78
C THR C 136 22.97 25.96 15.45
N LEU C 137 22.40 25.21 16.40
CA LEU C 137 23.14 24.12 17.06
C LEU C 137 23.47 22.97 16.09
N MET C 138 22.67 22.84 15.03
CA MET C 138 22.88 21.83 14.00
C MET C 138 23.87 22.33 12.93
N GLY C 139 24.25 23.60 13.01
CA GLY C 139 25.18 24.21 12.06
C GLY C 139 24.52 25.17 11.08
N ALA C 140 23.27 25.53 11.32
CA ALA C 140 22.58 26.44 10.42
C ALA C 140 23.03 27.88 10.67
N LYS C 141 22.75 28.73 9.68
CA LYS C 141 23.05 30.15 9.79
CA LYS C 141 23.06 30.14 9.76
C LYS C 141 21.83 30.92 9.29
N ILE C 142 21.12 31.54 10.22
CA ILE C 142 19.91 32.27 9.89
C ILE C 142 19.97 33.70 10.42
N ASP C 143 19.80 34.65 9.51
CA ASP C 143 19.81 36.04 9.87
C ASP C 143 18.36 36.49 10.05
N SER C 144 18.15 37.43 10.97
CA SER C 144 16.84 38.00 11.21
C SER C 144 17.05 39.25 12.03
N THR C 145 16.09 40.18 11.98
CA THR C 145 16.16 41.36 12.84
C THR C 145 15.13 41.17 13.95
N GLY C 146 15.63 41.00 15.17
CA GLY C 146 14.78 40.87 16.34
C GLY C 146 14.12 39.51 16.51
N ASN C 147 14.72 38.46 15.96
CA ASN C 147 14.19 37.11 16.07
C ASN C 147 12.76 36.95 15.54
N VAL C 148 12.43 37.74 14.54
CA VAL C 148 11.15 37.65 13.84
C VAL C 148 11.41 37.69 12.33
N PRO C 149 10.43 37.27 11.53
CA PRO C 149 10.65 37.38 10.10
C PRO C 149 10.67 38.85 9.66
N PRO C 150 11.27 39.14 8.49
CA PRO C 150 11.88 38.22 7.54
C PRO C 150 13.17 37.53 8.01
N LEU C 151 13.34 36.29 7.58
CA LEU C 151 14.51 35.48 7.90
C LEU C 151 15.35 35.25 6.63
N LYS C 152 16.66 35.23 6.76
CA LYS C 152 17.50 34.85 5.61
C LYS C 152 18.30 33.63 6.01
N ILE C 153 18.07 32.53 5.31
CA ILE C 153 18.76 31.29 5.60
C ILE C 153 19.94 31.13 4.66
N TYR C 154 21.12 30.97 5.25
CA TYR C 154 22.35 30.69 4.52
C TYR C 154 22.54 29.18 4.62
N GLY C 155 22.02 28.48 3.61
CA GLY C 155 22.04 27.03 3.57
C GLY C 155 23.38 26.40 3.86
N ASN C 156 23.36 25.36 4.69
CA ASN C 156 24.55 24.61 5.06
C ASN C 156 24.30 23.12 4.85
N PRO C 157 24.79 22.56 3.73
CA PRO C 157 24.57 21.13 3.52
C PRO C 157 25.35 20.21 4.48
N ARG C 158 26.15 20.80 5.36
CA ARG C 158 26.92 20.02 6.34
C ARG C 158 26.36 20.08 7.75
N LEU C 159 25.04 20.11 7.86
CA LEU C 159 24.43 20.12 9.17
C LEU C 159 24.75 18.82 9.90
N THR C 160 24.78 18.91 11.22
CA THR C 160 24.99 17.74 12.04
C THR C 160 23.78 17.60 12.96
N GLY C 161 23.40 16.35 13.23
CA GLY C 161 22.25 16.07 14.08
C GLY C 161 22.50 16.48 15.51
N ILE C 162 21.41 16.71 16.24
CA ILE C 162 21.48 17.08 17.65
C ILE C 162 20.43 16.34 18.49
N HIS C 163 20.66 16.32 19.79
CA HIS C 163 19.71 15.82 20.79
C HIS C 163 19.20 17.11 21.41
N TYR C 164 17.90 17.39 21.26
CA TYR C 164 17.32 18.63 21.73
C TYR C 164 15.99 18.41 22.43
N GLN C 165 15.84 19.01 23.60
CA GLN C 165 14.59 18.93 24.33
C GLN C 165 13.83 20.22 24.13
N LEU C 166 12.57 20.10 23.70
CA LEU C 166 11.76 21.28 23.45
C LEU C 166 11.49 22.07 24.73
N PRO C 167 11.76 23.39 24.69
CA PRO C 167 11.50 24.25 25.86
C PRO C 167 10.03 24.64 25.97
N MET C 168 9.29 24.50 24.87
CA MET C 168 7.84 24.74 24.89
C MET C 168 7.20 23.64 24.05
N ALA C 169 5.92 23.36 24.30
CA ALA C 169 5.22 22.28 23.60
C ALA C 169 4.87 22.64 22.17
N SER C 170 5.90 22.80 21.33
CA SER C 170 5.74 23.20 19.95
C SER C 170 5.93 22.12 18.90
N ALA C 171 4.85 21.74 18.23
CA ALA C 171 4.95 20.78 17.15
C ALA C 171 5.67 21.41 15.97
N GLN C 172 5.61 22.75 15.83
CA GLN C 172 6.31 23.38 14.72
C GLN C 172 7.81 23.31 14.95
N VAL C 173 8.27 23.54 16.17
CA VAL C 173 9.72 23.45 16.46
C VAL C 173 10.17 22.01 16.24
N LYS C 174 9.40 21.05 16.76
CA LYS C 174 9.70 19.63 16.57
C LYS C 174 9.80 19.26 15.09
N SER C 175 8.85 19.73 14.30
CA SER C 175 8.82 19.41 12.88
C SER C 175 9.98 20.05 12.14
N CYS C 176 10.22 21.32 12.43
CA CYS C 176 11.33 22.06 11.85
C CYS C 176 12.62 21.26 11.98
N LEU C 177 12.87 20.81 13.20
CA LEU C 177 14.09 20.08 13.52
C LEU C 177 14.18 18.71 12.85
N LEU C 178 13.08 17.98 12.79
CA LEU C 178 13.05 16.69 12.13
C LEU C 178 13.32 16.83 10.63
N LEU C 179 12.77 17.88 10.03
CA LEU C 179 13.00 18.17 8.60
C LEU C 179 14.49 18.44 8.35
N ALA C 180 15.09 19.28 9.19
CA ALA C 180 16.53 19.54 9.07
C ALA C 180 17.27 18.22 9.31
N GLY C 181 16.75 17.41 10.23
CA GLY C 181 17.36 16.11 10.54
C GLY C 181 17.49 15.18 9.36
N LEU C 182 16.62 15.31 8.36
CA LEU C 182 16.71 14.47 7.16
C LEU C 182 17.92 14.81 6.32
N TYR C 183 18.44 16.03 6.51
CA TYR C 183 19.59 16.53 5.77
C TYR C 183 20.88 16.58 6.61
N ALA C 184 20.76 16.31 7.90
CA ALA C 184 21.88 16.38 8.83
C ALA C 184 22.63 15.06 9.00
N ARG C 185 23.92 15.18 9.26
CA ARG C 185 24.77 14.02 9.45
C ARG C 185 24.48 13.37 10.79
N GLY C 186 24.16 12.08 10.79
CA GLY C 186 23.89 11.34 12.02
C GLY C 186 22.46 11.48 12.51
N LYS C 187 22.26 11.28 13.82
CA LYS C 187 20.94 11.31 14.42
C LYS C 187 20.51 12.64 15.01
N THR C 188 19.24 12.96 14.77
CA THR C 188 18.60 14.12 15.37
C THR C 188 17.48 13.53 16.22
N CYS C 189 17.53 13.81 17.51
CA CYS C 189 16.58 13.30 18.47
C CYS C 189 15.90 14.42 19.23
N ILE C 190 14.58 14.53 19.07
CA ILE C 190 13.79 15.58 19.72
C ILE C 190 12.96 14.99 20.87
N THR C 191 13.15 15.54 22.06
CA THR C 191 12.42 15.12 23.25
C THR C 191 11.31 16.11 23.58
N GLU C 192 10.09 15.58 23.78
CA GLU C 192 8.92 16.41 24.14
C GLU C 192 8.44 16.15 25.55
N PRO C 193 8.70 17.08 26.48
CA PRO C 193 8.15 16.89 27.82
C PRO C 193 6.60 16.91 27.80
N ALA C 194 6.02 17.65 26.85
CA ALA C 194 4.56 17.73 26.70
C ALA C 194 4.22 17.45 25.23
N PRO C 195 3.69 16.25 24.94
CA PRO C 195 3.36 15.85 23.57
C PRO C 195 2.49 16.85 22.82
N SER C 196 2.87 17.10 21.56
CA SER C 196 2.18 18.00 20.67
C SER C 196 1.73 17.18 19.47
N ARG C 197 1.03 17.79 18.54
CA ARG C 197 0.50 17.06 17.38
C ARG C 197 1.64 16.33 16.67
N ASP C 198 1.38 15.07 16.31
CA ASP C 198 2.41 14.18 15.77
C ASP C 198 2.28 13.89 14.27
N HIS C 199 1.67 14.82 13.53
CA HIS C 199 1.46 14.61 12.10
C HIS C 199 2.75 14.44 11.29
N THR C 200 3.83 15.15 11.68
CA THR C 200 5.10 15.02 10.97
C THR C 200 5.63 13.58 11.08
N GLU C 201 5.62 13.07 12.31
CA GLU C 201 6.08 11.70 12.58
C GLU C 201 5.32 10.68 11.73
N ARG C 202 4.00 10.82 11.69
CA ARG C 202 3.15 9.93 10.92
C ARG C 202 3.41 10.02 9.43
N LEU C 203 3.61 11.22 8.92
CA LEU C 203 3.85 11.36 7.49
C LEU C 203 5.24 10.89 7.08
N LEU C 204 6.22 11.06 7.96
CA LEU C 204 7.56 10.60 7.66
C LEU C 204 7.49 9.08 7.42
N LYS C 205 6.78 8.37 8.28
CA LYS C 205 6.62 6.92 8.10
C LYS C 205 5.83 6.58 6.83
N HIS C 206 4.79 7.37 6.55
CA HIS C 206 3.97 7.20 5.36
C HIS C 206 4.82 7.29 4.08
N PHE C 207 5.76 8.23 4.07
CA PHE C 207 6.68 8.40 2.94
C PHE C 207 7.94 7.52 3.07
N HIS C 208 7.81 6.44 3.85
CA HIS C 208 8.88 5.45 3.97
C HIS C 208 10.20 5.94 4.55
N TYR C 209 10.14 6.94 5.43
CA TYR C 209 11.36 7.40 6.06
C TYR C 209 11.46 6.66 7.41
N THR C 210 12.67 6.21 7.75
CA THR C 210 12.90 5.47 9.01
C THR C 210 12.90 6.37 10.23
N LEU C 211 12.12 6.00 11.23
CA LEU C 211 11.98 6.78 12.44
C LEU C 211 12.02 5.91 13.70
N GLN C 212 12.63 6.42 14.78
CA GLN C 212 12.66 5.72 16.07
C GLN C 212 11.94 6.54 17.15
N LYS C 213 11.24 5.84 18.04
CA LYS C 213 10.51 6.47 19.16
C LYS C 213 10.89 5.80 20.47
N ASP C 214 11.63 6.52 21.30
CA ASP C 214 12.07 6.04 22.61
C ASP C 214 11.49 6.95 23.68
N LYS C 215 10.59 6.41 24.50
CA LYS C 215 9.97 7.16 25.59
C LYS C 215 9.35 8.47 25.10
N GLN C 216 10.07 9.57 25.28
CA GLN C 216 9.58 10.88 24.88
C GLN C 216 10.36 11.46 23.70
N SER C 217 11.29 10.68 23.14
CA SER C 217 12.13 11.14 22.05
C SER C 217 11.76 10.56 20.69
N ILE C 218 11.89 11.38 19.67
CA ILE C 218 11.64 10.95 18.30
C ILE C 218 12.95 11.19 17.57
N CYS C 219 13.47 10.15 16.91
CA CYS C 219 14.76 10.26 16.22
C CYS C 219 14.70 9.92 14.74
N VAL C 220 15.52 10.64 13.97
CA VAL C 220 15.71 10.36 12.55
C VAL C 220 17.20 10.50 12.28
N SER C 221 17.68 9.83 11.23
CA SER C 221 19.07 9.96 10.81
C SER C 221 19.01 10.55 9.42
N GLY C 222 19.92 11.47 9.13
CA GLY C 222 19.94 12.09 7.80
C GLY C 222 20.40 11.14 6.70
N GLY C 223 20.17 11.53 5.45
CA GLY C 223 20.61 10.75 4.30
C GLY C 223 19.57 9.81 3.73
N GLY C 224 18.42 9.73 4.39
CA GLY C 224 17.33 8.88 3.94
C GLY C 224 16.64 9.48 2.71
N LYS C 225 15.72 8.70 2.16
CA LYS C 225 15.04 9.05 0.92
C LYS C 225 13.53 8.89 1.06
N LEU C 226 12.81 10.00 0.93
CA LEU C 226 11.36 9.96 0.99
C LEU C 226 10.82 9.37 -0.31
N LYS C 227 9.81 8.51 -0.16
CA LYS C 227 9.20 7.81 -1.30
C LYS C 227 7.70 8.11 -1.40
N ALA C 228 7.28 8.55 -2.57
CA ALA C 228 5.91 8.93 -2.84
C ALA C 228 4.90 7.86 -2.38
N ASN C 229 3.78 8.34 -1.86
CA ASN C 229 2.73 7.45 -1.38
C ASN C 229 1.48 8.31 -1.29
N ASP C 230 0.43 7.96 -2.02
CA ASP C 230 -0.79 8.76 -2.04
C ASP C 230 -1.31 9.04 -0.63
N ILE C 231 -1.89 10.22 -0.44
CA ILE C 231 -2.37 10.66 0.87
C ILE C 231 -3.79 11.18 0.81
N SER C 232 -4.62 10.74 1.76
CA SER C 232 -5.99 11.25 1.91
C SER C 232 -6.02 12.05 3.20
N ILE C 233 -6.31 13.33 3.10
CA ILE C 233 -6.29 14.21 4.26
C ILE C 233 -7.67 14.28 4.89
N PRO C 234 -7.76 14.04 6.20
CA PRO C 234 -9.05 14.08 6.84
C PRO C 234 -9.55 15.50 7.11
N GLY C 235 -10.81 15.61 7.49
CA GLY C 235 -11.38 16.89 7.86
C GLY C 235 -10.62 17.46 9.04
N ASP C 236 -10.49 18.78 9.09
CA ASP C 236 -9.77 19.43 10.18
C ASP C 236 -10.67 19.51 11.42
N ILE C 237 -10.24 18.87 12.51
CA ILE C 237 -11.02 18.91 13.74
C ILE C 237 -11.08 20.34 14.27
N SER C 238 -10.07 21.15 13.95
CA SER C 238 -10.09 22.58 14.37
C SER C 238 -11.21 23.35 13.68
N SER C 239 -11.51 22.98 12.45
CA SER C 239 -12.62 23.59 11.71
C SER C 239 -13.93 23.01 12.24
N ALA C 240 -13.97 21.70 12.49
CA ALA C 240 -15.15 21.08 13.05
C ALA C 240 -15.52 21.64 14.42
N ALA C 241 -14.50 22.01 15.20
CA ALA C 241 -14.70 22.51 16.57
C ALA C 241 -15.71 23.64 16.68
N PHE C 242 -15.73 24.53 15.69
CA PHE C 242 -16.70 25.63 15.72
C PHE C 242 -18.13 25.09 15.74
N PHE C 243 -18.39 24.07 14.94
CA PHE C 243 -19.72 23.48 14.85
C PHE C 243 -20.03 22.61 16.06
N ILE C 244 -19.00 21.96 16.60
CA ILE C 244 -19.14 21.12 17.79
C ILE C 244 -19.60 22.02 18.95
N VAL C 245 -18.92 23.14 19.14
CA VAL C 245 -19.33 24.08 20.20
C VAL C 245 -20.71 24.68 19.90
N ALA C 246 -20.95 25.10 18.65
CA ALA C 246 -22.21 25.74 18.32
C ALA C 246 -23.40 24.83 18.63
N ALA C 247 -23.27 23.54 18.27
CA ALA C 247 -24.36 22.58 18.50
C ALA C 247 -24.47 22.22 19.96
N THR C 248 -23.35 22.23 20.67
CA THR C 248 -23.40 21.97 22.09
C THR C 248 -24.17 23.06 22.85
N ILE C 249 -23.88 24.32 22.53
CA ILE C 249 -24.47 25.42 23.30
C ILE C 249 -25.85 25.91 22.85
N THR C 250 -26.27 25.54 21.65
CA THR C 250 -27.52 26.07 21.10
C THR C 250 -28.67 25.10 21.31
N PRO C 251 -29.67 25.50 22.13
CA PRO C 251 -30.78 24.57 22.37
C PRO C 251 -31.42 24.10 21.07
N GLY C 252 -31.81 22.83 21.03
CA GLY C 252 -32.46 22.28 19.84
C GLY C 252 -31.55 21.76 18.76
N SER C 253 -30.24 21.78 19.00
CA SER C 253 -29.28 21.36 18.00
C SER C 253 -28.97 19.86 17.98
N ALA C 254 -28.73 19.36 16.77
CA ALA C 254 -28.26 18.00 16.53
C ALA C 254 -27.60 18.00 15.14
N ILE C 255 -26.30 17.74 15.11
CA ILE C 255 -25.58 17.70 13.84
C ILE C 255 -24.64 16.50 13.77
N ARG C 256 -24.24 16.16 12.54
CA ARG C 256 -23.23 15.12 12.34
C ARG C 256 -22.16 15.72 11.42
N LEU C 257 -20.93 15.59 11.86
CA LEU C 257 -19.77 16.04 11.13
C LEU C 257 -19.07 14.78 10.60
N CYS C 258 -19.03 14.63 9.28
CA CYS C 258 -18.44 13.44 8.65
C CYS C 258 -16.94 13.49 8.38
N ARG C 259 -16.31 12.33 8.56
CA ARG C 259 -14.89 12.09 8.25
CA ARG C 259 -14.90 12.10 8.24
C ARG C 259 -13.94 13.18 8.76
N VAL C 260 -14.02 13.42 10.05
CA VAL C 260 -13.17 14.40 10.71
C VAL C 260 -11.98 13.66 11.30
N GLY C 261 -10.81 14.26 11.21
CA GLY C 261 -9.62 13.70 11.83
C GLY C 261 -9.81 13.65 13.34
N VAL C 262 -9.44 12.54 13.96
CA VAL C 262 -9.57 12.38 15.41
C VAL C 262 -8.26 11.90 16.02
N ASN C 263 -7.16 12.42 15.50
CA ASN C 263 -5.84 12.11 16.04
C ASN C 263 -5.86 12.44 17.53
N PRO C 264 -5.38 11.52 18.40
CA PRO C 264 -5.37 11.80 19.84
C PRO C 264 -4.62 13.08 20.27
N THR C 265 -3.62 13.51 19.49
CA THR C 265 -2.87 14.71 19.81
C THR C 265 -3.59 15.99 19.37
N ARG C 266 -4.79 15.83 18.81
CA ARG C 266 -5.65 16.92 18.34
C ARG C 266 -7.04 16.90 18.98
N LEU C 267 -7.29 15.93 19.87
CA LEU C 267 -8.63 15.72 20.45
C LEU C 267 -9.01 16.50 21.70
N GLY C 268 -8.12 17.39 22.13
CA GLY C 268 -8.34 18.19 23.33
C GLY C 268 -9.71 18.83 23.44
N VAL C 269 -10.22 19.41 22.34
CA VAL C 269 -11.50 20.10 22.43
C VAL C 269 -12.64 19.16 22.81
N ILE C 270 -12.62 17.94 22.28
CA ILE C 270 -13.63 16.92 22.60
C ILE C 270 -13.39 16.42 24.03
N ASN C 271 -12.14 16.15 24.38
CA ASN C 271 -11.80 15.73 25.74
C ASN C 271 -12.36 16.73 26.76
N LEU C 272 -12.07 18.00 26.53
CA LEU C 272 -12.48 19.06 27.45
C LEU C 272 -14.01 19.29 27.44
N LEU C 273 -14.62 19.35 26.25
CA LEU C 273 -16.07 19.52 26.21
C LEU C 273 -16.79 18.37 26.95
N LYS C 274 -16.29 17.15 26.77
CA LYS C 274 -16.86 16.01 27.49
C LYS C 274 -16.72 16.20 29.01
N MET C 275 -15.57 16.69 29.47
CA MET C 275 -15.40 16.99 30.91
C MET C 275 -16.40 18.04 31.41
N MET C 276 -16.81 18.94 30.50
CA MET C 276 -17.77 20.00 30.84
C MET C 276 -19.20 19.52 30.80
N GLY C 277 -19.43 18.31 30.26
CA GLY C 277 -20.78 17.73 30.17
C GLY C 277 -21.38 17.61 28.77
N ALA C 278 -20.58 17.82 27.74
CA ALA C 278 -21.07 17.81 26.37
C ALA C 278 -21.54 16.42 25.93
N ASP C 279 -22.40 16.41 24.90
CA ASP C 279 -22.98 15.21 24.30
C ASP C 279 -22.37 15.03 22.90
N ILE C 280 -21.25 14.31 22.83
CA ILE C 280 -20.51 14.14 21.61
C ILE C 280 -20.26 12.66 21.42
N GLU C 281 -20.69 12.12 20.28
CA GLU C 281 -20.51 10.70 19.96
CA GLU C 281 -20.48 10.71 19.99
C GLU C 281 -19.58 10.57 18.78
N VAL C 282 -18.53 9.77 18.92
CA VAL C 282 -17.58 9.56 17.83
C VAL C 282 -17.79 8.14 17.33
N THR C 283 -18.18 8.01 16.06
CA THR C 283 -18.47 6.72 15.46
C THR C 283 -17.74 6.50 14.13
N HIS C 284 -17.85 5.28 13.60
CA HIS C 284 -17.27 4.96 12.30
C HIS C 284 -15.78 5.30 12.21
N TYR C 285 -15.08 4.93 13.27
CA TYR C 285 -13.63 5.10 13.37
CA TYR C 285 -13.66 5.14 13.36
C TYR C 285 -12.94 4.33 12.26
N THR C 286 -12.04 4.98 11.54
CA THR C 286 -11.30 4.30 10.49
C THR C 286 -9.85 4.77 10.52
N GLU C 287 -8.92 3.83 10.32
CA GLU C 287 -7.50 4.16 10.24
C GLU C 287 -7.01 3.73 8.87
N LYS C 288 -7.96 3.57 7.95
CA LYS C 288 -7.68 3.12 6.58
C LYS C 288 -6.72 4.07 5.87
N ASN C 289 -6.72 5.34 6.28
CA ASN C 289 -5.85 6.34 5.67
C ASN C 289 -4.75 6.89 6.58
N GLU C 290 -4.29 6.08 7.52
CA GLU C 290 -3.16 6.39 8.47
C GLU C 290 -3.29 7.58 9.45
N GLU C 291 -4.18 8.49 9.17
CA GLU C 291 -4.54 9.50 10.16
C GLU C 291 -5.94 9.02 10.53
N PRO C 292 -6.20 8.81 11.82
CA PRO C 292 -7.52 8.32 12.20
C PRO C 292 -8.62 9.33 11.86
N THR C 293 -9.76 8.83 11.39
CA THR C 293 -10.90 9.68 11.09
C THR C 293 -12.15 9.02 11.65
N ALA C 294 -13.17 9.82 11.93
CA ALA C 294 -14.43 9.33 12.44
C ALA C 294 -15.53 10.33 12.15
N ASP C 295 -16.78 9.92 12.37
CA ASP C 295 -17.94 10.79 12.26
C ASP C 295 -18.25 11.24 13.68
N ILE C 296 -18.62 12.50 13.84
CA ILE C 296 -18.85 13.08 15.16
C ILE C 296 -20.28 13.63 15.19
N THR C 297 -21.10 13.10 16.10
CA THR C 297 -22.49 13.55 16.24
C THR C 297 -22.59 14.37 17.52
N VAL C 298 -23.17 15.56 17.42
CA VAL C 298 -23.24 16.47 18.56
C VAL C 298 -24.65 16.95 18.78
N ARG C 299 -25.08 16.92 20.04
CA ARG C 299 -26.41 17.37 20.43
C ARG C 299 -26.28 18.38 21.56
N HIS C 300 -27.23 19.29 21.65
CA HIS C 300 -27.21 20.30 22.71
C HIS C 300 -27.09 19.67 24.10
N ALA C 301 -26.28 20.29 24.95
CA ALA C 301 -26.05 19.83 26.31
C ALA C 301 -25.68 21.00 27.21
N ARG C 302 -26.14 20.94 28.46
CA ARG C 302 -25.80 21.92 29.48
C ARG C 302 -24.34 21.63 29.93
N LEU C 303 -23.58 22.68 30.17
CA LEU C 303 -22.17 22.57 30.54
C LEU C 303 -21.86 23.17 31.90
N LYS C 304 -20.80 22.67 32.51
CA LYS C 304 -20.26 23.17 33.77
C LYS C 304 -18.83 23.64 33.49
N GLY C 305 -18.41 24.68 34.20
CA GLY C 305 -17.06 25.19 34.06
C GLY C 305 -16.06 24.18 34.61
N ILE C 306 -14.83 24.21 34.11
CA ILE C 306 -13.79 23.30 34.60
C ILE C 306 -12.45 23.99 34.73
N ASP C 307 -11.54 23.37 35.49
CA ASP C 307 -10.15 23.81 35.56
C ASP C 307 -9.51 22.99 34.45
N ILE C 308 -8.98 23.65 33.43
CA ILE C 308 -8.40 22.95 32.30
C ILE C 308 -7.04 22.32 32.65
N PRO C 309 -6.93 20.98 32.54
CA PRO C 309 -5.66 20.36 32.87
C PRO C 309 -4.52 20.78 31.93
N PRO C 310 -3.33 21.07 32.46
CA PRO C 310 -2.23 21.50 31.62
C PRO C 310 -1.84 20.51 30.52
N ASP C 311 -2.00 19.21 30.77
CA ASP C 311 -1.66 18.20 29.78
C ASP C 311 -2.48 18.34 28.49
N GLN C 312 -3.66 18.94 28.60
CA GLN C 312 -4.54 19.11 27.44
C GLN C 312 -4.24 20.36 26.63
N VAL C 313 -3.41 21.26 27.15
CA VAL C 313 -3.16 22.51 26.42
C VAL C 313 -2.56 22.33 25.01
N PRO C 314 -1.47 21.56 24.86
CA PRO C 314 -0.93 21.37 23.51
C PRO C 314 -1.90 20.59 22.58
N LEU C 315 -2.78 19.78 23.18
CA LEU C 315 -3.75 19.00 22.43
C LEU C 315 -5.01 19.81 22.04
N THR C 316 -5.09 21.06 22.52
CA THR C 316 -6.26 21.92 22.30
C THR C 316 -5.88 23.35 21.90
N ILE C 317 -4.59 23.58 21.67
CA ILE C 317 -4.07 24.93 21.54
C ILE C 317 -4.89 25.87 20.63
N ASP C 318 -5.28 25.39 19.46
CA ASP C 318 -6.01 26.24 18.53
C ASP C 318 -7.50 26.33 18.79
N GLU C 319 -8.00 25.44 19.65
CA GLU C 319 -9.41 25.41 19.97
C GLU C 319 -9.76 26.25 21.16
N PHE C 320 -8.78 26.86 21.85
CA PHE C 320 -9.16 27.68 23.00
C PHE C 320 -10.09 28.83 22.67
N PRO C 321 -9.94 29.49 21.49
CA PRO C 321 -10.90 30.56 21.21
C PRO C 321 -12.35 30.08 21.25
N VAL C 322 -12.68 28.99 20.56
CA VAL C 322 -14.06 28.53 20.55
C VAL C 322 -14.45 27.83 21.88
N LEU C 323 -13.51 27.18 22.56
CA LEU C 323 -13.80 26.54 23.85
C LEU C 323 -14.19 27.59 24.89
N LEU C 324 -13.58 28.78 24.80
CA LEU C 324 -13.91 29.85 25.75
C LEU C 324 -15.34 30.37 25.56
N ILE C 325 -15.90 30.20 24.36
CA ILE C 325 -17.29 30.51 24.12
C ILE C 325 -18.16 29.48 24.88
N ALA C 326 -17.80 28.20 24.82
CA ALA C 326 -18.51 27.20 25.62
C ALA C 326 -18.40 27.55 27.12
N ALA C 327 -17.22 27.96 27.56
CA ALA C 327 -17.04 28.32 28.97
C ALA C 327 -17.93 29.49 29.36
N ALA C 328 -18.08 30.45 28.45
CA ALA C 328 -18.88 31.66 28.69
C ALA C 328 -20.37 31.37 28.97
N VAL C 329 -20.85 30.21 28.53
CA VAL C 329 -22.25 29.82 28.70
C VAL C 329 -22.44 28.58 29.58
N ALA C 330 -21.37 28.19 30.26
CA ALA C 330 -21.42 27.08 31.17
C ALA C 330 -21.81 27.61 32.54
N GLN C 331 -22.09 26.69 33.45
CA GLN C 331 -22.42 27.04 34.83
C GLN C 331 -21.13 27.00 35.62
N GLY C 332 -20.75 28.12 36.20
CA GLY C 332 -19.56 28.18 37.01
C GLY C 332 -18.35 28.73 36.28
N LYS C 333 -17.22 28.63 36.95
CA LYS C 333 -15.97 29.19 36.51
C LYS C 333 -15.10 28.20 35.75
N THR C 334 -14.46 28.72 34.69
CA THR C 334 -13.51 27.93 33.92
C THR C 334 -12.19 28.66 34.06
N VAL C 335 -11.12 27.91 34.34
CA VAL C 335 -9.79 28.48 34.45
C VAL C 335 -8.82 27.81 33.51
N LEU C 336 -8.19 28.62 32.68
CA LEU C 336 -7.16 28.17 31.77
C LEU C 336 -5.81 28.74 32.23
N ARG C 337 -4.85 27.86 32.50
N ARG C 337 -4.86 27.84 32.46
CA ARG C 337 -3.50 28.27 32.83
CA ARG C 337 -3.51 28.20 32.87
C ARG C 337 -2.51 27.49 31.96
C ARG C 337 -2.52 27.50 31.94
N ASP C 338 -1.25 27.90 32.02
CA ASP C 338 -0.15 27.29 31.25
CA ASP C 338 -0.18 27.28 31.23
C ASP C 338 -0.45 27.38 29.74
N ALA C 339 -1.06 28.49 29.32
CA ALA C 339 -1.39 28.70 27.90
C ALA C 339 -0.81 30.00 27.32
N ALA C 340 0.36 30.42 27.84
CA ALA C 340 1.03 31.62 27.35
C ALA C 340 1.27 31.59 25.84
N GLU C 341 1.40 30.40 25.27
CA GLU C 341 1.58 30.26 23.81
C GLU C 341 0.47 30.95 22.99
N LEU C 342 -0.71 31.10 23.58
CA LEU C 342 -1.82 31.78 22.89
C LEU C 342 -1.49 33.25 22.60
N ARG C 343 -0.53 33.83 23.32
CA ARG C 343 -0.20 35.24 23.11
C ARG C 343 0.63 35.52 21.88
N VAL C 344 1.25 34.47 21.32
CA VAL C 344 2.15 34.63 20.19
C VAL C 344 1.63 34.04 18.88
N LYS C 345 0.31 33.89 18.79
CA LYS C 345 -0.35 33.37 17.60
C LYS C 345 -0.62 34.51 16.60
N GLU C 346 -1.51 34.27 15.63
CA GLU C 346 -1.85 35.28 14.62
C GLU C 346 -2.12 36.63 15.29
N THR C 347 -2.78 36.57 16.44
CA THR C 347 -2.91 37.71 17.33
C THR C 347 -2.65 37.15 18.76
N ASP C 348 -2.65 38.03 19.76
CA ASP C 348 -2.58 37.58 21.15
C ASP C 348 -4.01 37.12 21.44
N ARG C 349 -4.21 35.80 21.41
CA ARG C 349 -5.54 35.22 21.51
C ARG C 349 -6.19 35.36 22.88
N ILE C 350 -5.36 35.47 23.92
CA ILE C 350 -5.89 35.73 25.27
C ILE C 350 -6.49 37.12 25.33
N ALA C 351 -5.74 38.12 24.90
CA ALA C 351 -6.20 39.50 24.89
C ALA C 351 -7.44 39.65 23.99
N ALA C 352 -7.41 39.02 22.83
CA ALA C 352 -8.51 39.12 21.86
C ALA C 352 -9.81 38.48 22.37
N MET C 353 -9.71 37.28 22.93
CA MET C 353 -10.91 36.59 23.44
C MET C 353 -11.51 37.32 24.66
N VAL C 354 -10.66 37.79 25.57
CA VAL C 354 -11.14 38.52 26.74
C VAL C 354 -11.86 39.82 26.35
N ASP C 355 -11.26 40.58 25.45
CA ASP C 355 -11.85 41.84 24.97
C ASP C 355 -13.24 41.59 24.39
N GLY C 356 -13.33 40.64 23.46
CA GLY C 356 -14.59 40.27 22.85
C GLY C 356 -15.63 39.75 23.83
N LEU C 357 -15.23 38.84 24.71
CA LEU C 357 -16.20 38.32 25.70
C LEU C 357 -16.74 39.42 26.60
N GLN C 358 -15.88 40.31 27.04
CA GLN C 358 -16.33 41.43 27.88
C GLN C 358 -17.35 42.27 27.11
N LYS C 359 -17.07 42.47 25.83
CA LYS C 359 -17.98 43.26 24.97
C LYS C 359 -19.36 42.59 24.78
N LEU C 360 -19.44 41.28 24.95
CA LEU C 360 -20.69 40.53 24.83
C LEU C 360 -21.28 40.20 26.21
N GLY C 361 -20.80 40.87 27.24
CA GLY C 361 -21.38 40.79 28.58
C GLY C 361 -20.98 39.65 29.47
N ILE C 362 -19.85 39.04 29.14
CA ILE C 362 -19.33 37.91 29.92
C ILE C 362 -18.20 38.35 30.85
N ALA C 363 -18.22 37.83 32.08
CA ALA C 363 -17.16 38.08 33.05
C ALA C 363 -15.92 37.26 32.66
N ALA C 364 -15.06 37.86 31.86
CA ALA C 364 -13.85 37.23 31.36
C ALA C 364 -12.68 38.13 31.75
N GLU C 365 -11.61 37.52 32.24
CA GLU C 365 -10.41 38.27 32.61
C GLU C 365 -9.16 37.54 32.16
N SER C 366 -8.16 38.31 31.75
CA SER C 366 -6.90 37.77 31.28
C SER C 366 -5.98 37.45 32.45
N LEU C 367 -5.25 36.33 32.35
CA LEU C 367 -4.19 35.98 33.31
C LEU C 367 -2.91 36.00 32.45
N PRO C 368 -1.74 36.13 33.07
CA PRO C 368 -0.53 36.12 32.26
C PRO C 368 -0.41 34.92 31.31
N ASP C 369 -0.80 33.74 31.78
CA ASP C 369 -0.73 32.51 30.98
C ASP C 369 -2.10 31.90 30.72
N GLY C 370 -3.14 32.71 30.74
CA GLY C 370 -4.45 32.15 30.50
C GLY C 370 -5.61 33.09 30.63
N VAL C 371 -6.74 32.51 31.01
CA VAL C 371 -7.98 33.25 31.16
CA VAL C 371 -7.99 33.21 31.12
C VAL C 371 -8.85 32.62 32.24
N ILE C 372 -9.68 33.46 32.84
N ILE C 372 -9.67 33.48 32.85
CA ILE C 372 -10.69 32.98 33.78
CA ILE C 372 -10.68 33.05 33.83
C ILE C 372 -12.02 33.53 33.31
C ILE C 372 -12.03 33.54 33.31
N ILE C 373 -13.01 32.64 33.27
CA ILE C 373 -14.34 32.98 32.81
C ILE C 373 -15.40 32.53 33.78
N GLN C 374 -16.31 33.44 34.12
CA GLN C 374 -17.47 33.14 34.95
CA GLN C 374 -17.46 33.14 34.95
C GLN C 374 -18.59 32.94 33.94
N GLY C 375 -19.12 31.73 33.88
CA GLY C 375 -20.20 31.44 32.92
C GLY C 375 -21.39 32.35 33.13
N GLY C 376 -22.05 32.73 32.04
CA GLY C 376 -23.18 33.60 32.15
C GLY C 376 -24.05 33.53 30.93
N THR C 377 -24.36 34.70 30.39
CA THR C 377 -25.26 34.85 29.25
C THR C 377 -24.69 35.87 28.26
N LEU C 378 -24.54 35.43 27.02
CA LEU C 378 -24.03 36.28 25.95
C LEU C 378 -25.07 37.28 25.47
N GLU C 379 -24.62 38.52 25.33
CA GLU C 379 -25.45 39.58 24.80
C GLU C 379 -25.04 39.85 23.36
N GLY C 380 -25.89 40.51 22.62
CA GLY C 380 -25.50 41.00 21.31
C GLY C 380 -24.48 42.12 21.51
N GLY C 381 -23.74 42.43 20.47
CA GLY C 381 -22.74 43.48 20.53
C GLY C 381 -21.77 43.41 19.35
N GLU C 382 -20.65 44.09 19.49
CA GLU C 382 -19.66 44.16 18.43
C GLU C 382 -18.26 43.84 18.98
N VAL C 383 -17.55 42.95 18.29
CA VAL C 383 -16.24 42.55 18.69
C VAL C 383 -15.27 42.64 17.49
N ASN C 384 -13.98 42.65 17.78
CA ASN C 384 -12.99 42.67 16.72
C ASN C 384 -12.29 41.33 16.62
N SER C 385 -12.04 40.84 15.41
CA SER C 385 -11.29 39.57 15.26
C SER C 385 -9.80 39.77 15.47
N TYR C 386 -9.34 41.03 15.45
CA TYR C 386 -7.90 41.33 15.47
C TYR C 386 -7.16 40.60 14.34
N ASP C 387 -7.85 40.45 13.20
N ASP C 387 -7.87 40.43 13.23
CA ASP C 387 -7.33 39.77 11.99
CA ASP C 387 -7.35 39.79 12.01
C ASP C 387 -6.99 38.29 12.17
C ASP C 387 -7.00 38.30 12.18
N ASP C 388 -7.57 37.67 13.20
CA ASP C 388 -7.31 36.27 13.50
C ASP C 388 -8.54 35.45 13.15
N HIS C 389 -8.35 34.53 12.22
CA HIS C 389 -9.39 33.64 11.73
C HIS C 389 -10.19 32.94 12.81
N ARG C 390 -9.52 32.42 13.85
CA ARG C 390 -10.25 31.68 14.88
C ARG C 390 -10.99 32.58 15.85
N ILE C 391 -10.48 33.77 16.08
CA ILE C 391 -11.21 34.75 16.90
C ILE C 391 -12.53 35.08 16.16
N ALA C 392 -12.42 35.32 14.84
CA ALA C 392 -13.61 35.64 14.03
C ALA C 392 -14.62 34.50 14.08
N MET C 393 -14.19 33.27 13.83
CA MET C 393 -15.12 32.15 13.83
C MET C 393 -15.67 31.85 15.24
N ALA C 394 -14.84 32.00 16.26
CA ALA C 394 -15.30 31.83 17.63
C ALA C 394 -16.46 32.77 17.97
N PHE C 395 -16.36 34.04 17.60
CA PHE C 395 -17.46 34.97 17.90
C PHE C 395 -18.65 34.77 16.97
N ALA C 396 -18.44 34.21 15.79
CA ALA C 396 -19.55 33.81 14.94
C ALA C 396 -20.34 32.70 15.67
N VAL C 397 -19.65 31.80 16.37
CA VAL C 397 -20.28 30.74 17.16
C VAL C 397 -21.01 31.38 18.35
N ALA C 398 -20.39 32.36 19.01
CA ALA C 398 -21.07 33.08 20.10
C ALA C 398 -22.42 33.65 19.64
N GLY C 399 -22.49 34.10 18.39
CA GLY C 399 -23.73 34.64 17.81
C GLY C 399 -24.90 33.66 17.81
N THR C 400 -24.64 32.36 17.83
CA THR C 400 -25.76 31.39 17.89
C THR C 400 -26.64 31.52 19.12
N LEU C 401 -26.04 31.83 20.27
CA LEU C 401 -26.77 31.90 21.53
C LEU C 401 -26.92 33.31 22.09
N ALA C 402 -26.18 34.26 21.52
CA ALA C 402 -26.23 35.63 22.01
C ALA C 402 -27.68 36.14 22.00
N LYS C 403 -28.03 37.03 22.93
CA LYS C 403 -29.40 37.55 22.99
C LYS C 403 -29.77 38.45 21.83
N GLY C 404 -28.76 38.95 21.13
CA GLY C 404 -28.97 39.85 20.00
C GLY C 404 -27.94 39.62 18.91
N PRO C 405 -27.98 40.46 17.86
CA PRO C 405 -27.02 40.31 16.79
C PRO C 405 -25.62 40.64 17.26
N VAL C 406 -24.64 39.94 16.68
CA VAL C 406 -23.25 40.17 16.95
C VAL C 406 -22.58 40.57 15.63
N ARG C 407 -21.76 41.61 15.70
CA ARG C 407 -20.94 42.01 14.57
C ARG C 407 -19.51 41.66 14.91
N ILE C 408 -18.82 41.00 13.98
CA ILE C 408 -17.43 40.61 14.16
C ILE C 408 -16.66 41.36 13.08
N ARG C 409 -15.84 42.29 13.51
CA ARG C 409 -15.06 43.08 12.58
C ARG C 409 -13.87 42.32 12.00
N ASN C 410 -13.64 42.51 10.70
CA ASN C 410 -12.41 42.05 10.03
C ASN C 410 -12.28 40.56 9.88
N CYS C 411 -13.08 39.99 8.99
CA CYS C 411 -13.14 38.56 8.84
C CYS C 411 -12.50 38.04 7.54
N ASP C 412 -11.72 38.87 6.85
CA ASP C 412 -11.12 38.43 5.60
C ASP C 412 -10.15 37.24 5.78
N ASN C 413 -9.50 37.13 6.94
CA ASN C 413 -8.56 36.03 7.18
C ASN C 413 -9.15 34.66 7.50
N VAL C 414 -10.49 34.57 7.59
CA VAL C 414 -11.11 33.27 7.82
C VAL C 414 -10.69 32.33 6.67
N LYS C 415 -10.41 32.90 5.49
CA LYS C 415 -9.99 32.07 4.35
C LYS C 415 -8.61 31.44 4.48
N THR C 416 -7.84 31.81 5.49
CA THR C 416 -6.54 31.17 5.70
C THR C 416 -6.72 29.70 6.10
N SER C 417 -7.84 29.39 6.79
CA SER C 417 -8.08 28.01 7.26
C SER C 417 -9.43 27.40 6.93
N PHE C 418 -10.41 28.21 6.52
CA PHE C 418 -11.77 27.69 6.33
C PHE C 418 -12.48 28.52 5.26
N PRO C 419 -12.11 28.33 3.99
CA PRO C 419 -12.67 29.15 2.91
C PRO C 419 -14.19 29.18 2.84
N ASN C 420 -14.84 28.05 3.12
CA ASN C 420 -16.29 27.98 3.00
C ASN C 420 -17.04 28.03 4.32
N PHE C 421 -16.45 28.69 5.30
CA PHE C 421 -17.07 28.79 6.62
C PHE C 421 -18.49 29.31 6.60
N VAL C 422 -18.72 30.40 5.90
CA VAL C 422 -20.04 31.01 5.90
C VAL C 422 -21.09 30.09 5.28
N GLU C 423 -20.73 29.43 4.17
CA GLU C 423 -21.64 28.51 3.49
C GLU C 423 -22.02 27.35 4.40
N LEU C 424 -21.03 26.73 5.02
CA LEU C 424 -21.27 25.60 5.88
C LEU C 424 -22.01 26.01 7.14
N ALA C 425 -21.67 27.18 7.69
CA ALA C 425 -22.37 27.65 8.89
C ALA C 425 -23.86 27.78 8.61
N ASN C 426 -24.22 28.44 7.51
CA ASN C 426 -25.64 28.62 7.23
C ASN C 426 -26.32 27.29 6.89
N GLU C 427 -25.58 26.39 6.26
CA GLU C 427 -26.13 25.09 5.92
C GLU C 427 -26.64 24.35 7.17
N VAL C 428 -25.95 24.50 8.29
CA VAL C 428 -26.34 23.81 9.52
C VAL C 428 -27.17 24.67 10.48
N GLY C 429 -27.51 25.89 10.07
CA GLY C 429 -28.36 26.72 10.91
C GLY C 429 -27.70 27.75 11.78
N MET C 430 -26.39 27.95 11.61
CA MET C 430 -25.66 29.00 12.32
CA MET C 430 -25.66 29.05 12.29
C MET C 430 -25.72 30.24 11.39
N ASN C 431 -26.46 31.26 11.79
CA ASN C 431 -26.69 32.42 10.96
C ASN C 431 -25.49 33.38 10.90
N VAL C 432 -24.86 33.43 9.74
CA VAL C 432 -23.67 34.27 9.54
C VAL C 432 -23.73 34.90 8.16
N LYS C 433 -23.51 36.22 8.08
CA LYS C 433 -23.48 36.91 6.79
C LYS C 433 -22.26 37.79 6.71
N GLY C 434 -21.61 37.79 5.56
CA GLY C 434 -20.51 38.68 5.31
C GLY C 434 -21.07 40.01 4.80
N VAL C 435 -20.61 41.11 5.40
CA VAL C 435 -21.07 42.44 5.01
C VAL C 435 -19.87 43.37 4.85
N ARG C 436 -20.09 44.49 4.17
CA ARG C 436 -19.03 45.46 3.97
C ARG C 436 -18.55 45.94 5.33
N GLY C 437 -17.23 45.95 5.51
CA GLY C 437 -16.61 46.28 6.75
C GLY C 437 -16.05 47.67 6.87
N ARG C 438 -15.87 48.08 8.12
N ARG C 438 -15.91 48.12 8.13
CA ARG C 438 -15.40 49.41 8.49
CA ARG C 438 -15.39 49.43 8.49
C ARG C 438 -13.93 49.59 8.10
C ARG C 438 -13.91 49.59 8.12
N GLY C 439 -13.19 48.47 8.13
CA GLY C 439 -11.76 48.45 7.81
C GLY C 439 -10.90 48.32 9.07
N ASN D 2 -13.26 16.54 -36.45
CA ASN D 2 -12.42 15.31 -36.52
C ASN D 2 -13.26 14.06 -36.21
N ALA D 3 -13.44 13.21 -37.24
CA ALA D 3 -14.18 11.95 -37.10
C ALA D 3 -13.47 11.08 -36.07
N MET D 4 -14.25 10.33 -35.30
CA MET D 4 -13.73 9.46 -34.24
CA MET D 4 -13.71 9.47 -34.26
C MET D 4 -14.32 8.07 -34.33
N ASP D 5 -13.48 7.05 -34.07
CA ASP D 5 -13.92 5.68 -34.03
C ASP D 5 -13.54 5.17 -32.65
N TYR D 6 -14.13 4.06 -32.23
CA TYR D 6 -13.72 3.44 -30.99
C TYR D 6 -12.93 2.18 -31.33
N GLN D 7 -11.95 1.90 -30.50
CA GLN D 7 -11.16 0.69 -30.59
C GLN D 7 -11.26 -0.04 -29.23
N THR D 8 -11.51 -1.35 -29.23
CA THR D 8 -11.57 -2.12 -28.01
C THR D 8 -10.52 -3.22 -27.95
N ILE D 9 -10.30 -3.71 -26.75
CA ILE D 9 -9.53 -4.93 -26.51
C ILE D 9 -10.32 -5.74 -25.48
N PRO D 10 -10.27 -7.07 -25.57
CA PRO D 10 -11.08 -7.89 -24.69
C PRO D 10 -10.82 -7.63 -23.21
N SER D 11 -11.85 -7.82 -22.40
CA SER D 11 -11.76 -7.52 -20.97
C SER D 11 -11.55 -8.76 -20.12
N GLN D 12 -10.74 -8.62 -19.06
CA GLN D 12 -10.53 -9.71 -18.11
C GLN D 12 -11.65 -9.78 -17.04
N GLY D 13 -12.59 -8.85 -17.08
CA GLY D 13 -13.66 -8.82 -16.09
C GLY D 13 -13.87 -7.41 -15.59
N LEU D 14 -15.13 -6.98 -15.57
CA LEU D 14 -15.46 -5.66 -15.10
C LEU D 14 -15.47 -5.63 -13.58
N SER D 15 -15.10 -4.49 -13.02
CA SER D 15 -15.10 -4.32 -11.58
C SER D 15 -15.34 -2.88 -11.23
N GLY D 16 -16.05 -2.63 -10.15
CA GLY D 16 -16.21 -1.26 -9.69
C GLY D 16 -17.63 -0.80 -9.46
N GLU D 17 -17.72 0.46 -9.09
CA GLU D 17 -18.97 1.12 -8.78
C GLU D 17 -18.99 2.47 -9.50
N ILE D 18 -20.04 2.70 -10.29
CA ILE D 18 -20.17 3.95 -11.03
C ILE D 18 -21.60 4.47 -11.02
N CYS D 19 -21.71 5.77 -11.27
CA CYS D 19 -22.98 6.46 -11.39
C CYS D 19 -23.07 6.92 -12.83
N VAL D 20 -24.06 6.43 -13.55
CA VAL D 20 -24.25 6.84 -14.94
C VAL D 20 -24.89 8.22 -14.99
N PRO D 21 -24.76 8.92 -16.13
CA PRO D 21 -25.34 10.24 -16.27
C PRO D 21 -26.87 10.22 -16.31
N GLY D 22 -27.44 11.41 -16.32
CA GLY D 22 -28.87 11.58 -16.23
C GLY D 22 -29.69 11.02 -17.35
N ASP D 23 -30.97 10.80 -17.04
CA ASP D 23 -31.94 10.29 -18.00
C ASP D 23 -32.27 11.30 -19.13
N LYS D 24 -32.08 10.87 -20.36
CA LYS D 24 -32.25 11.72 -21.51
C LYS D 24 -33.71 12.09 -21.72
N SER D 25 -34.59 11.10 -21.60
CA SER D 25 -36.02 11.29 -21.82
C SER D 25 -36.61 12.27 -20.81
N ILE D 26 -36.27 12.04 -19.54
CA ILE D 26 -36.75 12.90 -18.45
C ILE D 26 -36.16 14.30 -18.58
N SER D 27 -34.87 14.38 -18.89
CA SER D 27 -34.22 15.68 -19.06
C SER D 27 -34.94 16.53 -20.10
N HIS D 28 -35.26 15.93 -21.26
CA HIS D 28 -35.99 16.69 -22.30
C HIS D 28 -37.29 17.33 -21.82
N ARG D 29 -38.09 16.53 -21.15
CA ARG D 29 -39.38 16.95 -20.62
C ARG D 29 -39.22 17.98 -19.48
N ALA D 30 -38.23 17.75 -18.62
CA ALA D 30 -38.01 18.65 -17.46
C ALA D 30 -37.75 20.09 -17.88
N VAL D 31 -36.83 20.30 -18.82
CA VAL D 31 -36.50 21.64 -19.23
C VAL D 31 -37.62 22.28 -20.06
N LEU D 32 -38.31 21.48 -20.87
CA LEU D 32 -39.38 22.02 -21.69
C LEU D 32 -40.52 22.54 -20.81
N LEU D 33 -41.00 21.71 -19.91
CA LEU D 33 -42.10 22.10 -19.04
C LEU D 33 -41.68 23.23 -18.11
N ALA D 34 -40.45 23.18 -17.61
CA ALA D 34 -39.99 24.25 -16.71
C ALA D 34 -39.90 25.58 -17.43
N ALA D 35 -39.56 25.56 -18.72
CA ALA D 35 -39.41 26.79 -19.48
C ALA D 35 -40.72 27.60 -19.55
N ILE D 36 -41.85 26.90 -19.62
CA ILE D 36 -43.16 27.55 -19.74
C ILE D 36 -43.97 27.53 -18.45
N ALA D 37 -43.34 27.10 -17.35
CA ALA D 37 -44.03 27.08 -16.05
C ALA D 37 -43.96 28.46 -15.39
N GLU D 38 -44.65 28.61 -14.26
CA GLU D 38 -44.59 29.86 -13.49
C GLU D 38 -43.75 29.58 -12.26
N GLY D 39 -42.65 30.32 -12.13
CA GLY D 39 -41.74 30.17 -11.00
C GLY D 39 -40.39 29.60 -11.41
N GLN D 40 -39.52 29.46 -10.41
CA GLN D 40 -38.18 28.94 -10.62
C GLN D 40 -38.09 27.43 -10.40
N THR D 41 -37.53 26.72 -11.38
CA THR D 41 -37.34 25.28 -11.27
C THR D 41 -35.85 24.98 -11.38
N GLN D 42 -35.30 24.34 -10.35
CA GLN D 42 -33.91 23.89 -10.41
C GLN D 42 -33.96 22.43 -10.81
N VAL D 43 -33.18 22.06 -11.84
CA VAL D 43 -33.14 20.68 -12.31
C VAL D 43 -31.76 20.09 -12.01
N ASP D 44 -31.71 19.07 -11.14
CA ASP D 44 -30.48 18.37 -10.79
C ASP D 44 -30.41 17.08 -11.59
N GLY D 45 -29.19 16.67 -11.92
CA GLY D 45 -28.97 15.44 -12.70
C GLY D 45 -29.34 15.55 -14.17
N PHE D 46 -29.48 16.78 -14.68
CA PHE D 46 -29.81 17.01 -16.08
C PHE D 46 -28.67 16.42 -16.93
N LEU D 47 -29.04 15.77 -18.02
CA LEU D 47 -28.05 15.13 -18.92
C LEU D 47 -27.45 16.18 -19.84
N MET D 48 -26.17 16.49 -19.62
CA MET D 48 -25.46 17.51 -20.39
C MET D 48 -24.89 16.93 -21.69
N GLY D 49 -25.77 16.28 -22.46
CA GLY D 49 -25.40 15.67 -23.73
C GLY D 49 -25.90 16.54 -24.87
N ALA D 50 -25.54 16.17 -26.09
CA ALA D 50 -25.87 17.01 -27.23
C ALA D 50 -27.34 17.14 -27.49
N ASP D 51 -28.11 16.05 -27.32
CA ASP D 51 -29.54 16.09 -27.61
C ASP D 51 -30.26 17.02 -26.63
N ASN D 52 -29.99 16.84 -25.34
CA ASN D 52 -30.64 17.63 -24.30
C ASN D 52 -30.21 19.11 -24.32
N LEU D 53 -28.96 19.40 -24.67
CA LEU D 53 -28.51 20.78 -24.79
C LEU D 53 -29.11 21.44 -26.06
N ALA D 54 -29.42 20.64 -27.08
CA ALA D 54 -30.08 21.17 -28.31
C ALA D 54 -31.46 21.68 -27.91
N MET D 55 -32.11 20.94 -27.02
CA MET D 55 -33.42 21.30 -26.52
C MET D 55 -33.31 22.61 -25.74
N VAL D 56 -32.30 22.70 -24.89
CA VAL D 56 -32.07 23.95 -24.11
C VAL D 56 -31.91 25.17 -25.01
N SER D 57 -31.06 25.03 -26.03
CA SER D 57 -30.77 26.12 -26.97
CA SER D 57 -30.76 26.11 -26.98
C SER D 57 -32.00 26.54 -27.76
N ALA D 58 -32.79 25.57 -28.20
CA ALA D 58 -34.02 25.84 -28.96
C ALA D 58 -34.99 26.66 -28.12
N LEU D 59 -35.16 26.26 -26.87
CA LEU D 59 -36.00 27.00 -25.94
C LEU D 59 -35.46 28.42 -25.68
N GLN D 60 -34.16 28.56 -25.49
CA GLN D 60 -33.57 29.87 -25.27
C GLN D 60 -33.77 30.76 -26.49
N GLN D 61 -33.73 30.19 -27.69
CA GLN D 61 -33.93 31.00 -28.90
C GLN D 61 -35.35 31.60 -28.92
N MET D 62 -36.27 30.96 -28.20
CA MET D 62 -37.66 31.40 -28.13
C MET D 62 -37.97 32.25 -26.89
N GLY D 63 -36.92 32.61 -26.16
CA GLY D 63 -37.07 33.50 -25.01
C GLY D 63 -37.11 32.88 -23.62
N ALA D 64 -36.87 31.57 -23.54
CA ALA D 64 -36.89 30.89 -22.22
C ALA D 64 -35.65 31.31 -21.45
N SER D 65 -35.73 31.24 -20.13
CA SER D 65 -34.65 31.67 -19.24
C SER D 65 -34.08 30.46 -18.54
N ILE D 66 -32.96 29.96 -19.08
CA ILE D 66 -32.37 28.75 -18.58
C ILE D 66 -30.88 28.95 -18.38
N GLN D 67 -30.47 28.82 -17.12
CA GLN D 67 -29.07 28.95 -16.75
C GLN D 67 -28.49 27.54 -16.68
N VAL D 68 -27.49 27.29 -17.52
CA VAL D 68 -26.85 25.96 -17.61
C VAL D 68 -25.57 25.94 -16.79
N ILE D 69 -25.53 25.06 -15.79
CA ILE D 69 -24.33 24.87 -14.97
C ILE D 69 -23.81 23.49 -15.36
N GLU D 70 -23.15 23.44 -16.52
CA GLU D 70 -22.72 22.18 -17.12
C GLU D 70 -21.91 21.27 -16.17
N ASP D 71 -20.95 21.86 -15.43
CA ASP D 71 -20.08 21.12 -14.50
C ASP D 71 -20.77 20.38 -13.37
N GLU D 72 -21.95 20.84 -12.98
CA GLU D 72 -22.70 20.23 -11.89
C GLU D 72 -23.95 19.50 -12.39
N ASN D 73 -24.13 19.47 -13.71
CA ASN D 73 -25.32 18.82 -14.29
C ASN D 73 -26.59 19.44 -13.72
N ILE D 74 -26.57 20.76 -13.59
CA ILE D 74 -27.73 21.50 -13.05
C ILE D 74 -28.24 22.58 -14.02
N LEU D 75 -29.56 22.75 -14.07
CA LEU D 75 -30.16 23.87 -14.79
C LEU D 75 -30.90 24.70 -13.74
N VAL D 76 -30.95 26.02 -13.94
CA VAL D 76 -31.82 26.87 -13.13
C VAL D 76 -32.71 27.56 -14.16
N VAL D 77 -34.01 27.25 -14.14
CA VAL D 77 -34.94 27.78 -15.13
C VAL D 77 -35.91 28.76 -14.50
N GLU D 78 -36.06 29.93 -15.11
CA GLU D 78 -37.06 30.90 -14.67
C GLU D 78 -38.16 30.83 -15.73
N GLY D 79 -39.28 30.23 -15.38
CA GLY D 79 -40.40 30.08 -16.34
C GLY D 79 -40.99 31.36 -16.91
N VAL D 80 -41.38 31.32 -18.19
CA VAL D 80 -41.98 32.49 -18.84
C VAL D 80 -43.50 32.35 -18.92
N GLY D 81 -44.06 31.38 -18.21
CA GLY D 81 -45.51 31.15 -18.25
C GLY D 81 -45.93 30.45 -19.54
N MET D 82 -47.17 30.00 -19.59
CA MET D 82 -47.64 29.26 -20.78
C MET D 82 -47.54 30.06 -22.07
N THR D 83 -47.74 31.38 -22.00
CA THR D 83 -47.75 32.19 -23.22
C THR D 83 -46.49 33.05 -23.44
N GLY D 84 -45.44 32.76 -22.68
CA GLY D 84 -44.19 33.53 -22.74
C GLY D 84 -43.21 33.32 -23.87
N LEU D 85 -43.36 32.26 -24.63
CA LEU D 85 -42.46 32.00 -25.74
C LEU D 85 -42.73 32.95 -26.91
N GLN D 86 -41.72 33.12 -27.76
CA GLN D 86 -41.82 33.99 -28.93
C GLN D 86 -41.07 33.36 -30.09
N ALA D 87 -41.40 33.79 -31.30
CA ALA D 87 -40.77 33.24 -32.50
C ALA D 87 -39.25 33.38 -32.41
N PRO D 88 -38.53 32.31 -32.77
CA PRO D 88 -37.09 32.39 -32.77
C PRO D 88 -36.62 33.15 -33.99
N PRO D 89 -35.42 33.75 -33.93
CA PRO D 89 -34.90 34.48 -35.08
C PRO D 89 -34.54 33.56 -36.25
N GLU D 90 -34.17 32.32 -35.97
CA GLU D 90 -33.78 31.38 -37.02
C GLU D 90 -34.44 30.01 -36.79
N ALA D 91 -34.27 29.09 -37.73
CA ALA D 91 -34.80 27.75 -37.60
C ALA D 91 -34.19 27.10 -36.34
N LEU D 92 -34.98 26.29 -35.64
CA LEU D 92 -34.49 25.57 -34.45
C LEU D 92 -33.76 24.31 -34.89
N ASP D 93 -32.49 24.20 -34.51
CA ASP D 93 -31.68 23.05 -34.85
C ASP D 93 -31.76 22.01 -33.73
N CYS D 94 -32.50 20.93 -34.00
CA CYS D 94 -32.69 19.87 -33.02
C CYS D 94 -31.59 18.81 -33.05
N GLY D 95 -30.58 19.02 -33.89
CA GLY D 95 -29.46 18.10 -33.98
C GLY D 95 -29.88 16.72 -34.40
N ASN D 96 -29.48 15.74 -33.60
CA ASN D 96 -29.78 14.35 -33.84
C ASN D 96 -31.06 13.88 -33.14
N SER D 97 -31.71 14.79 -32.41
CA SER D 97 -32.82 14.42 -31.49
C SER D 97 -34.27 14.38 -32.02
N GLY D 98 -34.78 13.16 -32.24
CA GLY D 98 -36.18 12.97 -32.63
C GLY D 98 -37.07 13.40 -31.46
N THR D 99 -36.65 13.09 -30.22
CA THR D 99 -37.47 13.47 -29.06
C THR D 99 -37.65 14.98 -29.03
N ALA D 100 -36.56 15.73 -29.27
CA ALA D 100 -36.69 17.19 -29.22
C ALA D 100 -37.60 17.73 -30.32
N ILE D 101 -37.44 17.27 -31.56
CA ILE D 101 -38.27 17.81 -32.64
C ILE D 101 -39.74 17.42 -32.48
N ARG D 102 -40.01 16.20 -32.04
CA ARG D 102 -41.40 15.79 -31.88
C ARG D 102 -42.07 16.49 -30.69
N LEU D 103 -41.35 16.64 -29.56
CA LEU D 103 -41.94 17.30 -28.41
C LEU D 103 -42.11 18.78 -28.70
N LEU D 104 -41.10 19.42 -29.29
CA LEU D 104 -41.22 20.84 -29.63
C LEU D 104 -42.37 21.10 -30.62
N SER D 105 -42.59 20.16 -31.54
CA SER D 105 -43.69 20.34 -32.49
C SER D 105 -45.04 20.45 -31.79
N GLY D 106 -45.24 19.63 -30.76
CA GLY D 106 -46.46 19.66 -29.97
C GLY D 106 -46.60 20.97 -29.24
N LEU D 107 -45.52 21.42 -28.62
CA LEU D 107 -45.49 22.67 -27.89
C LEU D 107 -45.78 23.89 -28.75
N LEU D 108 -45.26 23.87 -29.97
CA LEU D 108 -45.33 25.01 -30.87
C LEU D 108 -46.54 25.06 -31.81
N ALA D 109 -47.22 23.91 -31.99
CA ALA D 109 -48.35 23.86 -32.90
C ALA D 109 -49.44 24.86 -32.52
N GLY D 110 -49.60 25.10 -31.21
CA GLY D 110 -50.64 25.97 -30.68
C GLY D 110 -50.23 27.38 -30.29
N GLN D 111 -49.03 27.80 -30.69
CA GLN D 111 -48.53 29.14 -30.39
C GLN D 111 -49.02 30.15 -31.42
N PRO D 112 -48.99 31.43 -31.08
CA PRO D 112 -49.38 32.50 -32.01
C PRO D 112 -48.25 32.96 -32.95
N PHE D 113 -47.28 32.07 -33.27
CA PHE D 113 -46.19 32.43 -34.18
C PHE D 113 -45.76 31.20 -34.98
N ASN D 114 -44.88 31.42 -35.96
CA ASN D 114 -44.41 30.36 -36.85
C ASN D 114 -43.00 29.95 -36.49
N THR D 115 -42.74 28.65 -36.61
CA THR D 115 -41.44 28.11 -36.26
C THR D 115 -40.98 27.04 -37.27
N VAL D 116 -39.70 27.09 -37.61
CA VAL D 116 -39.10 26.11 -38.49
C VAL D 116 -38.22 25.24 -37.59
N LEU D 117 -38.37 23.93 -37.73
N LEU D 117 -38.37 23.92 -37.71
CA LEU D 117 -37.62 22.94 -36.96
CA LEU D 117 -37.56 22.98 -36.94
C LEU D 117 -36.84 22.04 -37.90
C LEU D 117 -36.85 22.05 -37.89
N THR D 118 -35.55 21.85 -37.63
CA THR D 118 -34.75 20.99 -38.48
C THR D 118 -33.75 20.26 -37.61
N GLY D 119 -32.77 19.63 -38.25
CA GLY D 119 -31.73 18.90 -37.53
C GLY D 119 -30.70 18.38 -38.51
N ASP D 120 -29.95 17.37 -38.07
CA ASP D 120 -28.87 16.82 -38.87
C ASP D 120 -29.39 15.87 -39.95
N SER D 121 -28.49 15.34 -40.78
CA SER D 121 -28.88 14.45 -41.86
C SER D 121 -29.70 13.22 -41.38
N SER D 122 -29.37 12.71 -40.20
CA SER D 122 -30.12 11.58 -39.64
C SER D 122 -31.54 11.99 -39.26
N LEU D 123 -31.65 13.13 -38.59
CA LEU D 123 -32.96 13.62 -38.15
C LEU D 123 -33.88 13.91 -39.35
N GLN D 124 -33.29 14.37 -40.44
CA GLN D 124 -34.04 14.70 -41.65
C GLN D 124 -34.59 13.49 -42.41
N ARG D 125 -34.32 12.28 -41.90
CA ARG D 125 -34.87 11.05 -42.47
C ARG D 125 -35.89 10.41 -41.52
N ARG D 126 -36.10 11.01 -40.36
CA ARG D 126 -36.97 10.43 -39.31
C ARG D 126 -38.43 10.72 -39.63
N PRO D 127 -39.33 9.72 -39.43
CA PRO D 127 -40.73 9.91 -39.81
C PRO D 127 -41.52 10.86 -38.94
N MET D 128 -42.25 11.79 -39.57
CA MET D 128 -43.03 12.79 -38.82
C MET D 128 -44.53 12.72 -39.12
N LYS D 129 -44.95 11.82 -40.01
CA LYS D 129 -46.38 11.67 -40.31
C LYS D 129 -47.14 11.38 -39.02
N ARG D 130 -46.50 10.58 -38.16
CA ARG D 130 -47.08 10.16 -36.89
C ARG D 130 -47.47 11.30 -35.94
N ILE D 131 -46.82 12.46 -36.08
CA ILE D 131 -47.23 13.62 -35.27
C ILE D 131 -47.98 14.66 -36.10
N ILE D 132 -47.64 14.79 -37.38
CA ILE D 132 -48.32 15.76 -38.26
C ILE D 132 -49.79 15.44 -38.37
N ASP D 133 -50.13 14.16 -38.54
CA ASP D 133 -51.54 13.76 -38.71
C ASP D 133 -52.45 14.10 -37.52
N PRO D 134 -52.11 13.64 -36.30
CA PRO D 134 -52.98 13.99 -35.17
C PRO D 134 -52.94 15.48 -34.83
N LEU D 135 -51.77 16.12 -34.93
CA LEU D 135 -51.73 17.55 -34.66
C LEU D 135 -52.65 18.30 -35.64
N THR D 136 -52.67 17.85 -36.89
CA THR D 136 -53.55 18.47 -37.91
C THR D 136 -55.04 18.29 -37.53
N LEU D 137 -55.39 17.17 -36.89
CA LEU D 137 -56.76 16.95 -36.42
C LEU D 137 -57.14 17.94 -35.32
N MET D 138 -56.13 18.48 -34.64
CA MET D 138 -56.33 19.46 -33.58
C MET D 138 -56.41 20.87 -34.15
N GLY D 139 -56.18 21.00 -35.44
CA GLY D 139 -56.21 22.29 -36.10
C GLY D 139 -54.85 22.84 -36.45
N ALA D 140 -53.80 22.04 -36.26
CA ALA D 140 -52.46 22.48 -36.57
C ALA D 140 -52.22 22.55 -38.09
N LYS D 141 -51.23 23.33 -38.48
CA LYS D 141 -50.83 23.47 -39.88
C LYS D 141 -49.31 23.29 -39.90
N ILE D 142 -48.86 22.13 -40.37
CA ILE D 142 -47.44 21.81 -40.40
C ILE D 142 -47.02 21.46 -41.82
N ASP D 143 -46.06 22.22 -42.34
CA ASP D 143 -45.57 22.00 -43.69
C ASP D 143 -44.32 21.13 -43.65
N SER D 144 -44.22 20.23 -44.61
CA SER D 144 -43.08 19.34 -44.73
C SER D 144 -43.07 18.72 -46.10
N THR D 145 -41.88 18.33 -46.55
CA THR D 145 -41.74 17.62 -47.81
C THR D 145 -41.50 16.18 -47.42
N GLY D 146 -42.42 15.30 -47.82
CA GLY D 146 -42.28 13.87 -47.57
C GLY D 146 -42.41 13.44 -46.12
N ASN D 147 -43.12 14.24 -45.33
CA ASN D 147 -43.36 13.95 -43.91
C ASN D 147 -42.12 13.73 -43.05
N VAL D 148 -41.03 14.40 -43.41
CA VAL D 148 -39.80 14.37 -42.61
C VAL D 148 -39.38 15.81 -42.44
N PRO D 149 -38.50 16.07 -41.47
CA PRO D 149 -38.03 17.45 -41.31
C PRO D 149 -37.16 17.87 -42.52
N PRO D 150 -36.95 19.18 -42.71
CA PRO D 150 -37.44 20.26 -41.88
C PRO D 150 -38.95 20.44 -41.89
N LEU D 151 -39.45 20.91 -40.76
CA LEU D 151 -40.85 21.17 -40.56
C LEU D 151 -41.08 22.68 -40.42
N LYS D 152 -42.16 23.18 -40.99
CA LYS D 152 -42.54 24.58 -40.75
C LYS D 152 -43.91 24.53 -40.12
N ILE D 153 -43.97 25.02 -38.88
CA ILE D 153 -45.19 25.04 -38.11
C ILE D 153 -45.81 26.44 -38.18
N TYR D 154 -47.06 26.50 -38.63
CA TYR D 154 -47.82 27.74 -38.68
C TYR D 154 -48.71 27.68 -37.45
N GLY D 155 -48.22 28.25 -36.37
CA GLY D 155 -48.90 28.22 -35.10
C GLY D 155 -50.35 28.65 -35.16
N ASN D 156 -51.20 27.88 -34.50
CA ASN D 156 -52.64 28.14 -34.42
C ASN D 156 -53.04 28.20 -32.95
N PRO D 157 -53.29 29.42 -32.42
CA PRO D 157 -53.64 29.48 -30.99
C PRO D 157 -55.06 28.98 -30.66
N ARG D 158 -55.84 28.61 -31.65
CA ARG D 158 -57.17 28.08 -31.40
C ARG D 158 -57.26 26.57 -31.69
N LEU D 159 -56.21 25.83 -31.32
CA LEU D 159 -56.27 24.39 -31.46
C LEU D 159 -57.45 23.88 -30.64
N THR D 160 -58.01 22.76 -31.07
CA THR D 160 -59.12 22.11 -30.39
C THR D 160 -58.71 20.70 -30.00
N GLY D 161 -59.16 20.27 -28.81
CA GLY D 161 -58.83 18.96 -28.28
C GLY D 161 -59.34 17.82 -29.12
N ILE D 162 -58.62 16.70 -29.09
CA ILE D 162 -59.04 15.53 -29.82
C ILE D 162 -58.86 14.29 -28.97
N HIS D 163 -59.52 13.22 -29.38
CA HIS D 163 -59.33 11.92 -28.76
CA HIS D 163 -59.36 11.93 -28.76
C HIS D 163 -58.59 11.13 -29.82
N TYR D 164 -57.44 10.56 -29.45
CA TYR D 164 -56.63 9.86 -30.43
C TYR D 164 -56.06 8.56 -29.91
N GLN D 165 -56.20 7.49 -30.68
CA GLN D 165 -55.62 6.20 -30.33
C GLN D 165 -54.30 6.06 -31.09
N LEU D 166 -53.21 5.84 -30.35
CA LEU D 166 -51.90 5.70 -30.97
C LEU D 166 -51.82 4.47 -31.85
N PRO D 167 -51.43 4.65 -33.13
CA PRO D 167 -51.29 3.47 -34.00
C PRO D 167 -50.05 2.63 -33.69
N MET D 168 -49.08 3.23 -33.00
CA MET D 168 -47.86 2.53 -32.58
C MET D 168 -47.59 2.95 -31.14
N ALA D 169 -46.78 2.17 -30.42
CA ALA D 169 -46.46 2.43 -29.02
C ALA D 169 -45.36 3.49 -28.87
N SER D 170 -45.69 4.74 -29.23
CA SER D 170 -44.75 5.85 -29.21
C SER D 170 -45.04 6.84 -28.10
N ALA D 171 -44.11 6.91 -27.14
CA ALA D 171 -44.22 7.86 -26.05
C ALA D 171 -43.99 9.29 -26.60
N GLN D 172 -43.26 9.43 -27.70
CA GLN D 172 -43.07 10.76 -28.30
C GLN D 172 -44.37 11.30 -28.91
N VAL D 173 -45.14 10.46 -29.60
CA VAL D 173 -46.40 10.91 -30.18
C VAL D 173 -47.36 11.29 -29.03
N LYS D 174 -47.48 10.40 -28.06
CA LYS D 174 -48.28 10.66 -26.87
C LYS D 174 -47.88 12.00 -26.22
N SER D 175 -46.59 12.22 -26.02
CA SER D 175 -46.13 13.44 -25.37
C SER D 175 -46.37 14.67 -26.22
N CYS D 176 -46.12 14.54 -27.52
CA CYS D 176 -46.37 15.63 -28.44
C CYS D 176 -47.82 16.11 -28.32
N LEU D 177 -48.74 15.16 -28.31
CA LEU D 177 -50.16 15.47 -28.25
C LEU D 177 -50.62 16.01 -26.90
N LEU D 178 -50.02 15.54 -25.81
CA LEU D 178 -50.37 16.07 -24.50
C LEU D 178 -49.90 17.52 -24.37
N LEU D 179 -48.74 17.85 -24.94
CA LEU D 179 -48.23 19.22 -24.90
C LEU D 179 -49.13 20.15 -25.71
N ALA D 180 -49.52 19.72 -26.91
CA ALA D 180 -50.44 20.49 -27.73
C ALA D 180 -51.76 20.65 -26.97
N GLY D 181 -52.11 19.60 -26.21
CA GLY D 181 -53.32 19.59 -25.40
C GLY D 181 -53.39 20.65 -24.33
N LEU D 182 -52.23 21.12 -23.87
CA LEU D 182 -52.20 22.17 -22.87
C LEU D 182 -52.66 23.50 -23.47
N TYR D 183 -52.51 23.63 -24.79
CA TYR D 183 -52.89 24.86 -25.49
C TYR D 183 -54.19 24.73 -26.29
N ALA D 184 -54.82 23.55 -26.25
CA ALA D 184 -56.02 23.31 -27.03
C ALA D 184 -57.30 23.50 -26.24
N ARG D 185 -58.34 23.86 -26.97
CA ARG D 185 -59.64 24.06 -26.36
C ARG D 185 -60.28 22.72 -26.07
N GLY D 186 -60.61 22.50 -24.80
CA GLY D 186 -61.28 21.28 -24.39
C GLY D 186 -60.35 20.18 -23.99
N LYS D 187 -60.86 18.95 -24.03
CA LYS D 187 -60.09 17.81 -23.60
C LYS D 187 -59.34 17.08 -24.74
N THR D 188 -58.09 16.71 -24.45
CA THR D 188 -57.27 15.94 -25.36
C THR D 188 -57.02 14.64 -24.62
N CYS D 189 -57.45 13.53 -25.21
CA CYS D 189 -57.32 12.20 -24.60
C CYS D 189 -56.56 11.29 -25.54
N ILE D 190 -55.50 10.68 -25.02
CA ILE D 190 -54.64 9.79 -25.80
C ILE D 190 -54.76 8.37 -25.31
N THR D 191 -55.13 7.46 -26.20
CA THR D 191 -55.29 6.05 -25.86
C THR D 191 -54.09 5.23 -26.33
N GLU D 192 -53.49 4.49 -25.40
CA GLU D 192 -52.31 3.65 -25.67
C GLU D 192 -52.65 2.18 -25.66
N PRO D 193 -52.68 1.54 -26.84
CA PRO D 193 -52.95 0.09 -26.85
C PRO D 193 -51.83 -0.73 -26.20
N ALA D 194 -50.65 -0.14 -26.09
CA ALA D 194 -49.50 -0.76 -25.43
C ALA D 194 -48.75 0.33 -24.67
N PRO D 195 -48.65 0.21 -23.35
CA PRO D 195 -47.99 1.21 -22.53
C PRO D 195 -46.55 1.52 -22.93
N SER D 196 -46.24 2.80 -23.08
CA SER D 196 -44.87 3.24 -23.39
C SER D 196 -44.39 4.07 -22.20
N ARG D 197 -43.14 4.56 -22.25
CA ARG D 197 -42.62 5.31 -21.10
C ARG D 197 -43.54 6.45 -20.69
N ASP D 198 -43.72 6.61 -19.38
CA ASP D 198 -44.69 7.58 -18.86
C ASP D 198 -44.14 8.83 -18.18
N HIS D 199 -42.94 9.24 -18.56
CA HIS D 199 -42.34 10.39 -17.94
C HIS D 199 -43.12 11.70 -18.12
N THR D 200 -43.80 11.87 -19.24
CA THR D 200 -44.54 13.10 -19.48
C THR D 200 -45.67 13.20 -18.48
N GLU D 201 -46.40 12.12 -18.32
CA GLU D 201 -47.53 12.08 -17.39
C GLU D 201 -47.06 12.43 -15.99
N ARG D 202 -45.94 11.82 -15.59
CA ARG D 202 -45.38 12.06 -14.26
C ARG D 202 -44.95 13.51 -14.08
N LEU D 203 -44.24 14.08 -15.04
CA LEU D 203 -43.82 15.49 -14.93
C LEU D 203 -44.98 16.50 -15.03
N LEU D 204 -46.03 16.18 -15.81
CA LEU D 204 -47.18 17.10 -15.87
C LEU D 204 -47.78 17.26 -14.47
N LYS D 205 -47.90 16.14 -13.76
CA LYS D 205 -48.43 16.20 -12.40
C LYS D 205 -47.46 16.93 -11.48
N HIS D 206 -46.18 16.68 -11.69
CA HIS D 206 -45.12 17.32 -10.92
C HIS D 206 -45.27 18.83 -11.01
N PHE D 207 -45.57 19.33 -12.21
CA PHE D 207 -45.75 20.76 -12.44
C PHE D 207 -47.20 21.22 -12.18
N HIS D 208 -47.93 20.42 -11.39
CA HIS D 208 -49.29 20.74 -10.95
C HIS D 208 -50.32 20.92 -12.07
N TYR D 209 -50.16 20.23 -13.19
CA TYR D 209 -51.18 20.30 -14.24
C TYR D 209 -52.12 19.14 -13.92
N THR D 210 -53.42 19.38 -14.12
CA THR D 210 -54.42 18.37 -13.85
C THR D 210 -54.48 17.36 -14.99
N LEU D 211 -54.41 16.09 -14.62
CA LEU D 211 -54.39 15.01 -15.58
C LEU D 211 -55.29 13.88 -15.09
N GLN D 212 -56.04 13.26 -16.00
CA GLN D 212 -56.90 12.14 -15.66
C GLN D 212 -56.45 10.91 -16.42
N LYS D 213 -56.55 9.73 -15.79
CA LYS D 213 -56.25 8.48 -16.47
C LYS D 213 -57.35 7.47 -16.24
N ASP D 214 -58.02 7.09 -17.31
CA ASP D 214 -59.09 6.10 -17.29
C ASP D 214 -58.76 4.99 -18.28
N LYS D 215 -58.70 3.76 -17.78
CA LYS D 215 -58.45 2.61 -18.63
C LYS D 215 -57.06 2.79 -19.27
N GLN D 216 -56.99 2.80 -20.60
CA GLN D 216 -55.75 2.96 -21.36
C GLN D 216 -55.56 4.40 -21.86
N SER D 217 -56.38 5.32 -21.35
CA SER D 217 -56.36 6.70 -21.84
C SER D 217 -55.89 7.72 -20.82
N ILE D 218 -55.09 8.67 -21.29
CA ILE D 218 -54.60 9.78 -20.46
C ILE D 218 -55.17 11.05 -21.05
N CYS D 219 -55.77 11.89 -20.19
CA CYS D 219 -56.39 13.11 -20.65
C CYS D 219 -55.92 14.38 -19.95
N VAL D 220 -55.95 15.47 -20.71
CA VAL D 220 -55.67 16.79 -20.19
C VAL D 220 -56.66 17.76 -20.84
N SER D 221 -56.94 18.88 -20.14
CA SER D 221 -57.75 19.95 -20.68
C SER D 221 -56.81 21.12 -20.85
N GLY D 222 -56.98 21.88 -21.93
CA GLY D 222 -56.14 23.04 -22.18
C GLY D 222 -56.52 24.23 -21.30
N GLY D 223 -55.62 25.21 -21.22
CA GLY D 223 -55.87 26.42 -20.44
C GLY D 223 -55.35 26.41 -19.01
N GLY D 224 -54.80 25.28 -18.57
CA GLY D 224 -54.23 25.18 -17.21
C GLY D 224 -52.86 25.83 -17.18
N LYS D 225 -52.25 25.90 -16.00
CA LYS D 225 -50.93 26.51 -15.91
C LYS D 225 -49.96 25.62 -15.16
N LEU D 226 -48.77 25.49 -15.72
CA LEU D 226 -47.72 24.72 -15.09
C LEU D 226 -47.09 25.61 -14.01
N LYS D 227 -46.86 25.03 -12.84
CA LYS D 227 -46.24 25.71 -11.70
C LYS D 227 -44.87 25.10 -11.38
N ALA D 228 -43.85 25.95 -11.38
CA ALA D 228 -42.46 25.51 -11.10
C ALA D 228 -42.36 24.58 -9.89
N ASN D 229 -41.47 23.60 -9.97
CA ASN D 229 -41.24 22.63 -8.91
C ASN D 229 -39.89 21.96 -9.17
N ASP D 230 -38.96 22.07 -8.23
CA ASP D 230 -37.60 21.48 -8.40
C ASP D 230 -37.65 20.00 -8.75
N ILE D 231 -36.68 19.57 -9.57
CA ILE D 231 -36.63 18.21 -10.07
C ILE D 231 -35.22 17.60 -9.95
N SER D 232 -35.18 16.33 -9.54
CA SER D 232 -33.94 15.57 -9.47
CA SER D 232 -33.95 15.56 -9.47
C SER D 232 -34.09 14.41 -10.46
N ILE D 233 -33.22 14.40 -11.48
CA ILE D 233 -33.30 13.38 -12.53
C ILE D 233 -32.40 12.18 -12.18
N PRO D 234 -32.95 10.97 -12.30
CA PRO D 234 -32.19 9.75 -11.99
C PRO D 234 -31.24 9.34 -13.12
N GLY D 235 -30.30 8.44 -12.82
CA GLY D 235 -29.39 7.91 -13.85
C GLY D 235 -30.19 7.22 -14.93
N ASP D 236 -29.74 7.35 -16.18
CA ASP D 236 -30.45 6.76 -17.32
C ASP D 236 -30.20 5.26 -17.35
N ILE D 237 -31.25 4.47 -17.17
CA ILE D 237 -31.13 3.02 -17.26
C ILE D 237 -30.66 2.58 -18.66
N SER D 238 -30.95 3.37 -19.70
CA SER D 238 -30.48 3.05 -21.04
C SER D 238 -28.95 3.15 -21.10
N SER D 239 -28.38 4.09 -20.38
CA SER D 239 -26.93 4.24 -20.29
C SER D 239 -26.37 3.11 -19.42
N ALA D 240 -27.05 2.81 -18.31
CA ALA D 240 -26.60 1.73 -17.43
C ALA D 240 -26.62 0.37 -18.14
N ALA D 241 -27.55 0.18 -19.08
CA ALA D 241 -27.72 -1.11 -19.77
C ALA D 241 -26.46 -1.64 -20.43
N PHE D 242 -25.62 -0.73 -20.92
CA PHE D 242 -24.37 -1.18 -21.55
C PHE D 242 -23.50 -1.92 -20.57
N PHE D 243 -23.42 -1.39 -19.36
CA PHE D 243 -22.59 -1.99 -18.33
C PHE D 243 -23.23 -3.25 -17.75
N ILE D 244 -24.56 -3.24 -17.64
CA ILE D 244 -25.29 -4.40 -17.16
C ILE D 244 -24.99 -5.59 -18.09
N VAL D 245 -25.08 -5.38 -19.40
CA VAL D 245 -24.77 -6.45 -20.33
C VAL D 245 -23.30 -6.83 -20.30
N ALA D 246 -22.42 -5.84 -20.25
CA ALA D 246 -21.00 -6.11 -20.26
C ALA D 246 -20.58 -6.99 -19.09
N ALA D 247 -21.08 -6.65 -17.92
CA ALA D 247 -20.75 -7.40 -16.70
C ALA D 247 -21.38 -8.79 -16.71
N THR D 248 -22.55 -8.89 -17.32
CA THR D 248 -23.25 -10.18 -17.42
C THR D 248 -22.46 -11.14 -18.31
N ILE D 249 -21.99 -10.65 -19.44
CA ILE D 249 -21.36 -11.54 -20.42
C ILE D 249 -19.85 -11.79 -20.25
N THR D 250 -19.16 -10.93 -19.52
CA THR D 250 -17.72 -11.05 -19.36
C THR D 250 -17.35 -11.84 -18.11
N PRO D 251 -16.73 -13.01 -18.29
CA PRO D 251 -16.28 -13.81 -17.14
C PRO D 251 -15.47 -12.97 -16.17
N GLY D 252 -15.65 -13.20 -14.88
CA GLY D 252 -14.90 -12.50 -13.84
C GLY D 252 -15.44 -11.13 -13.42
N SER D 253 -16.62 -10.77 -13.91
CA SER D 253 -17.19 -9.46 -13.61
C SER D 253 -18.10 -9.38 -12.41
N ALA D 254 -18.06 -8.21 -11.78
CA ALA D 254 -18.94 -7.86 -10.67
C ALA D 254 -18.93 -6.33 -10.52
N ILE D 255 -20.06 -5.69 -10.77
CA ILE D 255 -20.12 -4.23 -10.67
C ILE D 255 -21.36 -3.78 -9.95
N ARG D 256 -21.36 -2.52 -9.57
CA ARG D 256 -22.52 -1.90 -8.96
C ARG D 256 -22.77 -0.57 -9.63
N LEU D 257 -24.01 -0.38 -10.07
CA LEU D 257 -24.43 0.84 -10.73
C LEU D 257 -25.35 1.58 -9.75
N CYS D 258 -24.96 2.79 -9.34
CA CYS D 258 -25.72 3.51 -8.32
C CYS D 258 -26.74 4.49 -8.88
N ARG D 259 -27.85 4.63 -8.15
CA ARG D 259 -28.87 5.62 -8.41
C ARG D 259 -29.37 5.63 -9.86
N VAL D 260 -29.74 4.46 -10.34
CA VAL D 260 -30.25 4.30 -11.70
C VAL D 260 -31.78 4.31 -11.67
N GLY D 261 -32.38 5.01 -12.64
CA GLY D 261 -33.81 5.04 -12.77
C GLY D 261 -34.34 3.64 -13.02
N VAL D 262 -35.42 3.27 -12.31
CA VAL D 262 -36.01 1.95 -12.49
C VAL D 262 -37.52 2.02 -12.72
N ASN D 263 -37.95 3.05 -13.43
CA ASN D 263 -39.33 3.24 -13.81
C ASN D 263 -39.76 1.95 -14.52
N PRO D 264 -40.87 1.31 -14.09
CA PRO D 264 -41.34 0.05 -14.69
C PRO D 264 -41.49 0.09 -16.23
N THR D 265 -41.76 1.26 -16.80
CA THR D 265 -41.93 1.40 -18.24
C THR D 265 -40.58 1.45 -18.98
N ARG D 266 -39.50 1.44 -18.22
CA ARG D 266 -38.15 1.49 -18.77
C ARG D 266 -37.32 0.27 -18.36
N LEU D 267 -37.95 -0.67 -17.66
CA LEU D 267 -37.22 -1.78 -17.04
C LEU D 267 -37.07 -3.05 -17.89
N GLY D 268 -37.53 -3.02 -19.14
CA GLY D 268 -37.46 -4.19 -20.00
C GLY D 268 -36.14 -4.94 -20.10
N VAL D 269 -35.03 -4.21 -20.14
CA VAL D 269 -33.75 -4.88 -20.31
C VAL D 269 -33.43 -5.80 -19.13
N ILE D 270 -33.81 -5.34 -17.94
CA ILE D 270 -33.60 -6.15 -16.74
C ILE D 270 -34.58 -7.35 -16.73
N ASN D 271 -35.84 -7.09 -17.04
CA ASN D 271 -36.83 -8.17 -17.11
C ASN D 271 -36.36 -9.26 -18.06
N LEU D 272 -35.90 -8.87 -19.23
CA LEU D 272 -35.46 -9.84 -20.26
C LEU D 272 -34.14 -10.55 -19.93
N LEU D 273 -33.16 -9.81 -19.43
CA LEU D 273 -31.90 -10.45 -19.04
C LEU D 273 -32.14 -11.46 -17.94
N LYS D 274 -33.05 -11.17 -17.01
CA LYS D 274 -33.37 -12.13 -15.96
C LYS D 274 -33.96 -13.41 -16.60
N MET D 275 -34.89 -13.27 -17.55
CA MET D 275 -35.45 -14.44 -18.26
C MET D 275 -34.36 -15.27 -18.95
N MET D 276 -33.29 -14.61 -19.39
CA MET D 276 -32.19 -15.30 -20.05
C MET D 276 -31.23 -15.96 -19.05
N GLY D 277 -31.38 -15.63 -17.77
CA GLY D 277 -30.53 -16.21 -16.73
C GLY D 277 -29.52 -15.29 -16.06
N ALA D 278 -29.66 -13.97 -16.26
CA ALA D 278 -28.72 -13.00 -15.68
C ALA D 278 -28.79 -12.91 -14.15
N ASP D 279 -27.70 -12.44 -13.56
CA ASP D 279 -27.54 -12.27 -12.11
C ASP D 279 -27.52 -10.76 -11.84
N ILE D 280 -28.71 -10.21 -11.66
CA ILE D 280 -28.91 -8.79 -11.46
C ILE D 280 -29.73 -8.57 -10.20
N GLU D 281 -29.16 -7.83 -9.26
CA GLU D 281 -29.86 -7.54 -8.00
C GLU D 281 -30.11 -6.06 -7.88
N VAL D 282 -31.38 -5.71 -7.66
CA VAL D 282 -31.79 -4.32 -7.49
C VAL D 282 -32.00 -4.07 -6.00
N THR D 283 -31.29 -3.10 -5.43
CA THR D 283 -31.38 -2.78 -4.00
C THR D 283 -31.52 -1.28 -3.78
N HIS D 284 -31.74 -0.88 -2.52
CA HIS D 284 -31.91 0.53 -2.15
C HIS D 284 -32.91 1.26 -3.02
N TYR D 285 -34.04 0.62 -3.27
CA TYR D 285 -35.11 1.20 -4.04
C TYR D 285 -35.66 2.44 -3.34
N THR D 286 -35.89 3.51 -4.09
CA THR D 286 -36.44 4.73 -3.52
C THR D 286 -37.27 5.55 -4.52
N GLU D 287 -38.28 6.24 -3.97
CA GLU D 287 -39.13 7.13 -4.76
C GLU D 287 -38.99 8.55 -4.25
N LYS D 288 -37.90 8.81 -3.54
CA LYS D 288 -37.63 10.13 -2.96
C LYS D 288 -37.74 11.24 -3.99
N ASN D 289 -37.26 10.98 -5.22
CA ASN D 289 -37.27 11.98 -6.27
C ASN D 289 -38.36 11.74 -7.32
N GLU D 290 -39.48 11.16 -6.87
CA GLU D 290 -40.66 10.88 -7.71
C GLU D 290 -40.38 9.74 -8.70
N GLU D 291 -39.54 10.00 -9.70
CA GLU D 291 -39.11 8.91 -10.59
C GLU D 291 -38.30 7.95 -9.70
N PRO D 292 -38.68 6.67 -9.66
CA PRO D 292 -37.99 5.72 -8.78
C PRO D 292 -36.55 5.43 -9.21
N THR D 293 -35.70 5.17 -8.22
CA THR D 293 -34.30 4.85 -8.47
C THR D 293 -33.86 3.72 -7.55
N ALA D 294 -32.80 3.03 -7.96
CA ALA D 294 -32.26 1.90 -7.18
C ALA D 294 -30.82 1.65 -7.57
N ASP D 295 -30.12 0.85 -6.77
CA ASP D 295 -28.74 0.44 -7.08
C ASP D 295 -28.84 -0.94 -7.71
N ILE D 296 -28.04 -1.17 -8.75
CA ILE D 296 -28.08 -2.41 -9.50
C ILE D 296 -26.70 -3.10 -9.46
N THR D 297 -26.68 -4.31 -8.91
CA THR D 297 -25.44 -5.08 -8.78
C THR D 297 -25.48 -6.19 -9.81
N VAL D 298 -24.43 -6.31 -10.61
CA VAL D 298 -24.40 -7.29 -11.69
C VAL D 298 -23.14 -8.13 -11.66
N ARG D 299 -23.34 -9.43 -11.81
CA ARG D 299 -22.26 -10.40 -11.81
C ARG D 299 -22.38 -11.28 -13.06
N HIS D 300 -21.24 -11.78 -13.52
CA HIS D 300 -21.21 -12.65 -14.68
C HIS D 300 -22.16 -13.83 -14.54
N ALA D 301 -22.84 -14.14 -15.64
CA ALA D 301 -23.76 -15.26 -15.70
C ALA D 301 -23.91 -15.81 -17.12
N ARG D 302 -24.02 -17.12 -17.22
CA ARG D 302 -24.23 -17.79 -18.51
CA ARG D 302 -24.22 -17.80 -18.49
C ARG D 302 -25.70 -17.55 -18.91
N LEU D 303 -25.94 -17.27 -20.20
CA LEU D 303 -27.28 -16.98 -20.68
C LEU D 303 -27.83 -18.01 -21.68
N LYS D 304 -29.16 -18.08 -21.74
CA LYS D 304 -29.84 -18.91 -22.72
C LYS D 304 -30.68 -17.99 -23.60
N GLY D 305 -30.87 -18.38 -24.85
CA GLY D 305 -31.71 -17.61 -25.76
C GLY D 305 -33.17 -17.69 -25.37
N ILE D 306 -33.95 -16.64 -25.69
CA ILE D 306 -35.37 -16.59 -25.36
C ILE D 306 -36.22 -15.99 -26.46
N ASP D 307 -37.52 -16.31 -26.43
CA ASP D 307 -38.48 -15.70 -27.32
C ASP D 307 -38.93 -14.47 -26.55
N ILE D 308 -38.61 -13.30 -27.07
CA ILE D 308 -38.93 -12.05 -26.41
C ILE D 308 -40.44 -11.76 -26.47
N PRO D 309 -41.09 -11.65 -25.30
CA PRO D 309 -42.53 -11.35 -25.29
C PRO D 309 -42.81 -9.97 -25.87
N PRO D 310 -43.80 -9.88 -26.79
CA PRO D 310 -44.10 -8.59 -27.41
C PRO D 310 -44.45 -7.46 -26.43
N ASP D 311 -45.02 -7.79 -25.26
CA ASP D 311 -45.40 -6.74 -24.29
C ASP D 311 -44.17 -6.01 -23.72
N GLN D 312 -43.02 -6.64 -23.82
CA GLN D 312 -41.76 -6.05 -23.32
C GLN D 312 -41.09 -5.11 -24.32
N VAL D 313 -41.51 -5.14 -25.58
CA VAL D 313 -40.87 -4.33 -26.61
C VAL D 313 -40.87 -2.82 -26.33
N PRO D 314 -42.04 -2.22 -26.01
CA PRO D 314 -41.98 -0.77 -25.79
C PRO D 314 -41.22 -0.39 -24.51
N LEU D 315 -41.07 -1.35 -23.61
CA LEU D 315 -40.36 -1.13 -22.35
C LEU D 315 -38.85 -1.40 -22.47
N THR D 316 -38.40 -1.82 -23.66
CA THR D 316 -37.00 -2.18 -23.90
C THR D 316 -36.52 -1.60 -25.22
N ILE D 317 -37.34 -0.78 -25.87
CA ILE D 317 -37.07 -0.37 -27.24
C ILE D 317 -35.64 0.11 -27.51
N ASP D 318 -35.10 0.95 -26.65
CA ASP D 318 -33.74 1.47 -26.87
C ASP D 318 -32.63 0.52 -26.42
N GLU D 319 -32.98 -0.53 -25.67
CA GLU D 319 -32.01 -1.49 -25.22
C GLU D 319 -31.82 -2.70 -26.12
N PHE D 320 -32.59 -2.80 -27.20
CA PHE D 320 -32.40 -3.94 -28.09
C PHE D 320 -30.98 -4.02 -28.68
N PRO D 321 -30.36 -2.86 -29.03
CA PRO D 321 -29.00 -3.02 -29.56
C PRO D 321 -28.08 -3.78 -28.60
N VAL D 322 -28.04 -3.38 -27.32
CA VAL D 322 -27.12 -4.05 -26.43
C VAL D 322 -27.67 -5.44 -26.00
N LEU D 323 -28.99 -5.60 -25.93
CA LEU D 323 -29.56 -6.91 -25.59
C LEU D 323 -29.19 -7.94 -26.65
N LEU D 324 -29.13 -7.51 -27.92
CA LEU D 324 -28.76 -8.44 -28.99
C LEU D 324 -27.30 -8.94 -28.84
N ILE D 325 -26.44 -8.14 -28.19
CA ILE D 325 -25.08 -8.60 -27.88
C ILE D 325 -25.17 -9.75 -26.88
N ALA D 326 -26.01 -9.59 -25.86
CA ALA D 326 -26.24 -10.66 -24.88
C ALA D 326 -26.75 -11.93 -25.58
N ALA D 327 -27.72 -11.75 -26.50
CA ALA D 327 -28.25 -12.87 -27.27
C ALA D 327 -27.15 -13.58 -28.09
N ALA D 328 -26.23 -12.79 -28.64
CA ALA D 328 -25.14 -13.31 -29.47
C ALA D 328 -24.19 -14.26 -28.73
N VAL D 329 -24.12 -14.16 -27.42
CA VAL D 329 -23.21 -15.00 -26.66
C VAL D 329 -23.96 -15.92 -25.70
N ALA D 330 -25.26 -16.07 -25.92
CA ALA D 330 -26.08 -16.94 -25.10
C ALA D 330 -26.06 -18.32 -25.73
N GLN D 331 -26.66 -19.28 -25.04
CA GLN D 331 -26.77 -20.64 -25.56
C GLN D 331 -28.14 -20.74 -26.20
N GLY D 332 -28.18 -21.05 -27.49
CA GLY D 332 -29.44 -21.20 -28.18
C GLY D 332 -29.88 -19.97 -28.96
N LYS D 333 -31.13 -20.00 -29.38
CA LYS D 333 -31.71 -18.99 -30.25
C LYS D 333 -32.58 -17.97 -29.52
N THR D 334 -32.40 -16.69 -29.87
CA THR D 334 -33.23 -15.62 -29.35
C THR D 334 -34.06 -15.09 -30.54
N VAL D 335 -35.35 -14.83 -30.32
CA VAL D 335 -36.23 -14.31 -31.37
C VAL D 335 -36.92 -13.04 -30.89
N LEU D 336 -36.78 -11.99 -31.68
CA LEU D 336 -37.41 -10.70 -31.39
C LEU D 336 -38.40 -10.41 -32.52
N ARG D 337 -39.64 -10.17 -32.15
CA ARG D 337 -40.69 -9.82 -33.11
C ARG D 337 -41.43 -8.57 -32.65
N ASP D 338 -42.26 -8.01 -33.52
CA ASP D 338 -43.05 -6.82 -33.22
C ASP D 338 -42.18 -5.63 -32.79
N ALA D 339 -41.01 -5.52 -33.39
CA ALA D 339 -40.05 -4.46 -33.07
C ALA D 339 -39.68 -3.64 -34.32
N ALA D 340 -40.64 -3.50 -35.23
CA ALA D 340 -40.44 -2.76 -36.47
C ALA D 340 -40.03 -1.31 -36.22
N GLU D 341 -40.43 -0.75 -35.09
CA GLU D 341 -40.04 0.62 -34.72
C GLU D 341 -38.51 0.83 -34.68
N LEU D 342 -37.77 -0.24 -34.45
CA LEU D 342 -36.31 -0.18 -34.46
C LEU D 342 -35.76 0.34 -35.79
N ARG D 343 -36.49 0.12 -36.89
CA ARG D 343 -36.02 0.54 -38.20
C ARG D 343 -36.05 2.04 -38.50
N VAL D 344 -36.78 2.79 -37.67
CA VAL D 344 -36.97 4.23 -37.91
C VAL D 344 -36.31 5.12 -36.84
N LYS D 345 -35.29 4.58 -36.19
CA LYS D 345 -34.56 5.32 -35.17
C LYS D 345 -33.40 6.08 -35.83
N GLU D 346 -32.40 6.46 -35.04
CA GLU D 346 -31.27 7.24 -35.56
C GLU D 346 -30.75 6.58 -36.84
N THR D 347 -30.71 5.26 -36.79
CA THR D 347 -30.48 4.47 -37.99
C THR D 347 -31.47 3.31 -37.92
N ASP D 348 -31.49 2.47 -38.94
CA ASP D 348 -32.29 1.27 -38.92
C ASP D 348 -31.49 0.34 -38.02
N ARG D 349 -31.94 0.18 -36.78
CA ARG D 349 -31.16 -0.57 -35.78
C ARG D 349 -31.15 -2.08 -36.02
N ILE D 350 -32.18 -2.61 -36.68
CA ILE D 350 -32.18 -4.02 -37.01
C ILE D 350 -31.12 -4.27 -38.08
N ALA D 351 -31.13 -3.47 -39.15
CA ALA D 351 -30.12 -3.64 -40.21
C ALA D 351 -28.71 -3.44 -39.67
N ALA D 352 -28.53 -2.41 -38.85
CA ALA D 352 -27.21 -2.10 -38.26
C ALA D 352 -26.71 -3.19 -37.35
N MET D 353 -27.54 -3.66 -36.43
CA MET D 353 -27.13 -4.73 -35.49
C MET D 353 -26.83 -6.03 -36.20
N VAL D 354 -27.68 -6.42 -37.15
CA VAL D 354 -27.47 -7.67 -37.87
C VAL D 354 -26.18 -7.61 -38.71
N ASP D 355 -25.93 -6.48 -39.37
CA ASP D 355 -24.73 -6.31 -40.20
C ASP D 355 -23.45 -6.44 -39.34
N GLY D 356 -23.43 -5.76 -38.19
CA GLY D 356 -22.28 -5.81 -37.31
C GLY D 356 -22.07 -7.17 -36.68
N LEU D 357 -23.16 -7.80 -36.26
CA LEU D 357 -23.05 -9.11 -35.65
C LEU D 357 -22.54 -10.13 -36.67
N GLN D 358 -23.01 -10.04 -37.90
CA GLN D 358 -22.50 -10.92 -38.93
C GLN D 358 -20.99 -10.71 -39.14
N LYS D 359 -20.56 -9.45 -39.13
CA LYS D 359 -19.17 -9.10 -39.32
C LYS D 359 -18.27 -9.63 -38.21
N LEU D 360 -18.86 -9.84 -37.02
CA LEU D 360 -18.15 -10.39 -35.87
C LEU D 360 -18.39 -11.90 -35.67
N GLY D 361 -18.88 -12.56 -36.71
CA GLY D 361 -19.03 -14.01 -36.71
C GLY D 361 -20.25 -14.65 -36.08
N ILE D 362 -21.31 -13.86 -35.92
CA ILE D 362 -22.54 -14.33 -35.28
C ILE D 362 -23.63 -14.60 -36.33
N ALA D 363 -24.35 -15.71 -36.15
CA ALA D 363 -25.44 -16.10 -37.05
C ALA D 363 -26.69 -15.31 -36.64
N ALA D 364 -26.70 -14.05 -37.07
CA ALA D 364 -27.78 -13.11 -36.80
C ALA D 364 -28.57 -12.97 -38.09
N GLU D 365 -29.89 -12.89 -37.97
CA GLU D 365 -30.80 -12.84 -39.11
C GLU D 365 -31.83 -11.72 -38.89
N SER D 366 -32.16 -10.99 -39.95
CA SER D 366 -33.13 -9.91 -39.86
C SER D 366 -34.53 -10.36 -40.28
N LEU D 367 -35.54 -9.87 -39.54
CA LEU D 367 -36.96 -10.07 -39.83
C LEU D 367 -37.49 -8.66 -40.10
N PRO D 368 -38.59 -8.51 -40.85
CA PRO D 368 -39.05 -7.14 -41.05
C PRO D 368 -39.32 -6.40 -39.73
N ASP D 369 -39.77 -7.15 -38.72
CA ASP D 369 -40.11 -6.59 -37.42
C ASP D 369 -39.22 -7.10 -36.29
N GLY D 370 -38.02 -7.56 -36.61
CA GLY D 370 -37.14 -8.06 -35.56
C GLY D 370 -35.90 -8.78 -36.01
N VAL D 371 -35.46 -9.73 -35.19
CA VAL D 371 -34.23 -10.44 -35.43
CA VAL D 371 -34.22 -10.44 -35.40
C VAL D 371 -34.23 -11.84 -34.82
N ILE D 372 -33.48 -12.74 -35.43
CA ILE D 372 -33.29 -14.08 -34.92
C ILE D 372 -31.78 -14.22 -34.76
N ILE D 373 -31.32 -14.58 -33.57
CA ILE D 373 -29.90 -14.74 -33.31
C ILE D 373 -29.60 -16.09 -32.70
N GLN D 374 -28.62 -16.80 -33.27
CA GLN D 374 -28.14 -18.03 -32.68
C GLN D 374 -26.89 -17.64 -31.88
N GLY D 375 -26.92 -17.89 -30.58
CA GLY D 375 -25.77 -17.59 -29.72
C GLY D 375 -24.54 -18.34 -30.18
N GLY D 376 -23.40 -17.67 -30.12
CA GLY D 376 -22.14 -18.25 -30.56
C GLY D 376 -20.96 -17.54 -29.94
N THR D 377 -19.97 -17.19 -30.77
CA THR D 377 -18.72 -16.56 -30.31
C THR D 377 -18.38 -15.33 -31.12
N LEU D 378 -18.22 -14.20 -30.43
CA LEU D 378 -17.86 -12.98 -31.08
C LEU D 378 -16.38 -13.00 -31.45
N GLU D 379 -16.10 -12.66 -32.70
CA GLU D 379 -14.75 -12.54 -33.17
C GLU D 379 -14.37 -11.07 -33.11
N GLY D 380 -13.07 -10.78 -33.25
CA GLY D 380 -12.63 -9.40 -33.40
C GLY D 380 -13.00 -8.99 -34.83
N GLY D 381 -12.95 -7.70 -35.12
CA GLY D 381 -13.29 -7.22 -36.46
C GLY D 381 -13.64 -5.75 -36.45
N GLU D 382 -14.35 -5.34 -37.49
CA GLU D 382 -14.70 -3.96 -37.68
C GLU D 382 -16.14 -3.83 -38.10
N VAL D 383 -16.85 -2.93 -37.41
CA VAL D 383 -18.26 -2.70 -37.63
C VAL D 383 -18.51 -1.18 -37.78
N ASN D 384 -19.65 -0.82 -38.34
CA ASN D 384 -20.01 0.59 -38.49
C ASN D 384 -21.15 0.91 -37.52
N SER D 385 -21.08 2.03 -36.84
CA SER D 385 -22.22 2.46 -35.98
C SER D 385 -23.37 3.01 -36.81
N TYR D 386 -23.10 3.37 -38.06
CA TYR D 386 -24.09 4.04 -38.92
C TYR D 386 -24.59 5.33 -38.25
N ASP D 387 -23.67 5.97 -37.50
CA ASP D 387 -23.88 7.23 -36.80
C ASP D 387 -24.90 7.17 -35.66
N ASP D 388 -25.15 5.96 -35.16
CA ASP D 388 -26.13 5.73 -34.09
C ASP D 388 -25.42 5.41 -32.78
N HIS D 389 -25.58 6.31 -31.81
CA HIS D 389 -24.97 6.16 -30.48
C HIS D 389 -25.08 4.79 -29.84
N ARG D 390 -26.27 4.17 -29.88
CA ARG D 390 -26.45 2.89 -29.22
C ARG D 390 -25.85 1.73 -29.99
N ILE D 391 -25.81 1.83 -31.30
CA ILE D 391 -25.14 0.81 -32.08
C ILE D 391 -23.64 0.88 -31.70
N ALA D 392 -23.09 2.11 -31.61
CA ALA D 392 -21.68 2.29 -31.24
C ALA D 392 -21.38 1.69 -29.87
N MET D 393 -22.17 2.05 -28.86
CA MET D 393 -21.93 1.55 -27.51
C MET D 393 -22.21 0.04 -27.38
N ALA D 394 -23.19 -0.48 -28.11
CA ALA D 394 -23.46 -1.91 -28.09
C ALA D 394 -22.27 -2.70 -28.59
N PHE D 395 -21.63 -2.23 -29.65
CA PHE D 395 -20.46 -2.94 -30.15
C PHE D 395 -19.22 -2.71 -29.30
N ALA D 396 -19.16 -1.60 -28.57
CA ALA D 396 -18.10 -1.40 -27.62
C ALA D 396 -18.25 -2.49 -26.54
N VAL D 397 -19.50 -2.80 -26.14
CA VAL D 397 -19.79 -3.86 -25.20
C VAL D 397 -19.38 -5.23 -25.77
N ALA D 398 -19.69 -5.46 -27.06
CA ALA D 398 -19.30 -6.71 -27.74
C ALA D 398 -17.79 -6.91 -27.63
N GLY D 399 -17.04 -5.82 -27.63
CA GLY D 399 -15.59 -5.88 -27.51
C GLY D 399 -15.05 -6.47 -26.22
N THR D 400 -15.84 -6.49 -25.16
CA THR D 400 -15.41 -7.07 -23.91
C THR D 400 -15.16 -8.56 -24.04
N LEU D 401 -15.98 -9.26 -24.82
CA LEU D 401 -15.87 -10.71 -24.93
C LEU D 401 -15.33 -11.20 -26.27
N ALA D 402 -15.27 -10.33 -27.26
CA ALA D 402 -14.76 -10.70 -28.59
C ALA D 402 -13.37 -11.31 -28.51
N LYS D 403 -13.08 -12.22 -29.43
CA LYS D 403 -11.78 -12.91 -29.44
C LYS D 403 -10.60 -11.98 -29.67
N GLY D 404 -10.85 -10.84 -30.31
CA GLY D 404 -9.83 -9.86 -30.56
C GLY D 404 -10.37 -8.45 -30.56
N PRO D 405 -9.54 -7.48 -30.97
CA PRO D 405 -9.95 -6.08 -31.01
C PRO D 405 -11.11 -5.84 -31.94
N VAL D 406 -11.97 -4.92 -31.53
CA VAL D 406 -13.09 -4.52 -32.36
C VAL D 406 -12.95 -3.04 -32.60
N ARG D 407 -13.10 -2.65 -33.86
CA ARG D 407 -13.08 -1.25 -34.22
C ARG D 407 -14.49 -0.89 -34.62
N ILE D 408 -15.00 0.18 -34.05
CA ILE D 408 -16.36 0.65 -34.30
C ILE D 408 -16.24 2.01 -34.98
N ARG D 409 -16.66 2.08 -36.23
CA ARG D 409 -16.57 3.31 -36.98
C ARG D 409 -17.67 4.31 -36.60
N ASN D 410 -17.26 5.58 -36.50
CA ASN D 410 -18.18 6.71 -36.37
C ASN D 410 -18.88 6.78 -35.01
N CYS D 411 -18.12 7.17 -33.99
CA CYS D 411 -18.63 7.21 -32.64
C CYS D 411 -18.84 8.63 -32.11
N ASP D 412 -18.80 9.62 -33.01
CA ASP D 412 -18.98 11.03 -32.62
C ASP D 412 -20.33 11.30 -32.00
N ASN D 413 -21.36 10.52 -32.33
CA ASN D 413 -22.69 10.77 -31.71
C ASN D 413 -22.94 10.12 -30.35
N VAL D 414 -21.97 9.40 -29.79
CA VAL D 414 -22.16 8.81 -28.50
C VAL D 414 -22.47 9.95 -27.48
N LYS D 415 -21.89 11.13 -27.71
CA LYS D 415 -22.13 12.29 -26.84
C LYS D 415 -23.57 12.82 -26.85
N THR D 416 -24.42 12.33 -27.75
CA THR D 416 -25.82 12.74 -27.77
C THR D 416 -26.53 12.25 -26.52
N SER D 417 -26.08 11.12 -25.99
CA SER D 417 -26.70 10.52 -24.81
C SER D 417 -25.77 10.12 -23.69
N PHE D 418 -24.46 10.04 -23.93
CA PHE D 418 -23.56 9.51 -22.91
C PHE D 418 -22.18 10.14 -23.09
N PRO D 419 -22.06 11.42 -22.73
CA PRO D 419 -20.81 12.16 -22.94
C PRO D 419 -19.57 11.53 -22.35
N ASN D 420 -19.71 10.90 -21.19
CA ASN D 420 -18.55 10.29 -20.50
C ASN D 420 -18.49 8.77 -20.61
N PHE D 421 -19.03 8.22 -21.69
CA PHE D 421 -19.00 6.78 -21.87
C PHE D 421 -17.63 6.15 -21.79
N VAL D 422 -16.67 6.71 -22.51
CA VAL D 422 -15.34 6.13 -22.54
C VAL D 422 -14.72 6.12 -21.13
N GLU D 423 -14.83 7.26 -20.45
CA GLU D 423 -14.27 7.37 -19.11
C GLU D 423 -14.86 6.31 -18.17
N LEU D 424 -16.19 6.20 -18.15
CA LEU D 424 -16.84 5.25 -17.26
C LEU D 424 -16.56 3.80 -17.64
N ALA D 425 -16.54 3.52 -18.94
CA ALA D 425 -16.23 2.18 -19.43
C ALA D 425 -14.88 1.72 -18.91
N ASN D 426 -13.86 2.53 -19.12
CA ASN D 426 -12.53 2.18 -18.67
C ASN D 426 -12.43 2.09 -17.15
N GLU D 427 -13.19 2.93 -16.45
CA GLU D 427 -13.17 2.87 -14.98
C GLU D 427 -13.60 1.49 -14.46
N VAL D 428 -14.59 0.88 -15.12
CA VAL D 428 -15.11 -0.44 -14.71
C VAL D 428 -14.44 -1.64 -15.40
N GLY D 429 -13.44 -1.39 -16.23
CA GLY D 429 -12.69 -2.47 -16.86
C GLY D 429 -13.07 -2.86 -18.27
N MET D 430 -13.93 -2.06 -18.92
CA MET D 430 -14.28 -2.23 -20.34
CA MET D 430 -14.31 -2.25 -20.32
C MET D 430 -13.35 -1.38 -21.14
N ASN D 431 -12.45 -2.03 -21.88
CA ASN D 431 -11.40 -1.35 -22.63
C ASN D 431 -11.92 -0.71 -23.91
N VAL D 432 -11.94 0.62 -23.92
CA VAL D 432 -12.40 1.37 -25.07
C VAL D 432 -11.54 2.62 -25.23
N LYS D 433 -11.13 2.91 -26.46
CA LYS D 433 -10.33 4.09 -26.72
C LYS D 433 -10.91 4.80 -27.92
N GLY D 434 -10.99 6.13 -27.84
CA GLY D 434 -11.40 6.94 -29.00
C GLY D 434 -10.16 7.18 -29.85
N VAL D 435 -10.27 6.94 -31.15
CA VAL D 435 -9.15 7.15 -32.09
C VAL D 435 -9.63 7.92 -33.31
N ARG D 436 -8.72 8.51 -34.05
CA ARG D 436 -9.16 9.24 -35.25
C ARG D 436 -9.73 8.26 -36.25
N GLY D 437 -10.80 8.67 -36.91
CA GLY D 437 -11.47 7.82 -37.88
C GLY D 437 -11.50 8.42 -39.25
N ARG D 438 -11.86 7.61 -40.23
CA ARG D 438 -11.90 8.02 -41.63
C ARG D 438 -13.04 9.00 -41.87
N GLY D 439 -14.12 8.85 -41.10
CA GLY D 439 -15.28 9.73 -41.24
C GLY D 439 -16.04 9.56 -42.55
N GLY D 440 -15.92 8.39 -43.18
CA GLY D 440 -16.66 8.12 -44.42
C GLY D 440 -15.94 8.33 -45.75
N PHE D 441 -14.79 8.99 -45.75
CA PHE D 441 -14.07 9.23 -47.01
C PHE D 441 -12.58 9.45 -46.80
#